data_6PV8
#
_entry.id   6PV8
#
loop_
_entity.id
_entity.type
_entity.pdbx_description
1 polymer 'Fusion protein of Neuronal acetylcholine receptor subunit alpha-3 and Soluble cytochrome b562'
2 polymer 'Fusion protein of Neuronal acetylcholine receptor subunit beta-4 and Soluble cytochrome b562'
3 polymer 'IgG2b Fab heavy chain'
4 polymer 'Kappa Fab light chain'
5 branched 2-acetamido-2-deoxy-beta-D-glucopyranose-(1-4)-2-acetamido-2-deoxy-beta-D-glucopyranose
6 branched alpha-D-mannopyranose-(1-3)-[alpha-D-mannopyranose-(1-6)]beta-D-mannopyranose-(1-4)-2-acetamido-2-deoxy-beta-D-glucopyranose-(1-4)-2-acetamido-2-deoxy-beta-D-glucopyranose
7 branched beta-D-mannopyranose-(1-4)-2-acetamido-2-deoxy-beta-D-glucopyranose-(1-4)-2-acetamido-2-deoxy-beta-D-glucopyranose
8 non-polymer (3-endo)-N-(2-bromophenyl)-9-methyl-9-azabicyclo[3.3.1]nonan-3-amine
9 non-polymer 'CHOLESTEROL HEMISUCCINATE'
10 non-polymer 2-acetamido-2-deoxy-beta-D-glucopyranose
11 non-polymer 'SODIUM ION'
12 water water
#
loop_
_entity_poly.entity_id
_entity_poly.type
_entity_poly.pdbx_seq_one_letter_code
_entity_poly.pdbx_strand_id
1 'polypeptide(L)'
;SEAEHRLFERLFEDYNEIIRPVANVSDPVIIHFEVSMSQLVKVDEVNQIMETNLWLKQIWNDYKLKWNPSDYGGAEFMRV
PAQKIWKPDIVLYNNAVGDFQVDDKTKALLKYTGEVTWIPPAIFKSSCKIDVTYFPFDYQNCTMKFGSWSYDKAKIDLVL
IGSSMNLKDYWESGEWAIIKAPGYKHDIKYNCCEEIYPDITYSLYIRRLPLFYTINLIIPCLLISFLTVLVFYLPSDCGE
KVTLCISVLLSLTVFLLVITETIPSTSLVIPLIGEYLLFTMIFVTLSIVITVFVLNVHYRTPTTHTMPSWVKTVFLNLLP
RVMFMTRPTSNEGNAQKPRPLYGAELSADLEDNWETLNDNLKVIEKADNAAQVKDALTKMRAAALDAQKATPPKLEDKSP
DSPEMKDFRHGFDILVGQIDDALKLANEGKVKEAQAAAEQLKTTRNAYIQKYLLSALSPEIKEAIQSVKYIAENMKAQNE
AKEIQDDWKYVAMVIDRIFLWVFTLVCILGTAGLFLQPLMAREDA
;
A,D
2 'polypeptide(L)'
;RVANAEEKLMDDLLNKTRYNNLIRPATSSSQLISIKLQLSLAQLISVNEREQIMTTNVWLKQEWTDYRLTWNSSRYEGVN
ILRIPAKRIWLPDIVLYNNADGTYEVSVYTNLIVRSNGSVLWLPPAIYKSACKIEVKYFPFDQQNCTLKFRSWTYDHTEI
DMVLMTPTASMDDFTPSGEWDIVALPGRRTVNPQDPSYVDVTYDFIIKRKPLFYTINLIIPCVLTTLLAILVFYLPSDCG
EKMTLCISVLLALTFFLLLISKIVPPTSLDVPLIGKYLMFTMVLVTFSIVTSVCVLNVHHRSPSTHTMAPWVKRCFLHKL
PTFLFMKRPGPDSSPARAFPADLEDNWETLNDNLKVIEKADNAAQVKDALTKMRAAALDAQKATPPKLEDKSPDSPEMKD
FRHGFDILVGQIDDALKLANEGKVKEAQAAAEQLKTTRNAYIQKYLSGRFRQDVQEALEGVSFIAQHMKNDDEDQSVVED
WKYVAMVVDRLFLWVFMFVCVLGTVGLFLPPLFQTHAASEGPYAAQRDSAWSHPQFEK
;
B,C,E
3 'polypeptide(L)'
;QVQLQQSGPELVRPGVSVKISCKGSGYTFTDYALYWVRQSHAKSLEWIGVINPYSGNTNYNQKFKGKATMTVDKSSSTAY
MELARLTSDDSAIYYCASGYDGYPYTMDYWGPGASVTVSSAKTTPPSVYPLAPGCGDTTGSSVTLGCLVKGYFPESVTVT
WNSGSLSSSVHTFPALLQSGLYTMSSSVTVPSSTWPSQTVTCSVAHPASSTTVDKKLEP
;
F,H
4 'polypeptide(L)'
;QIVLTQSPAIMSASPGEKVTMTCSASSSMTYMHWYQQKSGTSPKRWIYDTSQLASGVPARFRGSGSGTSFSLTISSMEAE
DAATYYCQQWSSNPLTFGGGTKLELKRADAAPTVSIFPPSSEQLTSGGASVVCFLNNFYPKDINVKWKIDGSERQNGVLN
SWTDQDSKDSTYSMSSTLTLTKDEYERHNSYTCEATHKTSTSPIVKSFNRNEC
;
G,I
#
# COMPACT_ATOMS: atom_id res chain seq x y z
N SER A 1 -5.63 38.42 -22.51
CA SER A 1 -5.21 39.55 -23.32
C SER A 1 -4.96 39.12 -24.76
N GLU A 2 -5.20 40.04 -25.70
CA GLU A 2 -4.90 39.76 -27.09
C GLU A 2 -3.41 39.75 -27.37
N ALA A 3 -2.66 40.65 -26.73
CA ALA A 3 -1.22 40.72 -26.96
C ALA A 3 -0.47 39.53 -26.38
N GLU A 4 -0.90 39.05 -25.20
CA GLU A 4 -0.28 37.86 -24.64
C GLU A 4 -0.63 36.61 -25.45
N HIS A 5 -1.83 36.58 -26.03
CA HIS A 5 -2.22 35.49 -26.92
C HIS A 5 -1.40 35.50 -28.20
N ARG A 6 -1.14 36.68 -28.75
CA ARG A 6 -0.31 36.79 -29.95
C ARG A 6 1.13 36.44 -29.66
N LEU A 7 1.64 36.79 -28.47
CA LEU A 7 2.99 36.40 -28.09
C LEU A 7 3.10 34.89 -27.90
N PHE A 8 2.08 34.25 -27.33
CA PHE A 8 2.12 32.80 -27.17
C PHE A 8 1.99 32.10 -28.52
N GLU A 9 1.25 32.70 -29.47
CA GLU A 9 1.14 32.11 -30.79
C GLU A 9 2.46 32.27 -31.57
N ARG A 10 3.14 33.40 -31.39
CA ARG A 10 4.40 33.64 -32.09
C ARG A 10 5.54 32.85 -31.47
N LEU A 11 5.43 32.54 -30.19
CA LEU A 11 6.56 31.99 -29.43
C LEU A 11 6.83 30.54 -29.79
N PHE A 12 5.78 29.78 -30.11
CA PHE A 12 5.89 28.33 -30.31
C PHE A 12 5.48 27.93 -31.72
N GLU A 13 5.76 28.78 -32.71
CA GLU A 13 5.49 28.41 -34.09
C GLU A 13 6.46 27.35 -34.59
N ASP A 14 7.75 27.50 -34.27
CA ASP A 14 8.75 26.47 -34.57
C ASP A 14 9.74 26.39 -33.42
N TYR A 15 9.70 25.29 -32.67
CA TYR A 15 10.56 25.14 -31.51
C TYR A 15 10.86 23.66 -31.33
N ASN A 16 12.04 23.23 -31.77
CA ASN A 16 12.52 21.88 -31.49
C ASN A 16 12.78 21.74 -30.00
N GLU A 17 11.97 20.93 -29.34
CA GLU A 17 12.02 20.72 -27.91
C GLU A 17 13.08 19.73 -27.47
N ILE A 18 13.96 19.28 -28.38
CA ILE A 18 14.95 18.27 -28.05
C ILE A 18 16.38 18.69 -28.36
N ILE A 19 16.60 19.91 -28.83
CA ILE A 19 17.96 20.42 -29.01
C ILE A 19 18.29 21.37 -27.87
N ARG A 20 19.57 21.35 -27.46
CA ARG A 20 20.02 22.17 -26.35
C ARG A 20 20.08 23.64 -26.75
N PRO A 21 19.64 24.55 -25.88
CA PRO A 21 19.29 25.91 -26.30
C PRO A 21 20.46 26.90 -26.17
N VAL A 22 21.54 26.63 -26.90
CA VAL A 22 22.68 27.52 -26.93
C VAL A 22 22.75 28.24 -28.27
N ALA A 23 23.27 29.45 -28.24
CA ALA A 23 23.54 30.20 -29.47
C ALA A 23 24.72 29.59 -30.22
N ASN A 24 25.82 29.34 -29.52
CA ASN A 24 27.01 28.74 -30.08
C ASN A 24 27.17 27.35 -29.51
N VAL A 25 27.60 26.41 -30.38
CA VAL A 25 27.48 24.99 -30.04
C VAL A 25 28.51 24.60 -28.98
N SER A 26 29.65 25.27 -28.94
CA SER A 26 30.73 24.96 -28.02
C SER A 26 30.59 25.70 -26.69
N ASP A 27 29.37 26.03 -26.30
CA ASP A 27 29.05 26.76 -25.09
C ASP A 27 28.10 25.93 -24.24
N PRO A 28 28.40 25.68 -22.97
CA PRO A 28 27.46 24.94 -22.13
C PRO A 28 26.33 25.80 -21.60
N VAL A 29 25.18 25.16 -21.37
CA VAL A 29 24.11 25.81 -20.60
C VAL A 29 24.52 25.83 -19.14
N ILE A 30 24.02 26.82 -18.41
CA ILE A 30 24.40 27.05 -17.02
C ILE A 30 23.13 26.98 -16.20
N ILE A 31 22.98 25.91 -15.43
CA ILE A 31 21.72 25.58 -14.75
C ILE A 31 21.91 25.87 -13.28
N HIS A 32 21.33 26.97 -12.81
CA HIS A 32 21.37 27.30 -11.39
C HIS A 32 20.42 26.36 -10.66
N PHE A 33 20.94 25.62 -9.69
CA PHE A 33 20.22 24.48 -9.13
C PHE A 33 20.06 24.68 -7.64
N GLU A 34 18.86 24.40 -7.13
CA GLU A 34 18.56 24.58 -5.72
C GLU A 34 17.47 23.59 -5.35
N VAL A 35 17.55 23.04 -4.13
CA VAL A 35 16.53 22.12 -3.64
C VAL A 35 15.96 22.68 -2.34
N SER A 36 14.65 22.52 -2.18
CA SER A 36 13.91 22.96 -1.00
C SER A 36 13.16 21.77 -0.44
N MET A 37 13.00 21.74 0.87
CA MET A 37 12.38 20.60 1.53
C MET A 37 11.07 21.04 2.15
N SER A 38 9.99 20.35 1.79
CA SER A 38 8.71 20.57 2.43
C SER A 38 8.63 19.87 3.78
N GLN A 39 8.83 18.54 3.80
CA GLN A 39 8.89 17.83 5.07
C GLN A 39 9.79 16.61 4.91
N LEU A 40 10.17 16.04 6.05
CA LEU A 40 10.94 14.81 6.12
C LEU A 40 9.97 13.71 6.55
N VAL A 41 9.51 12.91 5.58
CA VAL A 41 8.35 12.05 5.79
C VAL A 41 8.67 10.92 6.77
N LYS A 42 9.62 10.05 6.42
CA LYS A 42 10.12 9.04 7.34
C LYS A 42 11.50 8.60 6.92
N VAL A 43 12.27 8.11 7.88
CA VAL A 43 13.52 7.40 7.63
C VAL A 43 13.38 5.98 8.18
N ASP A 44 13.28 5.00 7.29
CA ASP A 44 13.11 3.61 7.66
C ASP A 44 14.44 3.04 8.14
N GLU A 45 14.54 2.73 9.43
CA GLU A 45 15.80 2.17 9.93
C GLU A 45 16.02 0.75 9.45
N VAL A 46 14.95 -0.04 9.31
CA VAL A 46 15.09 -1.44 8.94
C VAL A 46 15.49 -1.59 7.47
N ASN A 47 14.82 -0.84 6.58
CA ASN A 47 15.04 -0.98 5.11
C ASN A 47 16.14 -0.06 4.54
N GLN A 48 16.70 0.83 5.38
CA GLN A 48 17.73 1.80 4.98
C GLN A 48 17.31 2.60 3.76
N ILE A 49 16.21 3.33 3.92
CA ILE A 49 15.61 4.10 2.85
C ILE A 49 15.09 5.39 3.49
N MET A 50 14.82 6.39 2.66
CA MET A 50 14.55 7.73 3.18
C MET A 50 13.60 8.45 2.25
N GLU A 51 12.40 8.77 2.72
CA GLU A 51 11.37 9.38 1.90
C GLU A 51 11.29 10.87 2.20
N THR A 52 11.49 11.71 1.18
CA THR A 52 11.47 13.16 1.31
C THR A 52 10.55 13.77 0.26
N ASN A 53 10.02 14.95 0.58
CA ASN A 53 9.22 15.75 -0.35
C ASN A 53 10.05 16.98 -0.73
N LEU A 54 10.47 17.07 -1.99
CA LEU A 54 11.43 18.09 -2.39
C LEU A 54 10.92 18.89 -3.56
N TRP A 55 11.22 20.19 -3.55
CA TRP A 55 11.02 21.09 -4.67
C TRP A 55 12.36 21.34 -5.33
N LEU A 56 12.44 21.17 -6.64
CA LEU A 56 13.71 21.19 -7.36
C LEU A 56 13.78 22.46 -8.19
N LYS A 57 14.22 23.55 -7.57
CA LYS A 57 14.31 24.83 -8.26
C LYS A 57 15.44 24.81 -9.27
N GLN A 58 15.12 24.98 -10.55
CA GLN A 58 16.11 24.95 -11.62
C GLN A 58 15.94 26.18 -12.49
N ILE A 59 17.02 26.95 -12.64
CA ILE A 59 17.01 28.18 -13.43
C ILE A 59 18.10 28.07 -14.48
N TRP A 60 17.72 28.22 -15.74
CA TRP A 60 18.70 28.24 -16.82
C TRP A 60 18.27 29.33 -17.79
N ASN A 61 18.96 29.42 -18.92
CA ASN A 61 18.72 30.52 -19.86
C ASN A 61 18.51 29.93 -21.25
N ASP A 62 17.74 30.66 -22.07
CA ASP A 62 17.35 30.18 -23.38
C ASP A 62 17.37 31.35 -24.36
N TYR A 63 18.08 31.17 -25.47
CA TYR A 63 18.27 32.25 -26.42
C TYR A 63 17.06 32.46 -27.32
N LYS A 64 16.20 31.46 -27.47
CA LYS A 64 15.13 31.51 -28.45
C LYS A 64 13.80 31.99 -27.86
N LEU A 65 13.66 32.03 -26.54
CA LEU A 65 12.40 32.40 -25.90
C LEU A 65 12.45 33.80 -25.28
N LYS A 66 13.06 34.77 -25.98
CA LYS A 66 13.09 36.14 -25.50
C LYS A 66 12.30 37.05 -26.42
N TRP A 67 11.63 38.04 -25.83
CA TRP A 67 10.75 38.96 -26.55
C TRP A 67 10.92 40.37 -25.98
N ASN A 68 10.22 41.33 -26.59
CA ASN A 68 10.25 42.75 -26.23
C ASN A 68 9.01 43.11 -25.44
N PRO A 69 9.13 43.67 -24.23
CA PRO A 69 7.93 44.04 -23.47
C PRO A 69 7.21 45.26 -24.00
N SER A 70 7.91 46.21 -24.62
CA SER A 70 7.26 47.43 -25.08
C SER A 70 6.41 47.20 -26.32
N ASP A 71 6.61 46.09 -27.02
CA ASP A 71 5.85 45.78 -28.23
C ASP A 71 4.73 44.78 -28.00
N TYR A 72 4.74 44.05 -26.90
CA TYR A 72 3.71 43.06 -26.60
C TYR A 72 3.01 43.43 -25.29
N GLY A 73 2.09 44.39 -25.38
CA GLY A 73 1.17 44.79 -24.33
C GLY A 73 1.67 45.11 -22.94
N GLY A 74 2.99 45.26 -22.76
CA GLY A 74 3.52 45.37 -21.42
C GLY A 74 3.72 44.06 -20.69
N ALA A 75 3.62 42.93 -21.37
CA ALA A 75 3.75 41.63 -20.73
C ALA A 75 5.21 41.35 -20.40
N GLU A 76 5.44 40.82 -19.18
CA GLU A 76 6.79 40.49 -18.76
C GLU A 76 6.96 39.06 -18.29
N PHE A 77 5.87 38.34 -18.02
CA PHE A 77 5.95 36.96 -17.55
C PHE A 77 4.98 36.11 -18.35
N MET A 78 5.43 34.93 -18.77
CA MET A 78 4.56 33.97 -19.42
C MET A 78 4.65 32.63 -18.72
N ARG A 79 3.54 31.91 -18.69
CA ARG A 79 3.50 30.52 -18.24
C ARG A 79 3.35 29.60 -19.44
N VAL A 80 4.25 28.64 -19.56
CA VAL A 80 4.21 27.67 -20.67
C VAL A 80 4.17 26.29 -20.03
N PRO A 81 3.64 25.27 -20.70
CA PRO A 81 3.74 23.91 -20.15
C PRO A 81 5.16 23.40 -20.18
N ALA A 82 5.46 22.49 -19.24
CA ALA A 82 6.79 21.90 -19.21
C ALA A 82 7.03 20.92 -20.36
N GLN A 83 5.97 20.47 -21.03
CA GLN A 83 6.13 19.50 -22.10
C GLN A 83 6.61 20.16 -23.40
N LYS A 84 6.28 21.43 -23.62
CA LYS A 84 6.60 22.05 -24.91
C LYS A 84 8.04 22.57 -24.97
N ILE A 85 8.59 23.01 -23.86
CA ILE A 85 9.91 23.62 -23.86
C ILE A 85 10.97 22.55 -23.61
N TRP A 86 12.21 22.90 -23.89
CA TRP A 86 13.34 22.06 -23.50
C TRP A 86 13.57 22.19 -22.00
N LYS A 87 13.96 21.07 -21.38
CA LYS A 87 14.21 21.07 -19.95
C LYS A 87 15.23 19.99 -19.63
N PRO A 88 16.15 20.23 -18.70
CA PRO A 88 17.21 19.27 -18.44
C PRO A 88 16.67 18.05 -17.72
N ASP A 89 17.55 17.07 -17.55
CA ASP A 89 17.21 15.83 -16.86
C ASP A 89 18.11 15.64 -15.64
N ILE A 90 17.74 16.28 -14.54
CA ILE A 90 18.48 16.11 -13.28
C ILE A 90 17.95 14.87 -12.58
N VAL A 91 18.81 13.87 -12.43
CA VAL A 91 18.45 12.54 -11.96
C VAL A 91 19.36 12.18 -10.79
N LEU A 92 18.79 11.78 -9.66
CA LEU A 92 19.61 11.38 -8.52
C LEU A 92 20.11 9.96 -8.71
N TYR A 93 21.38 9.74 -8.39
CA TYR A 93 22.00 8.46 -8.74
C TYR A 93 21.62 7.36 -7.75
N ASN A 94 21.71 7.66 -6.45
CA ASN A 94 21.41 6.67 -5.41
C ASN A 94 19.91 6.68 -5.07
N ASN A 95 19.14 6.14 -5.99
CA ASN A 95 17.70 5.95 -5.82
C ASN A 95 17.43 4.48 -5.55
N ALA A 96 16.28 4.18 -4.95
CA ALA A 96 16.04 2.81 -4.51
C ALA A 96 14.67 2.24 -4.83
N VAL A 97 13.68 3.02 -5.24
CA VAL A 97 12.36 2.48 -5.58
C VAL A 97 11.88 3.16 -6.85
N GLY A 98 11.58 2.35 -7.87
CA GLY A 98 10.77 2.80 -8.98
C GLY A 98 11.52 3.56 -10.06
N ASP A 99 10.77 4.37 -10.79
CA ASP A 99 11.29 5.17 -11.89
C ASP A 99 12.11 6.35 -11.35
N PHE A 100 12.85 6.98 -12.25
CA PHE A 100 13.72 8.09 -11.88
C PHE A 100 13.21 9.46 -12.30
N GLN A 101 12.44 9.54 -13.39
CA GLN A 101 11.97 10.84 -13.87
C GLN A 101 10.85 11.40 -13.00
N VAL A 102 10.82 12.73 -12.95
CA VAL A 102 9.76 13.50 -12.31
C VAL A 102 8.69 13.80 -13.35
N ASP A 103 7.43 13.82 -12.91
CA ASP A 103 6.34 14.03 -13.85
C ASP A 103 6.30 15.49 -14.30
N ASP A 104 5.54 15.75 -15.36
CA ASP A 104 5.43 17.09 -15.93
C ASP A 104 3.96 17.51 -16.07
N LYS A 105 3.40 18.00 -14.97
CA LYS A 105 2.13 18.71 -14.97
C LYS A 105 2.27 20.18 -14.62
N THR A 106 3.42 20.58 -14.06
CA THR A 106 3.61 21.96 -13.65
C THR A 106 3.96 22.84 -14.85
N LYS A 107 4.10 24.13 -14.58
CA LYS A 107 4.30 25.14 -15.61
C LYS A 107 5.56 25.95 -15.33
N ALA A 108 6.29 26.26 -16.38
CA ALA A 108 7.50 27.05 -16.25
C ALA A 108 7.14 28.53 -16.26
N LEU A 109 8.15 29.37 -16.05
CA LEU A 109 7.95 30.82 -15.93
C LEU A 109 8.99 31.52 -16.78
N LEU A 110 8.57 32.04 -17.94
CA LEU A 110 9.47 32.76 -18.82
C LEU A 110 9.51 34.23 -18.45
N LYS A 111 10.70 34.73 -18.16
CA LYS A 111 10.96 36.16 -18.09
C LYS A 111 11.44 36.62 -19.47
N TYR A 112 11.27 37.92 -19.76
CA TYR A 112 11.53 38.43 -21.10
C TYR A 112 13.01 38.41 -21.47
N THR A 113 13.92 38.24 -20.52
CA THR A 113 15.34 38.14 -20.84
C THR A 113 15.76 36.73 -21.22
N GLY A 114 14.83 35.78 -21.31
CA GLY A 114 15.14 34.41 -21.64
C GLY A 114 15.25 33.47 -20.46
N GLU A 115 15.20 34.01 -19.24
CA GLU A 115 15.40 33.23 -18.03
C GLU A 115 14.19 32.33 -17.80
N VAL A 116 14.44 31.03 -17.67
CA VAL A 116 13.38 30.04 -17.47
C VAL A 116 13.49 29.49 -16.05
N THR A 117 12.37 29.39 -15.36
CA THR A 117 12.32 28.94 -13.98
C THR A 117 11.33 27.79 -13.87
N TRP A 118 11.79 26.65 -13.38
CA TRP A 118 10.99 25.43 -13.36
C TRP A 118 11.05 24.82 -11.97
N ILE A 119 9.90 24.61 -11.35
CA ILE A 119 9.82 24.11 -9.98
C ILE A 119 8.99 22.84 -9.96
N PRO A 120 9.54 21.66 -10.20
CA PRO A 120 8.75 20.44 -10.04
C PRO A 120 8.80 19.92 -8.62
N PRO A 121 7.69 19.40 -8.11
CA PRO A 121 7.72 18.66 -6.85
C PRO A 121 7.93 17.18 -7.10
N ALA A 122 8.53 16.51 -6.12
CA ALA A 122 8.83 15.10 -6.30
C ALA A 122 8.97 14.43 -4.94
N ILE A 123 8.68 13.14 -4.90
CA ILE A 123 9.06 12.27 -3.81
C ILE A 123 10.34 11.56 -4.19
N PHE A 124 11.20 11.31 -3.19
CA PHE A 124 12.45 10.62 -3.45
C PHE A 124 12.71 9.57 -2.39
N LYS A 125 13.09 8.38 -2.84
CA LYS A 125 13.50 7.28 -1.96
C LYS A 125 15.02 7.17 -2.07
N SER A 126 15.72 7.97 -1.27
CA SER A 126 17.17 7.84 -1.22
C SER A 126 17.56 6.58 -0.44
N SER A 127 18.83 6.20 -0.55
CA SER A 127 19.31 4.94 0.02
C SER A 127 20.53 5.19 0.89
N CYS A 128 20.43 6.14 1.82
CA CYS A 128 21.54 6.41 2.71
C CYS A 128 21.74 5.29 3.71
N LYS A 129 22.99 5.06 4.06
CA LYS A 129 23.29 4.06 5.08
C LYS A 129 23.27 4.73 6.44
N ILE A 130 22.86 3.98 7.45
CA ILE A 130 22.73 4.50 8.80
C ILE A 130 23.57 3.64 9.73
N ASP A 131 24.04 4.25 10.81
CA ASP A 131 24.70 3.51 11.87
C ASP A 131 23.88 3.61 13.14
N VAL A 132 23.61 2.47 13.75
CA VAL A 132 22.77 2.42 14.96
C VAL A 132 23.62 1.90 16.09
N THR A 133 24.92 2.22 16.05
CA THR A 133 25.84 1.82 17.12
C THR A 133 25.53 2.55 18.42
N TYR A 134 24.91 3.74 18.34
CA TYR A 134 24.38 4.44 19.49
C TYR A 134 22.87 4.50 19.30
N PHE A 135 22.12 4.25 20.36
CA PHE A 135 20.67 4.25 20.22
C PHE A 135 19.97 4.51 21.56
N PRO A 136 19.08 5.51 21.66
CA PRO A 136 18.65 6.45 20.63
C PRO A 136 19.41 7.78 20.64
N PHE A 137 20.61 7.82 21.21
CA PHE A 137 21.36 9.07 21.36
C PHE A 137 22.28 9.32 20.18
N ASP A 138 21.77 9.24 18.95
CA ASP A 138 22.63 9.18 17.78
C ASP A 138 22.41 10.34 16.82
N TYR A 139 23.47 10.67 16.09
CA TYR A 139 23.44 11.61 14.98
C TYR A 139 23.64 10.81 13.71
N GLN A 140 22.86 11.10 12.69
CA GLN A 140 22.95 10.35 11.44
C GLN A 140 23.13 11.30 10.27
N ASN A 141 23.80 10.77 9.25
CA ASN A 141 24.23 11.54 8.09
C ASN A 141 23.72 10.82 6.85
N CYS A 142 22.95 11.54 6.03
CA CYS A 142 22.37 10.95 4.83
C CYS A 142 22.52 11.89 3.65
N THR A 143 22.90 11.31 2.52
CA THR A 143 23.32 12.07 1.35
C THR A 143 22.35 11.87 0.19
N MET A 144 22.27 12.89 -0.65
CA MET A 144 21.52 12.84 -1.89
C MET A 144 22.43 13.39 -2.98
N LYS A 145 22.42 12.76 -4.14
CA LYS A 145 23.45 12.98 -5.15
C LYS A 145 22.79 13.30 -6.49
N PHE A 146 22.46 14.57 -6.71
CA PHE A 146 21.80 15.01 -7.93
C PHE A 146 22.83 15.28 -9.02
N GLY A 147 22.38 15.18 -10.27
CA GLY A 147 23.26 15.47 -11.39
C GLY A 147 22.66 15.12 -12.73
N SER A 148 23.19 15.72 -13.80
CA SER A 148 22.70 15.42 -15.14
C SER A 148 23.14 14.03 -15.57
N TRP A 149 22.21 13.30 -16.19
CA TRP A 149 22.48 11.91 -16.52
C TRP A 149 23.31 11.77 -17.80
N SER A 150 23.10 12.63 -18.79
CA SER A 150 23.71 12.44 -20.10
C SER A 150 24.75 13.48 -20.46
N TYR A 151 24.47 14.75 -20.22
CA TYR A 151 25.31 15.83 -20.72
C TYR A 151 26.57 15.94 -19.88
N ASP A 152 27.64 16.42 -20.53
CA ASP A 152 28.97 16.45 -19.94
C ASP A 152 29.11 17.63 -18.99
N LYS A 153 30.35 17.92 -18.59
CA LYS A 153 30.65 19.16 -17.91
C LYS A 153 30.81 20.31 -18.90
N ALA A 154 31.12 20.01 -20.14
CA ALA A 154 31.26 21.00 -21.21
C ALA A 154 29.96 21.29 -21.93
N LYS A 155 28.84 20.73 -21.49
CA LYS A 155 27.55 20.98 -22.12
C LYS A 155 26.51 21.38 -21.08
N ILE A 156 26.64 20.87 -19.86
CA ILE A 156 25.94 21.42 -18.70
C ILE A 156 26.98 21.75 -17.65
N ASP A 157 26.99 22.99 -17.18
CA ASP A 157 27.74 23.38 -16.01
C ASP A 157 26.74 23.71 -14.92
N LEU A 158 26.79 22.96 -13.82
CA LEU A 158 25.88 23.18 -12.71
C LEU A 158 26.47 24.22 -11.76
N VAL A 159 25.61 25.06 -11.21
CA VAL A 159 25.99 26.11 -10.26
C VAL A 159 24.97 26.07 -9.14
N LEU A 160 25.44 26.01 -7.90
CA LEU A 160 24.52 26.14 -6.77
C LEU A 160 24.10 27.60 -6.61
N ILE A 161 22.85 27.79 -6.21
CA ILE A 161 22.37 29.15 -5.94
C ILE A 161 22.83 29.63 -4.59
N GLY A 162 22.48 28.91 -3.54
CA GLY A 162 22.93 29.24 -2.20
C GLY A 162 24.15 28.43 -1.80
N SER A 163 24.20 28.08 -0.52
CA SER A 163 25.22 27.18 0.00
C SER A 163 24.61 26.07 0.86
N SER A 164 23.29 26.00 0.94
CA SER A 164 22.62 25.01 1.75
C SER A 164 21.24 24.76 1.17
N MET A 165 20.60 23.70 1.65
CA MET A 165 19.23 23.42 1.26
C MET A 165 18.29 24.40 1.95
N ASN A 166 17.24 24.82 1.23
CA ASN A 166 16.27 25.72 1.82
C ASN A 166 15.40 24.99 2.84
N LEU A 167 15.34 25.53 4.04
CA LEU A 167 14.45 25.06 5.09
C LEU A 167 13.48 26.17 5.46
N LYS A 168 13.08 26.95 4.47
CA LYS A 168 12.17 28.06 4.69
C LYS A 168 10.71 27.62 4.70
N ASP A 169 10.35 26.68 3.84
CA ASP A 169 9.01 26.09 3.81
C ASP A 169 8.97 24.73 4.48
N TYR A 170 9.87 24.50 5.43
CA TYR A 170 10.02 23.20 6.07
C TYR A 170 8.87 22.97 7.06
N TRP A 171 8.00 22.01 6.74
CA TRP A 171 7.04 21.52 7.71
C TRP A 171 7.80 20.74 8.78
N GLU A 172 7.55 21.09 10.04
CA GLU A 172 8.27 20.47 11.20
C GLU A 172 7.95 18.97 11.26
N SER A 173 8.91 18.17 11.71
CA SER A 173 8.72 16.73 11.79
C SER A 173 8.16 16.28 13.13
N GLY A 174 8.83 16.65 14.22
CA GLY A 174 8.45 16.18 15.54
C GLY A 174 9.21 14.97 16.01
N GLU A 175 10.03 14.37 15.17
CA GLU A 175 10.83 13.20 15.52
C GLU A 175 12.30 13.40 15.20
N TRP A 176 12.63 14.08 14.11
CA TRP A 176 14.00 14.32 13.71
C TRP A 176 14.20 15.82 13.59
N ALA A 177 15.29 16.33 14.15
CA ALA A 177 15.60 17.75 14.07
C ALA A 177 16.81 17.95 13.16
N ILE A 178 16.65 18.82 12.17
CA ILE A 178 17.73 19.08 11.22
C ILE A 178 18.69 20.10 11.82
N ILE A 179 19.97 19.76 11.87
CA ILE A 179 20.99 20.67 12.35
C ILE A 179 21.52 21.51 11.19
N LYS A 180 21.99 20.86 10.13
CA LYS A 180 22.53 21.56 8.99
C LYS A 180 22.45 20.65 7.77
N ALA A 181 22.34 21.26 6.59
CA ALA A 181 22.24 20.55 5.33
C ALA A 181 23.00 21.32 4.24
N PRO A 182 24.32 21.11 4.13
CA PRO A 182 25.10 21.81 3.11
C PRO A 182 25.08 21.08 1.77
N GLY A 183 25.57 21.79 0.75
CA GLY A 183 25.65 21.24 -0.59
C GLY A 183 26.96 21.55 -1.30
N TYR A 184 27.56 20.55 -1.95
CA TYR A 184 28.92 20.64 -2.44
C TYR A 184 28.99 20.14 -3.88
N LYS A 185 29.66 20.91 -4.73
CA LYS A 185 29.82 20.58 -6.14
C LYS A 185 31.12 19.84 -6.41
N HIS A 186 31.03 18.72 -7.12
CA HIS A 186 32.20 17.92 -7.52
C HIS A 186 32.24 17.72 -9.02
N ASP A 187 33.44 17.43 -9.53
CA ASP A 187 33.66 17.13 -10.94
C ASP A 187 34.43 15.83 -11.01
N ILE A 188 33.73 14.72 -11.19
CA ILE A 188 34.32 13.40 -11.04
C ILE A 188 34.31 12.69 -12.39
N LYS A 189 35.14 11.65 -12.50
CA LYS A 189 35.32 10.93 -13.76
C LYS A 189 35.10 9.45 -13.50
N TYR A 190 34.15 8.87 -14.25
CA TYR A 190 33.76 7.48 -14.13
C TYR A 190 34.59 6.59 -15.04
N ASN A 191 34.59 5.29 -14.74
CA ASN A 191 35.38 4.33 -15.50
C ASN A 191 34.68 3.78 -16.75
N CYS A 192 33.40 4.09 -16.97
CA CYS A 192 32.79 3.79 -18.26
C CYS A 192 33.37 4.67 -19.36
N CYS A 193 33.48 5.95 -19.07
CA CYS A 193 33.41 6.99 -20.08
C CYS A 193 34.59 7.94 -19.94
N GLU A 194 35.03 8.51 -21.06
CA GLU A 194 36.29 9.23 -21.12
C GLU A 194 36.15 10.72 -20.81
N GLU A 195 34.99 11.15 -20.30
CA GLU A 195 34.70 12.56 -20.11
C GLU A 195 34.22 12.81 -18.69
N ILE A 196 34.26 14.07 -18.27
CA ILE A 196 34.01 14.47 -16.89
C ILE A 196 32.54 14.84 -16.74
N TYR A 197 31.88 14.28 -15.72
CA TYR A 197 30.49 14.57 -15.42
C TYR A 197 30.36 15.29 -14.09
N PRO A 198 29.59 16.37 -14.02
CA PRO A 198 29.38 17.08 -12.76
C PRO A 198 28.16 16.59 -11.99
N ASP A 199 28.18 16.86 -10.68
CA ASP A 199 27.08 16.50 -9.81
C ASP A 199 27.07 17.41 -8.60
N ILE A 200 25.94 17.41 -7.89
CA ILE A 200 25.73 18.24 -6.72
C ILE A 200 25.23 17.34 -5.59
N THR A 201 25.92 17.35 -4.47
CA THR A 201 25.62 16.45 -3.36
C THR A 201 25.14 17.24 -2.16
N TYR A 202 23.96 16.90 -1.67
CA TYR A 202 23.41 17.46 -0.44
C TYR A 202 23.55 16.44 0.68
N SER A 203 23.73 16.94 1.90
CA SER A 203 24.09 16.09 3.04
C SER A 203 23.27 16.50 4.26
N LEU A 204 22.13 15.85 4.46
CA LEU A 204 21.33 16.08 5.66
C LEU A 204 22.02 15.50 6.89
N TYR A 205 22.05 16.27 7.97
CA TYR A 205 22.64 15.86 9.23
C TYR A 205 21.57 15.99 10.30
N ILE A 206 20.90 14.89 10.62
CA ILE A 206 19.73 14.90 11.48
C ILE A 206 20.06 14.25 12.82
N ARG A 207 19.22 14.51 13.81
CA ARG A 207 19.34 13.84 15.10
C ARG A 207 17.97 13.37 15.58
N ARG A 208 17.95 12.20 16.18
CA ARG A 208 16.73 11.69 16.79
C ARG A 208 16.50 12.40 18.12
N LEU A 209 15.25 12.80 18.37
CA LEU A 209 14.85 13.31 19.67
C LEU A 209 14.55 12.13 20.57
N PRO A 210 15.35 11.89 21.60
CA PRO A 210 15.24 10.59 22.30
C PRO A 210 14.33 10.65 23.54
N LEU A 211 13.03 10.74 23.32
CA LEU A 211 12.10 10.64 24.43
C LEU A 211 11.03 9.58 24.26
N PHE A 212 10.64 9.25 23.03
CA PHE A 212 9.67 8.18 22.84
C PHE A 212 10.24 6.80 23.11
N TYR A 213 11.54 6.60 22.87
CA TYR A 213 12.14 5.28 23.04
C TYR A 213 12.79 5.08 24.39
N THR A 214 13.28 6.14 25.03
CA THR A 214 13.86 5.99 26.35
C THR A 214 12.80 5.85 27.43
N ILE A 215 11.53 6.10 27.11
CA ILE A 215 10.45 5.90 28.08
C ILE A 215 9.68 4.61 27.81
N ASN A 216 9.92 3.95 26.67
CA ASN A 216 9.19 2.74 26.30
C ASN A 216 10.07 1.56 25.95
N LEU A 217 11.38 1.73 25.81
CA LEU A 217 12.27 0.63 25.44
C LEU A 217 13.55 0.55 26.26
N ILE A 218 13.99 1.62 26.92
CA ILE A 218 15.26 1.63 27.64
C ILE A 218 15.07 1.52 29.15
N ILE A 219 14.14 2.29 29.72
CA ILE A 219 13.85 2.22 31.15
C ILE A 219 13.25 0.86 31.55
N PRO A 220 12.30 0.24 30.83
CA PRO A 220 11.92 -1.13 31.22
C PRO A 220 13.04 -2.14 31.01
N CYS A 221 13.85 -1.98 29.97
CA CYS A 221 14.98 -2.87 29.73
C CYS A 221 16.02 -2.78 30.83
N LEU A 222 16.39 -1.57 31.22
CA LEU A 222 17.35 -1.39 32.31
C LEU A 222 16.75 -1.85 33.64
N LEU A 223 15.44 -1.64 33.80
CA LEU A 223 14.76 -1.95 35.05
C LEU A 223 14.61 -3.45 35.23
N ILE A 224 14.54 -4.23 34.15
CA ILE A 224 14.58 -5.67 34.30
C ILE A 224 15.99 -6.24 34.22
N SER A 225 16.95 -5.50 33.65
CA SER A 225 18.32 -6.01 33.71
C SER A 225 18.96 -5.77 35.06
N PHE A 226 18.40 -4.87 35.87
CA PHE A 226 18.81 -4.74 37.27
C PHE A 226 18.11 -5.74 38.20
N LEU A 227 17.51 -6.80 37.65
CA LEU A 227 16.86 -7.85 38.43
C LEU A 227 17.56 -9.19 38.30
N THR A 228 18.64 -9.28 37.53
CA THR A 228 19.34 -10.54 37.35
C THR A 228 20.28 -10.87 38.50
N VAL A 229 20.55 -9.90 39.38
CA VAL A 229 21.41 -10.12 40.54
C VAL A 229 20.61 -10.24 41.82
N LEU A 230 19.32 -9.92 41.79
CA LEU A 230 18.44 -9.94 42.95
C LEU A 230 17.97 -11.34 43.32
N VAL A 231 18.34 -12.36 42.54
CA VAL A 231 17.92 -13.72 42.82
C VAL A 231 18.64 -14.27 44.05
N PHE A 232 19.91 -13.92 44.21
CA PHE A 232 20.79 -14.59 45.16
C PHE A 232 20.57 -14.17 46.61
N TYR A 233 19.69 -13.21 46.87
CA TYR A 233 19.32 -12.89 48.24
C TYR A 233 18.02 -13.56 48.65
N LEU A 234 17.37 -14.25 47.73
CA LEU A 234 16.14 -14.95 48.04
C LEU A 234 16.50 -16.33 48.62
N PRO A 235 16.16 -16.94 50.04
CA PRO A 235 16.50 -18.21 50.69
C PRO A 235 16.04 -19.40 49.87
N SER A 236 16.81 -20.48 49.96
CA SER A 236 16.49 -21.70 49.24
C SER A 236 15.39 -22.52 49.89
N ASP A 237 14.95 -22.14 51.10
CA ASP A 237 13.85 -22.84 51.75
C ASP A 237 12.54 -22.59 51.02
N CYS A 238 12.39 -21.40 50.45
CA CYS A 238 11.29 -21.14 49.53
C CYS A 238 11.55 -21.82 48.20
N GLY A 239 10.53 -21.86 47.36
CA GLY A 239 10.65 -22.55 46.09
C GLY A 239 10.54 -21.63 44.89
N GLU A 240 11.08 -20.42 44.99
CA GLU A 240 10.86 -19.42 43.90
C GLU A 240 12.17 -18.90 43.30
N LYS A 241 13.29 -19.58 43.54
CA LYS A 241 14.59 -19.13 42.97
C LYS A 241 14.56 -19.21 41.44
N VAL A 242 13.88 -20.22 40.88
CA VAL A 242 13.83 -20.46 39.41
C VAL A 242 12.86 -19.53 38.67
N THR A 243 11.59 -19.45 39.11
CA THR A 243 10.54 -18.69 38.43
C THR A 243 11.01 -17.28 38.09
N LEU A 244 11.73 -16.64 39.01
CA LEU A 244 12.24 -15.29 38.79
C LEU A 244 13.27 -15.27 37.66
N CYS A 245 14.19 -16.24 37.67
CA CYS A 245 15.22 -16.34 36.63
C CYS A 245 14.62 -16.63 35.27
N ILE A 246 13.68 -17.58 35.20
CA ILE A 246 12.99 -17.89 33.95
C ILE A 246 12.24 -16.68 33.42
N SER A 247 11.60 -15.92 34.31
CA SER A 247 10.82 -14.76 33.90
C SER A 247 11.73 -13.66 33.34
N VAL A 248 12.84 -13.38 34.02
CA VAL A 248 13.72 -12.32 33.51
C VAL A 248 14.45 -12.77 32.24
N LEU A 249 14.73 -14.07 32.11
CA LEU A 249 15.32 -14.59 30.88
C LEU A 249 14.37 -14.43 29.69
N LEU A 250 13.11 -14.82 29.87
CA LEU A 250 12.15 -14.70 28.79
C LEU A 250 11.82 -13.24 28.48
N SER A 251 11.85 -12.36 29.49
CA SER A 251 11.59 -10.95 29.22
C SER A 251 12.74 -10.30 28.47
N LEU A 252 13.99 -10.70 28.79
CA LEU A 252 15.12 -10.23 27.99
C LEU A 252 15.10 -10.80 26.58
N THR A 253 14.58 -12.02 26.40
CA THR A 253 14.42 -12.58 25.05
C THR A 253 13.40 -11.79 24.24
N VAL A 254 12.29 -11.38 24.89
CA VAL A 254 11.28 -10.58 24.19
C VAL A 254 11.83 -9.20 23.84
N PHE A 255 12.59 -8.58 24.74
CA PHE A 255 13.24 -7.31 24.40
C PHE A 255 14.30 -7.46 23.31
N LEU A 256 14.96 -8.61 23.24
CA LEU A 256 15.87 -8.88 22.14
C LEU A 256 15.12 -8.98 20.81
N LEU A 257 13.94 -9.60 20.83
CA LEU A 257 13.08 -9.61 19.64
C LEU A 257 12.67 -8.20 19.23
N VAL A 258 12.34 -7.35 20.20
CA VAL A 258 11.95 -5.97 19.90
C VAL A 258 13.11 -5.19 19.30
N ILE A 259 14.31 -5.38 19.86
CA ILE A 259 15.44 -4.60 19.36
C ILE A 259 15.95 -5.14 18.02
N THR A 260 15.79 -6.44 17.73
CA THR A 260 16.11 -6.88 16.37
C THR A 260 14.98 -6.62 15.40
N GLU A 261 13.80 -6.22 15.88
CA GLU A 261 12.77 -5.70 15.01
C GLU A 261 13.04 -4.25 14.64
N THR A 262 13.61 -3.46 15.56
CA THR A 262 13.75 -2.03 15.28
C THR A 262 14.98 -1.69 14.42
N ILE A 263 16.09 -2.39 14.61
CA ILE A 263 17.35 -1.97 13.98
C ILE A 263 17.53 -2.71 12.66
N PRO A 264 18.38 -2.25 11.74
CA PRO A 264 18.67 -3.04 10.54
C PRO A 264 19.59 -4.22 10.86
N SER A 265 19.86 -5.01 9.82
CA SER A 265 20.70 -6.20 9.93
C SER A 265 22.10 -5.96 9.37
N THR A 266 22.62 -4.76 9.55
CA THR A 266 23.96 -4.42 9.09
C THR A 266 25.00 -5.05 9.99
N SER A 267 25.89 -5.86 9.42
CA SER A 267 26.86 -6.60 10.20
C SER A 267 28.17 -5.84 10.37
N LEU A 268 28.19 -4.55 10.07
CA LEU A 268 29.40 -3.76 10.22
C LEU A 268 29.76 -3.60 11.69
N VAL A 269 28.90 -2.91 12.45
CA VAL A 269 29.09 -2.73 13.87
C VAL A 269 27.82 -3.16 14.60
N ILE A 270 27.96 -3.48 15.87
CA ILE A 270 26.83 -3.89 16.71
C ILE A 270 26.41 -2.75 17.63
N PRO A 271 25.13 -2.61 17.93
CA PRO A 271 24.70 -1.57 18.86
C PRO A 271 25.15 -1.87 20.28
N LEU A 272 25.28 -0.82 21.09
CA LEU A 272 25.60 -0.98 22.49
C LEU A 272 24.44 -1.59 23.27
N ILE A 273 23.20 -1.36 22.84
CA ILE A 273 22.06 -1.87 23.59
C ILE A 273 21.88 -3.36 23.34
N GLY A 274 22.12 -3.81 22.10
CA GLY A 274 22.08 -5.23 21.82
C GLY A 274 23.23 -6.00 22.45
N GLU A 275 24.41 -5.37 22.51
CA GLU A 275 25.53 -5.95 23.25
C GLU A 275 25.21 -6.06 24.74
N TYR A 276 24.55 -5.04 25.30
CA TYR A 276 24.17 -5.09 26.71
C TYR A 276 23.12 -6.16 26.98
N LEU A 277 22.17 -6.32 26.05
CA LEU A 277 21.17 -7.38 26.18
C LEU A 277 21.80 -8.77 26.10
N LEU A 278 22.74 -8.97 25.17
CA LEU A 278 23.42 -10.25 25.05
C LEU A 278 24.26 -10.54 26.30
N PHE A 279 24.94 -9.51 26.82
CA PHE A 279 25.71 -9.62 28.06
C PHE A 279 24.83 -10.06 29.22
N THR A 280 23.67 -9.41 29.38
CA THR A 280 22.78 -9.72 30.49
C THR A 280 22.13 -11.09 30.32
N MET A 281 21.86 -11.52 29.08
CA MET A 281 21.32 -12.86 28.85
C MET A 281 22.34 -13.94 29.18
N ILE A 282 23.61 -13.72 28.81
CA ILE A 282 24.66 -14.68 29.15
C ILE A 282 24.82 -14.80 30.67
N PHE A 283 24.84 -13.67 31.37
CA PHE A 283 25.02 -13.77 32.81
C PHE A 283 23.76 -14.24 33.54
N VAL A 284 22.56 -14.03 32.99
CA VAL A 284 21.40 -14.60 33.68
C VAL A 284 21.32 -16.10 33.43
N THR A 285 21.81 -16.59 32.28
CA THR A 285 21.87 -18.04 32.05
C THR A 285 22.91 -18.69 32.96
N LEU A 286 24.03 -18.00 33.18
CA LEU A 286 25.00 -18.49 34.15
C LEU A 286 24.43 -18.42 35.57
N SER A 287 23.53 -17.46 35.84
CA SER A 287 22.88 -17.42 37.14
C SER A 287 21.93 -18.60 37.34
N ILE A 288 21.26 -19.06 36.27
CA ILE A 288 20.38 -20.21 36.53
C ILE A 288 21.21 -21.48 36.65
N VAL A 289 22.36 -21.55 35.97
CA VAL A 289 23.18 -22.75 36.11
C VAL A 289 23.95 -22.73 37.44
N ILE A 290 24.05 -21.57 38.09
CA ILE A 290 24.54 -21.54 39.48
C ILE A 290 23.42 -21.89 40.46
N THR A 291 22.19 -21.38 40.23
CA THR A 291 21.14 -21.60 41.21
C THR A 291 20.63 -23.04 41.20
N VAL A 292 20.76 -23.77 40.08
CA VAL A 292 20.41 -25.18 40.12
C VAL A 292 21.44 -25.95 40.93
N PHE A 293 22.70 -25.50 40.92
CA PHE A 293 23.73 -26.14 41.71
C PHE A 293 23.54 -25.87 43.19
N VAL A 294 23.14 -24.65 43.55
CA VAL A 294 22.95 -24.37 44.97
C VAL A 294 21.65 -25.01 45.48
N LEU A 295 20.65 -25.20 44.61
CA LEU A 295 19.49 -25.99 45.02
C LEU A 295 19.81 -27.46 45.16
N ASN A 296 20.75 -27.99 44.38
CA ASN A 296 21.15 -29.38 44.58
C ASN A 296 21.99 -29.54 45.84
N VAL A 297 22.81 -28.52 46.17
CA VAL A 297 23.61 -28.57 47.39
C VAL A 297 22.74 -28.46 48.63
N HIS A 298 21.68 -27.63 48.55
CA HIS A 298 20.82 -27.39 49.71
C HIS A 298 20.03 -28.63 50.11
N TYR A 299 19.22 -29.17 49.20
CA TYR A 299 18.42 -30.36 49.50
C TYR A 299 19.31 -31.60 49.42
N ARG A 300 20.01 -31.88 50.51
CA ARG A 300 20.93 -33.01 50.57
C ARG A 300 21.05 -33.47 52.01
N THR A 301 20.87 -34.76 52.24
CA THR A 301 20.76 -35.34 53.57
C THR A 301 21.93 -36.28 53.83
N PRO A 302 22.30 -36.54 55.08
CA PRO A 302 23.37 -37.51 55.36
C PRO A 302 22.98 -38.97 55.11
N THR A 303 21.70 -39.27 54.91
CA THR A 303 21.30 -40.64 54.58
C THR A 303 21.47 -40.97 53.12
N THR A 304 21.81 -40.00 52.28
CA THR A 304 22.04 -40.22 50.86
C THR A 304 23.44 -39.83 50.41
N HIS A 305 24.10 -38.91 51.12
CA HIS A 305 25.41 -38.40 50.73
C HIS A 305 26.28 -38.26 51.96
N THR A 306 27.58 -38.45 51.77
CA THR A 306 28.58 -38.23 52.81
C THR A 306 29.25 -36.89 52.58
N MET A 307 29.40 -36.10 53.64
CA MET A 307 29.98 -34.78 53.48
C MET A 307 31.49 -34.89 53.53
N PRO A 308 32.22 -34.35 52.54
CA PRO A 308 33.68 -34.49 52.54
C PRO A 308 34.40 -33.71 53.63
N SER A 309 35.72 -33.82 53.66
CA SER A 309 36.53 -33.14 54.68
C SER A 309 37.02 -31.77 54.25
N TRP A 310 37.37 -31.61 52.97
CA TRP A 310 37.87 -30.31 52.52
C TRP A 310 36.77 -29.26 52.40
N VAL A 311 35.52 -29.69 52.32
CA VAL A 311 34.41 -28.75 52.29
C VAL A 311 34.09 -28.24 53.70
N LYS A 312 34.57 -28.95 54.73
CA LYS A 312 34.36 -28.50 56.11
C LYS A 312 35.23 -27.30 56.45
N THR A 313 36.38 -27.15 55.81
CA THR A 313 37.30 -26.06 56.09
C THR A 313 37.15 -24.86 55.16
N VAL A 314 36.84 -25.11 53.88
CA VAL A 314 36.81 -24.04 52.90
C VAL A 314 35.46 -23.34 52.90
N PHE A 315 34.40 -24.09 52.59
CA PHE A 315 33.06 -23.53 52.47
C PHE A 315 32.35 -23.34 53.81
N LEU A 316 33.02 -23.54 54.94
CA LEU A 316 32.37 -23.40 56.24
C LEU A 316 33.18 -22.63 57.27
N ASN A 317 34.50 -22.52 57.13
CA ASN A 317 35.34 -21.82 58.10
C ASN A 317 36.20 -20.72 57.47
N LEU A 318 36.71 -20.93 56.25
CA LEU A 318 37.61 -19.97 55.64
C LEU A 318 36.83 -18.78 55.08
N LEU A 319 35.73 -19.05 54.38
CA LEU A 319 34.94 -18.02 53.72
C LEU A 319 34.01 -17.20 54.64
N PRO A 320 33.27 -17.76 55.63
CA PRO A 320 32.43 -16.87 56.47
C PRO A 320 33.21 -15.87 57.33
N ARG A 321 34.50 -16.10 57.58
CA ARG A 321 35.32 -15.07 58.22
C ARG A 321 35.60 -13.92 57.27
N VAL A 322 35.62 -14.17 55.97
CA VAL A 322 35.84 -13.11 54.98
C VAL A 322 34.55 -12.36 54.69
N MET A 323 33.44 -13.09 54.50
CA MET A 323 32.19 -12.49 54.09
C MET A 323 31.42 -11.81 55.23
N PHE A 324 31.96 -11.86 56.45
CA PHE A 324 31.35 -11.34 57.69
C PHE A 324 29.97 -11.98 57.93
N MET A 325 30.00 -13.29 58.17
CA MET A 325 28.80 -14.04 58.54
C MET A 325 28.91 -14.60 59.95
N THR A 326 29.95 -15.37 60.23
CA THR A 326 30.34 -15.85 61.57
C THR A 326 29.24 -16.67 62.25
N ARG A 327 28.51 -17.45 61.45
CA ARG A 327 27.44 -18.37 61.87
C ARG A 327 26.35 -17.71 62.73
N ILE A 461 9.48 -55.14 82.88
CA ILE A 461 10.01 -54.31 83.95
C ILE A 461 11.27 -53.60 83.49
N LYS A 462 12.29 -54.38 83.13
CA LYS A 462 13.51 -53.83 82.56
C LYS A 462 13.30 -53.36 81.13
N GLU A 463 12.28 -53.90 80.45
CA GLU A 463 11.99 -53.55 79.06
C GLU A 463 11.57 -52.09 78.93
N ALA A 464 10.84 -51.56 79.91
CA ALA A 464 10.45 -50.16 79.86
C ALA A 464 11.65 -49.22 80.00
N ILE A 465 12.60 -49.58 80.86
CA ILE A 465 13.78 -48.74 81.04
C ILE A 465 14.69 -48.81 79.82
N GLN A 466 14.82 -50.01 79.22
CA GLN A 466 15.55 -50.13 77.96
C GLN A 466 14.84 -49.40 76.83
N SER A 467 13.51 -49.32 76.87
CA SER A 467 12.78 -48.58 75.85
C SER A 467 13.00 -47.07 76.00
N VAL A 468 13.08 -46.58 77.23
CA VAL A 468 13.40 -45.17 77.45
C VAL A 468 14.82 -44.86 76.99
N LYS A 469 15.75 -45.80 77.23
CA LYS A 469 17.11 -45.67 76.68
C LYS A 469 17.10 -45.63 75.15
N TYR A 470 16.27 -46.46 74.53
CA TYR A 470 16.15 -46.47 73.06
C TYR A 470 15.58 -45.16 72.54
N ILE A 471 14.59 -44.59 73.24
CA ILE A 471 14.01 -43.31 72.85
C ILE A 471 15.04 -42.19 72.94
N ALA A 472 15.83 -42.19 74.02
CA ALA A 472 16.88 -41.18 74.19
C ALA A 472 17.97 -41.29 73.12
N GLU A 473 18.35 -42.53 72.78
CA GLU A 473 19.38 -42.72 71.75
C GLU A 473 18.84 -42.33 70.37
N ASN A 474 17.57 -42.60 70.11
CA ASN A 474 16.95 -42.22 68.84
C ASN A 474 16.90 -40.70 68.70
N MET A 475 16.52 -40.00 69.78
CA MET A 475 16.47 -38.54 69.73
C MET A 475 17.86 -37.93 69.58
N LYS A 476 18.89 -38.55 70.19
CA LYS A 476 20.25 -38.04 70.01
C LYS A 476 20.72 -38.22 68.56
N ALA A 477 20.39 -39.36 67.94
CA ALA A 477 20.77 -39.60 66.55
C ALA A 477 20.03 -38.64 65.61
N GLN A 478 18.76 -38.37 65.91
CA GLN A 478 17.98 -37.44 65.10
C GLN A 478 18.50 -36.02 65.23
N ASN A 479 18.95 -35.64 66.43
CA ASN A 479 19.57 -34.33 66.64
C ASN A 479 20.85 -34.19 65.83
N GLU A 480 21.70 -35.24 65.82
CA GLU A 480 22.95 -35.16 65.06
C GLU A 480 22.70 -35.10 63.55
N ALA A 481 21.69 -35.84 63.07
CA ALA A 481 21.32 -35.76 61.65
C ALA A 481 20.79 -34.38 61.28
N LYS A 482 20.04 -33.75 62.20
CA LYS A 482 19.56 -32.39 61.95
C LYS A 482 20.70 -31.39 61.95
N GLU A 483 21.75 -31.63 62.75
CA GLU A 483 22.96 -30.79 62.70
C GLU A 483 23.64 -30.89 61.34
N ILE A 484 23.73 -32.11 60.79
CA ILE A 484 24.36 -32.29 59.47
C ILE A 484 23.54 -31.59 58.38
N GLN A 485 22.21 -31.67 58.47
CA GLN A 485 21.36 -30.99 57.49
C GLN A 485 21.47 -29.47 57.60
N ASP A 486 21.62 -28.95 58.82
CA ASP A 486 21.87 -27.52 58.98
C ASP A 486 23.21 -27.09 58.40
N ASP A 487 24.23 -27.94 58.49
CA ASP A 487 25.51 -27.64 57.85
C ASP A 487 25.38 -27.61 56.33
N TRP A 488 24.62 -28.54 55.76
CA TRP A 488 24.38 -28.53 54.31
C TRP A 488 23.59 -27.30 53.88
N LYS A 489 22.70 -26.79 54.73
CA LYS A 489 22.00 -25.57 54.35
C LYS A 489 22.92 -24.35 54.45
N TYR A 490 23.81 -24.34 55.45
CA TYR A 490 24.67 -23.18 55.65
C TYR A 490 25.73 -23.05 54.56
N VAL A 491 26.25 -24.17 54.05
CA VAL A 491 27.24 -24.06 52.97
C VAL A 491 26.58 -23.56 51.69
N ALA A 492 25.31 -23.89 51.47
CA ALA A 492 24.60 -23.36 50.31
C ALA A 492 24.35 -21.86 50.47
N MET A 493 24.07 -21.42 51.70
CA MET A 493 23.93 -19.99 51.95
C MET A 493 25.24 -19.23 51.71
N VAL A 494 26.38 -19.85 52.05
CA VAL A 494 27.69 -19.24 51.82
C VAL A 494 27.96 -19.10 50.31
N ILE A 495 27.70 -20.16 49.53
CA ILE A 495 27.89 -20.10 48.09
C ILE A 495 26.97 -19.05 47.46
N ASP A 496 25.75 -18.93 47.99
CA ASP A 496 24.79 -17.95 47.51
C ASP A 496 25.28 -16.53 47.74
N ARG A 497 25.84 -16.27 48.92
CA ARG A 497 26.32 -14.92 49.23
C ARG A 497 27.55 -14.54 48.42
N ILE A 498 28.50 -15.48 48.23
CA ILE A 498 29.70 -15.13 47.47
C ILE A 498 29.37 -14.89 46.00
N PHE A 499 28.44 -15.66 45.42
CA PHE A 499 28.07 -15.35 44.05
C PHE A 499 27.18 -14.11 43.93
N LEU A 500 26.45 -13.75 45.00
CA LEU A 500 25.75 -12.47 45.01
C LEU A 500 26.73 -11.31 44.89
N TRP A 501 27.80 -11.33 45.71
CA TRP A 501 28.77 -10.24 45.67
C TRP A 501 29.53 -10.20 44.35
N VAL A 502 29.89 -11.38 43.81
CA VAL A 502 30.62 -11.43 42.54
C VAL A 502 29.77 -10.87 41.40
N PHE A 503 28.51 -11.32 41.28
CA PHE A 503 27.69 -10.81 40.19
C PHE A 503 27.23 -9.38 40.40
N THR A 504 27.15 -8.89 41.64
CA THR A 504 26.89 -7.48 41.85
C THR A 504 28.05 -6.62 41.36
N LEU A 505 29.28 -7.04 41.65
CA LEU A 505 30.44 -6.30 41.17
C LEU A 505 30.56 -6.37 39.64
N VAL A 506 30.29 -7.53 39.04
CA VAL A 506 30.39 -7.66 37.59
C VAL A 506 29.29 -6.84 36.89
N CYS A 507 28.08 -6.80 37.47
CA CYS A 507 26.99 -6.03 36.87
C CYS A 507 27.25 -4.53 36.95
N ILE A 508 27.72 -4.04 38.11
CA ILE A 508 28.02 -2.62 38.26
C ILE A 508 29.19 -2.22 37.37
N LEU A 509 30.21 -3.09 37.26
CA LEU A 509 31.36 -2.80 36.41
C LEU A 509 30.97 -2.78 34.93
N GLY A 510 30.05 -3.68 34.53
CA GLY A 510 29.61 -3.69 33.14
C GLY A 510 28.77 -2.48 32.78
N THR A 511 27.81 -2.12 33.64
CA THR A 511 26.99 -0.94 33.38
C THR A 511 27.78 0.35 33.52
N ALA A 512 28.91 0.35 34.23
CA ALA A 512 29.75 1.55 34.23
C ALA A 512 30.62 1.61 32.98
N GLY A 513 31.36 0.54 32.69
CA GLY A 513 32.37 0.57 31.64
C GLY A 513 31.86 0.43 30.23
N LEU A 514 30.65 -0.10 30.04
CA LEU A 514 30.18 -0.37 28.69
C LEU A 514 29.03 0.52 28.23
N PHE A 515 28.30 1.14 29.14
CA PHE A 515 27.07 1.85 28.79
C PHE A 515 27.18 3.35 28.97
N LEU A 516 27.66 3.83 30.11
CA LEU A 516 27.73 5.28 30.28
C LEU A 516 29.03 5.86 29.72
N GLN A 517 30.18 5.23 30.01
CA GLN A 517 31.48 5.88 29.81
C GLN A 517 31.82 6.15 28.34
N PRO A 518 31.60 5.22 27.35
CA PRO A 518 31.83 5.64 25.95
C PRO A 518 30.73 6.53 25.38
N LEU A 519 29.50 6.37 25.85
CA LEU A 519 28.37 7.06 25.22
C LEU A 519 28.28 8.53 25.58
N MET A 520 28.96 8.97 26.65
CA MET A 520 28.99 10.39 26.99
C MET A 520 29.82 11.20 26.00
N ARG B 1 14.53 30.78 -38.93
CA ARG B 1 15.23 31.94 -38.40
C ARG B 1 16.68 31.58 -38.08
N VAL B 2 17.21 32.16 -37.01
CA VAL B 2 18.55 31.80 -36.55
C VAL B 2 18.49 30.41 -35.90
N ALA B 3 19.30 29.50 -36.40
CA ALA B 3 19.30 28.12 -35.94
C ALA B 3 20.71 27.70 -35.55
N ASN B 4 20.79 26.67 -34.73
CA ASN B 4 22.06 26.08 -34.35
C ASN B 4 22.65 25.27 -35.50
N ALA B 5 23.85 24.74 -35.27
CA ALA B 5 24.33 23.65 -36.10
C ALA B 5 23.58 22.37 -35.80
N GLU B 6 23.23 22.14 -34.53
CA GLU B 6 22.56 20.90 -34.15
C GLU B 6 21.12 20.86 -34.65
N GLU B 7 20.47 22.01 -34.78
CA GLU B 7 19.10 22.02 -35.32
C GLU B 7 19.12 21.67 -36.81
N LYS B 8 20.11 22.18 -37.54
CA LYS B 8 20.26 21.81 -38.95
C LYS B 8 20.63 20.33 -39.09
N LEU B 9 21.43 19.82 -38.16
CA LEU B 9 21.80 18.41 -38.20
C LEU B 9 20.59 17.51 -37.90
N MET B 10 19.74 17.93 -36.95
CA MET B 10 18.53 17.17 -36.65
C MET B 10 17.50 17.27 -37.75
N ASP B 11 17.48 18.38 -38.49
CA ASP B 11 16.63 18.44 -39.67
C ASP B 11 17.16 17.54 -40.78
N ASP B 12 18.49 17.39 -40.89
CA ASP B 12 19.02 16.58 -41.97
C ASP B 12 18.96 15.08 -41.67
N LEU B 13 19.05 14.67 -40.41
CA LEU B 13 19.01 13.24 -40.13
C LEU B 13 17.60 12.67 -40.24
N LEU B 14 16.70 13.15 -39.38
CA LEU B 14 15.42 12.48 -39.21
C LEU B 14 14.40 12.86 -40.29
N ASN B 15 14.04 14.14 -40.36
CA ASN B 15 12.96 14.57 -41.24
C ASN B 15 13.37 14.72 -42.70
N LYS B 16 14.66 14.89 -43.01
CA LYS B 16 15.02 15.02 -44.42
C LYS B 16 14.99 13.67 -45.12
N THR B 17 15.64 12.67 -44.53
CA THR B 17 15.75 11.35 -45.16
C THR B 17 14.57 10.46 -44.80
N ARG B 18 13.55 11.00 -44.13
CA ARG B 18 12.32 10.30 -43.73
C ARG B 18 12.64 9.07 -42.89
N TYR B 19 13.23 9.33 -41.73
CA TYR B 19 13.76 8.26 -40.90
C TYR B 19 12.62 7.55 -40.19
N ASN B 20 12.68 6.23 -40.19
CA ASN B 20 11.66 5.39 -39.60
C ASN B 20 12.30 4.47 -38.57
N ASN B 21 11.78 4.48 -37.35
CA ASN B 21 12.34 3.72 -36.25
C ASN B 21 11.82 2.28 -36.18
N LEU B 22 10.87 1.90 -37.01
CA LEU B 22 10.28 0.58 -36.92
C LEU B 22 11.08 -0.49 -37.66
N ILE B 23 11.95 -0.11 -38.60
CA ILE B 23 12.68 -1.07 -39.41
C ILE B 23 14.15 -1.01 -39.04
N ARG B 24 14.77 -2.18 -38.92
CA ARG B 24 16.11 -2.30 -38.36
C ARG B 24 17.19 -2.03 -39.42
N PRO B 25 18.36 -1.53 -39.00
CA PRO B 25 19.44 -1.23 -39.97
C PRO B 25 20.20 -2.46 -40.48
N ALA B 26 19.63 -3.11 -41.49
CA ALA B 26 20.28 -4.20 -42.20
C ALA B 26 20.67 -3.72 -43.58
N THR B 27 21.96 -3.82 -43.91
CA THR B 27 22.43 -3.40 -45.23
C THR B 27 21.94 -4.35 -46.32
N SER B 28 21.76 -5.63 -45.97
CA SER B 28 21.28 -6.61 -46.93
C SER B 28 20.31 -7.53 -46.20
N SER B 29 19.96 -8.65 -46.83
CA SER B 29 19.06 -9.62 -46.22
C SER B 29 19.84 -10.61 -45.39
N SER B 30 19.25 -10.97 -44.24
CA SER B 30 19.81 -11.91 -43.25
C SER B 30 21.20 -11.47 -42.78
N GLN B 31 21.25 -10.25 -42.26
CA GLN B 31 22.46 -9.70 -41.66
C GLN B 31 22.23 -9.55 -40.16
N LEU B 32 23.18 -10.04 -39.38
CA LEU B 32 23.07 -10.00 -37.93
C LEU B 32 23.73 -8.73 -37.43
N ILE B 33 22.95 -7.86 -36.81
CA ILE B 33 23.46 -6.65 -36.18
C ILE B 33 24.17 -7.06 -34.90
N SER B 34 25.49 -6.93 -34.88
CA SER B 34 26.29 -7.38 -33.74
C SER B 34 26.24 -6.30 -32.67
N ILE B 35 25.22 -6.38 -31.83
CA ILE B 35 25.09 -5.48 -30.69
C ILE B 35 25.91 -6.07 -29.56
N LYS B 36 26.52 -5.23 -28.75
CA LYS B 36 27.37 -5.74 -27.69
C LYS B 36 27.06 -5.00 -26.40
N LEU B 37 27.21 -5.71 -25.28
CA LEU B 37 26.73 -5.17 -24.02
C LEU B 37 27.64 -5.59 -22.88
N GLN B 38 27.68 -4.76 -21.85
CA GLN B 38 28.38 -5.10 -20.62
C GLN B 38 27.70 -4.38 -19.46
N LEU B 39 27.68 -5.02 -18.31
CA LEU B 39 26.96 -4.55 -17.14
C LEU B 39 27.95 -3.98 -16.13
N SER B 40 27.54 -2.93 -15.43
CA SER B 40 28.30 -2.40 -14.30
C SER B 40 27.34 -2.27 -13.13
N LEU B 41 27.62 -3.00 -12.06
CA LEU B 41 26.79 -2.95 -10.87
C LEU B 41 27.13 -1.68 -10.08
N ALA B 42 26.10 -1.11 -9.44
CA ALA B 42 26.32 0.07 -8.61
C ALA B 42 26.11 -0.18 -7.12
N GLN B 43 25.02 -0.84 -6.72
CA GLN B 43 24.78 -1.08 -5.30
C GLN B 43 23.81 -2.22 -5.08
N LEU B 44 24.20 -3.20 -4.26
CA LEU B 44 23.24 -4.08 -3.60
C LEU B 44 22.52 -3.32 -2.50
N ILE B 45 21.20 -3.20 -2.58
CA ILE B 45 20.41 -2.51 -1.57
C ILE B 45 19.49 -3.47 -0.81
N SER B 46 18.92 -4.48 -1.47
CA SER B 46 18.11 -5.44 -0.75
C SER B 46 18.22 -6.82 -1.38
N VAL B 47 18.39 -7.84 -0.53
CA VAL B 47 18.44 -9.25 -0.94
C VAL B 47 17.35 -10.02 -0.19
N ASN B 48 16.14 -9.44 -0.14
CA ASN B 48 14.98 -9.94 0.60
C ASN B 48 14.73 -11.44 0.35
N GLU B 49 14.84 -12.23 1.43
CA GLU B 49 14.84 -13.69 1.34
C GLU B 49 13.48 -14.34 1.53
N ARG B 50 12.58 -13.68 2.29
CA ARG B 50 11.20 -14.19 2.53
C ARG B 50 10.41 -14.22 1.21
N GLU B 51 10.54 -13.16 0.40
CA GLU B 51 9.83 -13.01 -0.86
C GLU B 51 10.69 -13.42 -2.05
N GLN B 52 11.97 -13.72 -1.82
CA GLN B 52 12.94 -14.15 -2.84
C GLN B 52 13.09 -13.13 -3.96
N ILE B 53 13.37 -11.88 -3.56
CA ILE B 53 13.53 -10.77 -4.49
C ILE B 53 14.81 -10.05 -4.10
N MET B 54 15.70 -9.85 -5.07
CA MET B 54 16.84 -8.96 -4.90
C MET B 54 16.62 -7.70 -5.72
N THR B 55 17.11 -6.58 -5.20
CA THR B 55 17.02 -5.31 -5.90
C THR B 55 18.42 -4.73 -6.11
N THR B 56 18.76 -4.43 -7.36
CA THR B 56 20.05 -3.86 -7.71
C THR B 56 19.86 -2.76 -8.75
N ASN B 57 20.66 -1.69 -8.65
CA ASN B 57 20.79 -0.74 -9.74
C ASN B 57 21.99 -1.10 -10.61
N VAL B 58 21.76 -1.29 -11.90
CA VAL B 58 22.81 -1.68 -12.82
C VAL B 58 22.83 -0.67 -13.97
N TRP B 59 23.98 -0.58 -14.61
CA TRP B 59 24.18 0.25 -15.78
C TRP B 59 24.56 -0.68 -16.92
N LEU B 60 23.62 -0.94 -17.83
CA LEU B 60 23.90 -1.81 -18.96
C LEU B 60 24.22 -0.94 -20.17
N LYS B 61 25.49 -0.92 -20.56
CA LYS B 61 25.91 -0.17 -21.74
C LYS B 61 25.78 -1.14 -22.91
N GLN B 62 24.83 -0.86 -23.80
CA GLN B 62 24.66 -1.68 -25.00
C GLN B 62 24.75 -0.78 -26.22
N GLU B 63 25.51 -1.24 -27.22
CA GLU B 63 25.90 -0.38 -28.32
C GLU B 63 25.96 -1.18 -29.60
N TRP B 64 25.75 -0.49 -30.72
CA TRP B 64 25.69 -1.11 -32.03
C TRP B 64 26.07 -0.08 -33.07
N THR B 65 25.84 -0.41 -34.34
CA THR B 65 26.22 0.45 -35.45
C THR B 65 25.01 0.65 -36.35
N ASP B 66 24.56 1.88 -36.48
CA ASP B 66 23.43 2.26 -37.31
C ASP B 66 23.98 3.13 -38.44
N TYR B 67 23.92 2.64 -39.68
CA TYR B 67 24.56 3.32 -40.79
C TYR B 67 23.78 4.55 -41.25
N ARG B 68 22.50 4.66 -40.90
CA ARG B 68 21.71 5.81 -41.30
C ARG B 68 22.01 7.07 -40.50
N LEU B 69 22.58 6.93 -39.32
CA LEU B 69 22.90 8.09 -38.49
C LEU B 69 24.38 8.47 -38.62
N THR B 70 24.75 8.85 -39.84
CA THR B 70 26.09 9.33 -40.12
C THR B 70 26.02 10.71 -40.74
N TRP B 71 27.04 11.52 -40.46
CA TRP B 71 27.12 12.86 -41.00
C TRP B 71 28.58 13.26 -41.12
N ASN B 72 28.84 14.29 -41.90
CA ASN B 72 30.17 14.84 -42.03
C ASN B 72 30.42 15.84 -40.90
N SER B 73 31.63 15.81 -40.34
CA SER B 73 31.90 16.61 -39.16
C SER B 73 32.14 18.07 -39.50
N SER B 74 32.89 18.35 -40.57
CA SER B 74 33.27 19.71 -40.87
C SER B 74 32.18 20.52 -41.57
N ARG B 75 31.08 19.87 -41.95
CA ARG B 75 29.99 20.60 -42.60
C ARG B 75 29.13 21.36 -41.60
N TYR B 76 28.94 20.82 -40.40
CA TYR B 76 28.07 21.42 -39.38
C TYR B 76 28.88 22.08 -38.27
N GLU B 77 29.98 22.75 -38.65
CA GLU B 77 30.92 23.52 -37.81
C GLU B 77 31.41 22.75 -36.57
N GLY B 78 31.37 21.42 -36.60
CA GLY B 78 32.04 20.59 -35.64
C GLY B 78 31.15 20.05 -34.54
N VAL B 79 30.63 18.84 -34.74
CA VAL B 79 29.85 18.10 -33.75
C VAL B 79 30.21 16.63 -33.89
N ASN B 80 30.74 16.04 -32.82
CA ASN B 80 31.15 14.64 -32.85
C ASN B 80 30.20 13.74 -32.09
N ILE B 81 29.46 14.28 -31.13
CA ILE B 81 28.47 13.55 -30.36
C ILE B 81 27.19 14.34 -30.38
N LEU B 82 26.05 13.64 -30.41
CA LEU B 82 24.77 14.30 -30.56
C LEU B 82 23.74 13.45 -29.84
N ARG B 83 22.94 14.06 -28.98
CA ARG B 83 22.07 13.32 -28.08
C ARG B 83 20.61 13.57 -28.41
N ILE B 84 19.84 12.48 -28.48
CA ILE B 84 18.45 12.50 -28.95
C ILE B 84 17.63 11.60 -28.04
N PRO B 85 16.33 11.90 -27.89
CA PRO B 85 15.49 11.05 -27.05
C PRO B 85 15.27 9.69 -27.68
N ALA B 86 15.04 8.69 -26.81
CA ALA B 86 15.06 7.31 -27.25
C ALA B 86 13.79 6.88 -27.96
N LYS B 87 12.76 7.73 -27.97
CA LYS B 87 11.51 7.38 -28.65
C LYS B 87 11.67 7.36 -30.15
N ARG B 88 12.63 8.10 -30.70
CA ARG B 88 12.58 8.43 -32.12
C ARG B 88 13.41 7.52 -33.00
N ILE B 89 14.36 6.76 -32.45
CA ILE B 89 15.24 5.95 -33.28
C ILE B 89 15.07 4.47 -32.92
N TRP B 90 15.65 3.62 -33.76
CA TRP B 90 15.61 2.18 -33.55
C TRP B 90 16.50 1.79 -32.38
N LEU B 91 16.00 0.88 -31.55
CA LEU B 91 16.80 0.28 -30.49
C LEU B 91 16.19 -1.05 -30.12
N PRO B 92 16.99 -2.08 -29.86
CA PRO B 92 16.41 -3.38 -29.49
C PRO B 92 15.92 -3.35 -28.06
N ASP B 93 14.93 -4.18 -27.79
CA ASP B 93 14.22 -4.14 -26.51
C ASP B 93 14.76 -5.18 -25.52
N ILE B 94 16.03 -5.08 -25.20
CA ILE B 94 16.65 -6.03 -24.27
C ILE B 94 16.22 -5.67 -22.85
N VAL B 95 15.56 -6.62 -22.18
CA VAL B 95 15.04 -6.43 -20.83
C VAL B 95 15.32 -7.70 -20.03
N LEU B 96 14.91 -7.71 -18.77
CA LEU B 96 14.93 -8.94 -18.00
C LEU B 96 13.75 -9.84 -18.36
N TYR B 97 13.96 -11.14 -18.21
CA TYR B 97 12.86 -12.10 -18.16
C TYR B 97 12.69 -12.73 -16.79
N ASN B 98 13.57 -12.45 -15.84
CA ASN B 98 13.38 -12.94 -14.47
C ASN B 98 13.28 -11.73 -13.54
N ASN B 99 12.05 -11.28 -13.33
CA ASN B 99 11.74 -10.23 -12.38
C ASN B 99 10.45 -10.57 -11.66
N ALA B 100 10.28 -10.01 -10.47
CA ALA B 100 9.13 -10.36 -9.66
C ALA B 100 7.85 -9.67 -10.11
N ASP B 101 7.96 -8.47 -10.68
CA ASP B 101 6.79 -7.76 -11.17
C ASP B 101 6.51 -8.15 -12.62
N GLY B 102 5.62 -7.40 -13.27
CA GLY B 102 5.35 -7.52 -14.68
C GLY B 102 5.99 -6.48 -15.57
N THR B 103 6.69 -5.51 -14.99
CA THR B 103 7.30 -4.42 -15.75
C THR B 103 8.61 -4.91 -16.34
N TYR B 104 8.59 -5.23 -17.64
CA TYR B 104 9.82 -5.60 -18.31
C TYR B 104 10.61 -4.36 -18.75
N GLU B 105 9.95 -3.40 -19.39
CA GLU B 105 10.71 -2.34 -20.05
C GLU B 105 11.10 -1.25 -19.05
N VAL B 106 11.96 -0.34 -19.50
CA VAL B 106 12.42 0.77 -18.68
C VAL B 106 11.39 1.90 -18.71
N SER B 107 10.94 2.31 -17.52
CA SER B 107 9.94 3.37 -17.38
C SER B 107 10.55 4.76 -17.26
N VAL B 108 11.77 4.97 -17.75
CA VAL B 108 12.48 6.23 -17.60
C VAL B 108 12.67 6.92 -18.95
N TYR B 109 13.34 6.24 -19.90
CA TYR B 109 13.51 6.65 -21.30
C TYR B 109 14.23 8.00 -21.44
N THR B 110 15.50 8.00 -21.04
CA THR B 110 16.36 9.15 -21.18
C THR B 110 16.84 9.28 -22.63
N ASN B 111 17.79 10.16 -22.86
CA ASN B 111 18.38 10.35 -24.18
C ASN B 111 19.70 9.59 -24.32
N LEU B 112 20.10 9.36 -25.57
CA LEU B 112 21.23 8.49 -25.89
C LEU B 112 22.14 9.14 -26.92
N ILE B 113 23.37 8.64 -27.00
CA ILE B 113 24.48 9.30 -27.70
C ILE B 113 24.76 8.56 -29.00
N VAL B 114 24.82 9.31 -30.09
CA VAL B 114 25.21 8.77 -31.39
C VAL B 114 26.38 9.62 -31.88
N ARG B 115 27.37 8.97 -32.49
CA ARG B 115 28.62 9.59 -32.91
C ARG B 115 28.67 9.71 -34.43
N SER B 116 29.78 10.27 -34.93
CA SER B 116 29.98 10.45 -36.36
C SER B 116 30.18 9.15 -37.11
N ASN B 117 30.59 8.08 -36.43
CA ASN B 117 30.67 6.76 -37.04
C ASN B 117 29.31 6.26 -37.49
N GLY B 118 28.27 6.59 -36.74
CA GLY B 118 27.02 5.87 -36.78
C GLY B 118 26.85 4.93 -35.63
N SER B 119 27.83 4.87 -34.73
CA SER B 119 27.78 3.97 -33.58
C SER B 119 26.85 4.56 -32.53
N VAL B 120 25.81 3.83 -32.18
CA VAL B 120 24.80 4.28 -31.24
C VAL B 120 25.05 3.59 -29.92
N LEU B 121 25.10 4.38 -28.84
CA LEU B 121 25.36 3.86 -27.48
C LEU B 121 24.16 4.21 -26.57
N TRP B 122 23.66 3.23 -25.80
CA TRP B 122 22.51 3.48 -24.93
C TRP B 122 22.71 2.84 -23.57
N LEU B 123 22.56 3.66 -22.53
CA LEU B 123 22.80 3.24 -21.14
C LEU B 123 21.67 3.78 -20.29
N PRO B 124 20.57 3.05 -20.16
CA PRO B 124 19.41 3.58 -19.45
C PRO B 124 19.57 3.39 -17.96
N PRO B 125 19.07 4.33 -17.15
CA PRO B 125 19.13 4.14 -15.70
C PRO B 125 18.04 3.17 -15.27
N ALA B 126 18.41 2.22 -14.42
CA ALA B 126 17.46 1.17 -14.05
C ALA B 126 17.83 0.58 -12.71
N ILE B 127 16.82 0.37 -11.89
CA ILE B 127 16.89 -0.56 -10.77
C ILE B 127 16.02 -1.75 -11.16
N TYR B 128 16.44 -2.95 -10.77
CA TYR B 128 15.70 -4.14 -11.15
C TYR B 128 15.39 -4.96 -9.93
N LYS B 129 14.16 -5.46 -9.86
CA LYS B 129 13.71 -6.39 -8.83
C LYS B 129 13.78 -7.80 -9.41
N SER B 130 14.99 -8.33 -9.48
CA SER B 130 15.18 -9.68 -9.99
C SER B 130 14.70 -10.72 -8.98
N ALA B 131 14.36 -11.89 -9.50
CA ALA B 131 13.82 -13.00 -8.71
C ALA B 131 14.76 -14.18 -8.83
N CYS B 132 15.43 -14.52 -7.74
CA CYS B 132 16.36 -15.63 -7.69
C CYS B 132 16.02 -16.55 -6.55
N LYS B 133 16.31 -17.83 -6.72
CA LYS B 133 16.01 -18.80 -5.68
C LYS B 133 17.11 -18.78 -4.63
N ILE B 134 16.75 -19.18 -3.41
CA ILE B 134 17.60 -19.05 -2.25
C ILE B 134 18.03 -20.44 -1.80
N GLU B 135 19.34 -20.64 -1.66
CA GLU B 135 19.87 -21.84 -1.03
C GLU B 135 20.09 -21.52 0.43
N VAL B 136 19.25 -22.07 1.29
CA VAL B 136 19.11 -21.61 2.66
C VAL B 136 19.47 -22.74 3.63
N LYS B 137 20.20 -23.73 3.13
CA LYS B 137 20.62 -24.86 3.95
C LYS B 137 21.63 -24.44 5.02
N TYR B 138 22.70 -23.75 4.61
CA TYR B 138 23.74 -23.37 5.56
C TYR B 138 23.51 -21.94 6.06
N PHE B 139 22.34 -21.72 6.63
CA PHE B 139 21.99 -20.42 7.18
C PHE B 139 22.64 -20.23 8.55
N PRO B 140 23.29 -19.08 8.83
CA PRO B 140 23.54 -17.92 7.97
C PRO B 140 24.93 -17.89 7.33
N PHE B 141 25.62 -19.03 7.28
CA PHE B 141 26.99 -19.09 6.75
C PHE B 141 26.98 -19.49 5.28
N ASP B 142 26.20 -18.80 4.46
CA ASP B 142 25.80 -19.32 3.16
C ASP B 142 26.26 -18.44 2.00
N GLN B 143 26.53 -19.10 0.88
CA GLN B 143 26.72 -18.46 -0.41
C GLN B 143 25.36 -18.39 -1.10
N GLN B 144 25.18 -17.36 -1.92
CA GLN B 144 23.94 -17.20 -2.67
C GLN B 144 24.28 -17.03 -4.14
N ASN B 145 23.59 -17.76 -5.00
CA ASN B 145 23.74 -17.63 -6.45
C ASN B 145 22.46 -17.05 -7.01
N CYS B 146 22.55 -15.86 -7.62
CA CYS B 146 21.41 -15.19 -8.23
C CYS B 146 21.75 -14.65 -9.60
N THR B 147 20.85 -14.88 -10.56
CA THR B 147 21.13 -14.65 -11.97
C THR B 147 20.23 -13.55 -12.54
N LEU B 148 20.70 -12.94 -13.64
CA LEU B 148 19.95 -11.95 -14.40
C LEU B 148 19.98 -12.33 -15.88
N LYS B 149 18.79 -12.49 -16.48
CA LYS B 149 18.66 -12.97 -17.86
C LYS B 149 18.21 -11.85 -18.78
N PHE B 150 19.14 -11.27 -19.53
CA PHE B 150 18.83 -10.22 -20.49
C PHE B 150 18.64 -10.80 -21.89
N ARG B 151 17.48 -10.50 -22.50
CA ARG B 151 17.19 -10.85 -23.88
C ARG B 151 16.04 -9.98 -24.36
N SER B 152 15.82 -9.96 -25.67
CA SER B 152 14.83 -9.11 -26.31
C SER B 152 13.54 -9.88 -26.63
N TRP B 153 12.42 -9.17 -26.65
CA TRP B 153 11.14 -9.77 -26.98
C TRP B 153 10.74 -9.57 -28.44
N THR B 154 11.24 -8.52 -29.09
CA THR B 154 10.90 -8.28 -30.50
C THR B 154 11.70 -9.18 -31.43
N TYR B 155 13.02 -9.03 -31.40
CA TYR B 155 13.86 -9.70 -32.39
C TYR B 155 14.39 -11.01 -31.82
N ASP B 156 15.00 -11.79 -32.71
CA ASP B 156 15.50 -13.11 -32.37
C ASP B 156 16.90 -13.33 -32.92
N HIS B 157 17.41 -14.56 -32.86
CA HIS B 157 18.78 -14.84 -33.27
C HIS B 157 18.96 -14.75 -34.78
N THR B 158 17.88 -14.91 -35.55
CA THR B 158 17.97 -14.76 -36.99
C THR B 158 18.08 -13.31 -37.45
N GLU B 159 17.90 -12.33 -36.57
CA GLU B 159 17.94 -10.94 -37.00
C GLU B 159 18.96 -10.10 -36.24
N ILE B 160 19.27 -10.45 -34.99
CA ILE B 160 20.34 -9.79 -34.25
C ILE B 160 21.20 -10.83 -33.55
N ASP B 161 22.51 -10.55 -33.47
CA ASP B 161 23.40 -11.23 -32.55
C ASP B 161 23.33 -10.58 -31.18
N MET B 162 24.10 -11.11 -30.22
CA MET B 162 24.21 -10.50 -28.91
C MET B 162 25.56 -10.93 -28.33
N VAL B 163 26.56 -10.05 -28.43
CA VAL B 163 27.95 -10.37 -28.17
C VAL B 163 28.33 -9.84 -26.79
N LEU B 164 28.67 -10.73 -25.88
CA LEU B 164 29.19 -10.30 -24.59
C LEU B 164 30.60 -9.77 -24.75
N MET B 165 30.83 -8.53 -24.28
CA MET B 165 32.10 -7.87 -24.55
C MET B 165 33.18 -8.34 -23.56
N THR B 166 32.97 -8.07 -22.27
CA THR B 166 33.95 -8.50 -21.29
C THR B 166 33.46 -9.77 -20.60
N PRO B 167 34.37 -10.65 -20.15
CA PRO B 167 33.92 -11.87 -19.46
C PRO B 167 33.31 -11.61 -18.10
N THR B 168 33.76 -10.60 -17.37
CA THR B 168 33.27 -10.30 -16.04
C THR B 168 32.63 -8.92 -16.02
N ALA B 169 31.56 -8.78 -15.25
CA ALA B 169 30.96 -7.47 -15.04
C ALA B 169 31.87 -6.60 -14.18
N SER B 170 31.99 -5.33 -14.55
CA SER B 170 32.93 -4.45 -13.88
C SER B 170 32.41 -4.03 -12.51
N MET B 171 33.33 -3.56 -11.68
CA MET B 171 33.08 -3.28 -10.26
C MET B 171 33.61 -1.89 -9.92
N ASP B 172 33.25 -0.90 -10.72
CA ASP B 172 33.98 0.36 -10.74
C ASP B 172 33.39 1.40 -9.79
N ASP B 173 32.10 1.72 -9.95
CA ASP B 173 31.43 2.66 -9.07
C ASP B 173 30.73 1.97 -7.90
N PHE B 174 31.22 0.80 -7.48
CA PHE B 174 30.51 0.00 -6.51
C PHE B 174 30.71 0.58 -5.11
N THR B 175 29.61 0.83 -4.43
CA THR B 175 29.59 1.14 -3.01
C THR B 175 29.39 -0.13 -2.21
N PRO B 176 30.21 -0.39 -1.20
CA PRO B 176 30.07 -1.64 -0.44
C PRO B 176 28.81 -1.66 0.40
N SER B 177 28.10 -2.79 0.37
CA SER B 177 26.75 -2.86 0.89
C SER B 177 26.73 -2.85 2.41
N GLY B 178 27.76 -3.39 3.04
CA GLY B 178 27.82 -3.46 4.49
C GLY B 178 27.29 -4.76 5.07
N GLU B 179 26.25 -5.31 4.46
CA GLU B 179 25.70 -6.60 4.85
C GLU B 179 26.19 -7.74 3.97
N TRP B 180 26.23 -7.55 2.65
CA TRP B 180 26.59 -8.61 1.72
C TRP B 180 27.93 -8.30 1.08
N ASP B 181 28.51 -9.31 0.45
CA ASP B 181 29.80 -9.18 -0.23
C ASP B 181 29.72 -9.81 -1.61
N ILE B 182 30.05 -9.03 -2.63
CA ILE B 182 30.20 -9.60 -3.97
C ILE B 182 31.61 -10.18 -4.09
N VAL B 183 31.70 -11.43 -4.51
CA VAL B 183 32.97 -12.13 -4.56
C VAL B 183 33.42 -12.40 -5.99
N ALA B 184 32.49 -12.67 -6.91
CA ALA B 184 32.79 -12.81 -8.33
C ALA B 184 31.50 -12.52 -9.09
N LEU B 185 31.65 -11.97 -10.29
CA LEU B 185 30.51 -11.66 -11.16
C LEU B 185 30.79 -12.16 -12.56
N PRO B 186 30.63 -13.45 -12.82
CA PRO B 186 30.84 -13.96 -14.18
C PRO B 186 29.63 -13.71 -15.05
N GLY B 187 29.84 -13.84 -16.36
CA GLY B 187 28.78 -13.68 -17.32
C GLY B 187 29.00 -14.53 -18.55
N ARG B 188 27.92 -15.08 -19.11
CA ARG B 188 28.04 -16.02 -20.22
C ARG B 188 26.91 -15.80 -21.21
N ARG B 189 27.07 -16.38 -22.40
CA ARG B 189 26.14 -16.21 -23.50
C ARG B 189 25.63 -17.59 -23.91
N THR B 190 24.33 -17.83 -23.72
CA THR B 190 23.74 -19.14 -23.88
C THR B 190 22.96 -19.22 -25.19
N VAL B 191 23.36 -20.14 -26.07
CA VAL B 191 22.63 -20.41 -27.29
C VAL B 191 22.47 -21.93 -27.42
N ASN B 192 21.31 -22.38 -27.91
CA ASN B 192 21.05 -23.81 -28.01
C ASN B 192 21.22 -24.27 -29.44
N PRO B 193 22.18 -25.14 -29.72
CA PRO B 193 22.22 -25.79 -31.04
C PRO B 193 21.05 -26.72 -31.25
N GLN B 194 20.67 -26.89 -32.52
CA GLN B 194 19.44 -27.56 -32.96
C GLN B 194 18.19 -26.96 -32.32
N ASP B 195 18.20 -25.65 -32.09
CA ASP B 195 17.09 -24.83 -31.63
C ASP B 195 17.42 -23.38 -31.96
N PRO B 196 17.20 -22.93 -33.20
CA PRO B 196 17.48 -21.52 -33.52
C PRO B 196 16.48 -20.55 -32.93
N SER B 197 16.70 -19.26 -33.22
CA SER B 197 15.97 -18.12 -32.66
C SER B 197 15.99 -18.12 -31.13
N TYR B 198 17.19 -18.25 -30.57
CA TYR B 198 17.38 -18.21 -29.13
C TYR B 198 18.66 -17.43 -28.84
N VAL B 199 18.54 -16.31 -28.14
CA VAL B 199 19.70 -15.57 -27.66
C VAL B 199 19.52 -15.29 -26.17
N ASP B 200 20.65 -15.18 -25.48
CA ASP B 200 20.63 -15.01 -24.03
C ASP B 200 22.00 -14.53 -23.60
N VAL B 201 22.01 -13.57 -22.68
CA VAL B 201 23.21 -13.16 -21.95
C VAL B 201 22.83 -13.15 -20.48
N THR B 202 23.42 -14.04 -19.71
CA THR B 202 23.13 -14.15 -18.29
C THR B 202 24.33 -13.72 -17.47
N TYR B 203 24.07 -13.03 -16.37
CA TYR B 203 25.10 -12.63 -15.43
C TYR B 203 24.83 -13.33 -14.10
N ASP B 204 25.84 -13.98 -13.57
CA ASP B 204 25.72 -14.67 -12.29
C ASP B 204 26.29 -13.75 -11.21
N PHE B 205 25.56 -13.60 -10.11
CA PHE B 205 26.04 -12.89 -8.94
C PHE B 205 26.15 -13.92 -7.83
N ILE B 206 27.37 -14.25 -7.44
CA ILE B 206 27.59 -15.09 -6.27
C ILE B 206 27.95 -14.18 -5.09
N ILE B 207 27.15 -14.28 -4.03
CA ILE B 207 27.10 -13.27 -2.96
C ILE B 207 27.36 -13.98 -1.64
N LYS B 208 28.39 -13.56 -0.92
CA LYS B 208 28.62 -14.05 0.43
C LYS B 208 27.91 -13.12 1.43
N ARG B 209 27.59 -13.65 2.61
CA ARG B 209 27.00 -12.86 3.67
C ARG B 209 28.07 -12.48 4.69
N LYS B 210 28.00 -11.26 5.21
CA LYS B 210 28.70 -10.92 6.45
C LYS B 210 27.83 -11.42 7.59
N PRO B 211 28.25 -12.47 8.30
CA PRO B 211 27.32 -13.25 9.14
C PRO B 211 27.25 -12.85 10.60
N LEU B 212 27.85 -11.73 11.01
CA LEU B 212 28.03 -11.43 12.43
C LEU B 212 26.71 -11.04 13.09
N PHE B 213 25.77 -10.48 12.33
CA PHE B 213 24.50 -10.03 12.92
C PHE B 213 23.65 -11.21 13.37
N TYR B 214 23.39 -12.14 12.45
CA TYR B 214 22.56 -13.29 12.81
C TYR B 214 23.29 -14.23 13.74
N THR B 215 24.62 -14.28 13.68
CA THR B 215 25.39 -14.99 14.70
C THR B 215 25.14 -14.41 16.09
N ILE B 216 25.46 -13.14 16.28
CA ILE B 216 25.40 -12.51 17.59
C ILE B 216 23.97 -12.31 18.10
N ASN B 217 22.95 -12.49 17.25
CA ASN B 217 21.59 -12.38 17.74
C ASN B 217 20.80 -13.69 17.77
N LEU B 218 21.25 -14.74 17.09
CA LEU B 218 20.45 -15.96 17.09
C LEU B 218 21.24 -17.21 17.43
N ILE B 219 22.54 -17.26 17.11
CA ILE B 219 23.29 -18.50 17.34
C ILE B 219 23.63 -18.65 18.82
N ILE B 220 23.96 -17.56 19.49
CA ILE B 220 24.29 -17.57 20.91
C ILE B 220 23.06 -17.90 21.78
N PRO B 221 21.85 -17.33 21.57
CA PRO B 221 20.71 -17.83 22.36
C PRO B 221 20.29 -19.25 21.99
N CYS B 222 20.55 -19.68 20.76
CA CYS B 222 20.29 -21.06 20.37
C CYS B 222 21.12 -22.05 21.18
N VAL B 223 22.44 -21.86 21.20
CA VAL B 223 23.31 -22.75 21.96
C VAL B 223 23.11 -22.56 23.45
N LEU B 224 22.65 -21.37 23.87
CA LEU B 224 22.30 -21.11 25.26
C LEU B 224 21.11 -21.98 25.71
N THR B 225 19.98 -21.86 25.00
CA THR B 225 18.80 -22.64 25.37
C THR B 225 18.95 -24.12 25.04
N THR B 226 19.91 -24.50 24.21
CA THR B 226 20.21 -25.92 24.05
C THR B 226 21.04 -26.42 25.23
N LEU B 227 21.98 -25.61 25.72
CA LEU B 227 22.79 -25.97 26.88
C LEU B 227 21.93 -26.06 28.14
N LEU B 228 20.82 -25.32 28.18
CA LEU B 228 19.90 -25.40 29.32
C LEU B 228 18.92 -26.59 29.25
N ALA B 229 19.14 -27.56 28.37
CA ALA B 229 18.17 -28.62 28.15
C ALA B 229 18.57 -29.95 28.79
N ILE B 230 19.84 -30.12 29.14
CA ILE B 230 20.33 -31.34 29.80
C ILE B 230 20.56 -31.00 31.26
N LEU B 231 19.79 -30.05 31.76
CA LEU B 231 20.05 -29.41 33.03
C LEU B 231 18.92 -29.61 34.03
N VAL B 232 17.75 -30.07 33.58
CA VAL B 232 16.63 -30.30 34.49
C VAL B 232 16.79 -31.57 35.30
N PHE B 233 17.82 -32.38 35.03
CA PHE B 233 18.03 -33.62 35.74
C PHE B 233 18.96 -33.46 36.94
N TYR B 234 19.78 -32.41 36.95
CA TYR B 234 20.62 -32.15 38.10
C TYR B 234 19.85 -31.47 39.22
N LEU B 235 18.67 -30.94 38.93
CA LEU B 235 17.80 -30.30 39.91
C LEU B 235 17.10 -31.37 40.75
N PRO B 236 17.14 -31.30 42.07
CA PRO B 236 16.51 -32.35 42.88
C PRO B 236 15.00 -32.25 42.86
N SER B 237 14.35 -33.42 42.92
CA SER B 237 12.90 -33.53 42.91
C SER B 237 12.25 -33.18 44.24
N ASP B 238 13.03 -32.97 45.31
CA ASP B 238 12.44 -32.57 46.58
C ASP B 238 11.89 -31.16 46.49
N CYS B 239 12.52 -30.29 45.70
CA CYS B 239 11.95 -28.99 45.37
C CYS B 239 10.82 -29.17 44.36
N GLY B 240 10.07 -28.11 44.14
CA GLY B 240 8.93 -28.17 43.26
C GLY B 240 9.05 -27.29 42.03
N GLU B 241 10.23 -27.28 41.41
CA GLU B 241 10.51 -26.36 40.31
C GLU B 241 11.11 -27.06 39.10
N LYS B 242 10.74 -28.33 38.88
CA LYS B 242 11.27 -29.04 37.72
C LYS B 242 10.42 -28.80 36.48
N MET B 243 9.09 -28.93 36.62
CA MET B 243 8.20 -28.82 35.48
C MET B 243 8.16 -27.40 34.93
N THR B 244 8.35 -26.40 35.80
CA THR B 244 8.48 -25.02 35.36
C THR B 244 9.67 -24.85 34.42
N LEU B 245 10.82 -25.41 34.80
CA LEU B 245 12.03 -25.30 34.00
C LEU B 245 11.90 -26.06 32.69
N CYS B 246 11.27 -27.24 32.73
CA CYS B 246 11.11 -28.05 31.51
C CYS B 246 10.19 -27.38 30.50
N ILE B 247 9.02 -26.92 30.98
CA ILE B 247 8.05 -26.23 30.11
C ILE B 247 8.64 -24.93 29.58
N SER B 248 9.46 -24.24 30.39
CA SER B 248 10.03 -22.97 29.94
C SER B 248 11.10 -23.18 28.87
N VAL B 249 11.90 -24.24 28.99
CA VAL B 249 12.89 -24.54 27.94
C VAL B 249 12.20 -24.93 26.65
N LEU B 250 11.15 -25.77 26.73
CA LEU B 250 10.41 -26.13 25.52
C LEU B 250 9.70 -24.92 24.91
N LEU B 251 9.24 -23.99 25.74
CA LEU B 251 8.60 -22.77 25.26
C LEU B 251 9.59 -21.89 24.51
N ALA B 252 10.80 -21.73 25.06
CA ALA B 252 11.81 -20.90 24.40
C ALA B 252 12.26 -21.53 23.08
N LEU B 253 12.35 -22.87 23.03
CA LEU B 253 12.69 -23.54 21.78
C LEU B 253 11.61 -23.38 20.72
N THR B 254 10.33 -23.51 21.10
CA THR B 254 9.26 -23.25 20.12
C THR B 254 9.22 -21.80 19.67
N PHE B 255 9.58 -20.86 20.55
CA PHE B 255 9.64 -19.46 20.16
C PHE B 255 10.74 -19.20 19.14
N PHE B 256 11.94 -19.74 19.38
CA PHE B 256 13.00 -19.55 18.39
C PHE B 256 12.75 -20.34 17.11
N LEU B 257 12.02 -21.46 17.16
CA LEU B 257 11.68 -22.15 15.93
C LEU B 257 10.69 -21.35 15.09
N LEU B 258 9.67 -20.77 15.73
CA LEU B 258 8.74 -19.93 14.96
C LEU B 258 9.39 -18.61 14.53
N LEU B 259 10.43 -18.16 15.22
CA LEU B 259 11.16 -16.98 14.76
C LEU B 259 12.04 -17.32 13.56
N ILE B 260 12.73 -18.46 13.59
CA ILE B 260 13.62 -18.83 12.50
C ILE B 260 12.82 -19.27 11.28
N SER B 261 11.57 -19.70 11.45
CA SER B 261 10.72 -20.03 10.31
C SER B 261 10.16 -18.80 9.62
N LYS B 262 10.46 -17.60 10.11
CA LYS B 262 10.02 -16.33 9.53
C LYS B 262 11.06 -15.72 8.61
N ILE B 263 12.34 -15.75 9.00
CA ILE B 263 13.42 -15.20 8.20
C ILE B 263 13.83 -16.14 7.07
N VAL B 264 13.35 -17.38 7.10
CA VAL B 264 13.67 -18.39 6.09
C VAL B 264 12.61 -18.25 5.01
N PRO B 265 12.88 -18.59 3.75
CA PRO B 265 11.80 -18.63 2.76
C PRO B 265 10.92 -19.85 2.95
N PRO B 266 9.63 -19.75 2.63
CA PRO B 266 8.75 -20.94 2.75
C PRO B 266 8.86 -21.89 1.57
N THR B 267 10.01 -22.57 1.49
CA THR B 267 10.24 -23.59 0.48
C THR B 267 10.51 -24.91 1.17
N SER B 268 10.30 -26.00 0.43
CA SER B 268 10.48 -27.35 0.97
C SER B 268 11.59 -28.09 0.25
N LEU B 269 12.57 -27.37 -0.27
CA LEU B 269 13.80 -28.00 -0.77
C LEU B 269 14.57 -28.65 0.37
N ASP B 270 14.99 -27.84 1.35
CA ASP B 270 15.53 -28.34 2.61
C ASP B 270 15.36 -27.29 3.68
N VAL B 271 15.12 -27.76 4.90
CA VAL B 271 15.09 -26.90 6.09
C VAL B 271 16.50 -26.45 6.41
N PRO B 272 16.71 -25.30 7.03
CA PRO B 272 18.05 -24.93 7.49
C PRO B 272 18.47 -25.79 8.68
N LEU B 273 19.76 -25.77 8.97
CA LEU B 273 20.30 -26.56 10.07
C LEU B 273 19.86 -26.05 11.44
N ILE B 274 19.51 -24.77 11.56
CA ILE B 274 18.99 -24.27 12.83
C ILE B 274 17.62 -24.86 13.13
N GLY B 275 16.75 -24.94 12.12
CA GLY B 275 15.43 -25.51 12.35
C GLY B 275 15.47 -26.99 12.66
N LYS B 276 16.35 -27.73 11.97
CA LYS B 276 16.51 -29.15 12.25
C LYS B 276 17.13 -29.40 13.62
N TYR B 277 18.09 -28.54 14.00
CA TYR B 277 18.73 -28.65 15.31
C TYR B 277 17.74 -28.36 16.44
N LEU B 278 16.91 -27.32 16.27
CA LEU B 278 15.90 -27.03 17.27
C LEU B 278 14.80 -28.08 17.30
N MET B 279 14.47 -28.71 16.16
CA MET B 279 13.49 -29.78 16.17
C MET B 279 14.02 -30.99 16.94
N PHE B 280 15.30 -31.34 16.72
CA PHE B 280 15.94 -32.42 17.48
C PHE B 280 15.95 -32.12 18.97
N THR B 281 16.35 -30.90 19.35
CA THR B 281 16.43 -30.55 20.77
C THR B 281 15.03 -30.46 21.38
N MET B 282 14.02 -30.11 20.58
CA MET B 282 12.66 -30.01 21.08
C MET B 282 12.08 -31.39 21.37
N VAL B 283 12.33 -32.37 20.48
CA VAL B 283 11.93 -33.75 20.75
C VAL B 283 12.68 -34.30 21.96
N LEU B 284 13.95 -33.90 22.12
CA LEU B 284 14.71 -34.35 23.28
C LEU B 284 14.16 -33.77 24.58
N VAL B 285 13.75 -32.49 24.56
CA VAL B 285 13.16 -31.87 25.75
C VAL B 285 11.78 -32.47 26.06
N THR B 286 11.02 -32.89 25.05
CA THR B 286 9.75 -33.54 25.32
C THR B 286 9.94 -34.92 25.97
N PHE B 287 10.93 -35.68 25.49
CA PHE B 287 11.28 -36.93 26.17
C PHE B 287 11.80 -36.66 27.58
N SER B 288 12.50 -35.53 27.78
CA SER B 288 12.94 -35.14 29.11
C SER B 288 11.77 -34.82 30.03
N ILE B 289 10.70 -34.21 29.50
CA ILE B 289 9.52 -33.92 30.31
C ILE B 289 8.82 -35.19 30.74
N VAL B 290 8.66 -36.14 29.81
CA VAL B 290 7.94 -37.36 30.19
C VAL B 290 8.77 -38.24 31.13
N THR B 291 10.10 -38.28 30.96
CA THR B 291 10.89 -39.04 31.94
C THR B 291 11.07 -38.28 33.25
N SER B 292 10.90 -36.96 33.26
CA SER B 292 10.95 -36.23 34.52
C SER B 292 9.67 -36.43 35.33
N VAL B 293 8.52 -36.52 34.66
CA VAL B 293 7.29 -36.85 35.37
C VAL B 293 7.33 -38.30 35.88
N CYS B 294 7.89 -39.21 35.08
CA CYS B 294 8.02 -40.59 35.53
C CYS B 294 9.01 -40.73 36.69
N VAL B 295 10.09 -39.94 36.71
CA VAL B 295 11.05 -40.02 37.80
C VAL B 295 10.60 -39.19 39.00
N LEU B 296 9.61 -38.33 38.83
CA LEU B 296 9.04 -37.61 39.95
C LEU B 296 7.90 -38.37 40.59
N ASN B 297 7.29 -39.33 39.89
CA ASN B 297 6.30 -40.18 40.54
C ASN B 297 6.94 -41.12 41.55
N VAL B 298 8.11 -41.69 41.24
CA VAL B 298 8.73 -42.65 42.16
C VAL B 298 9.36 -41.97 43.37
N HIS B 299 9.46 -40.65 43.35
CA HIS B 299 9.97 -39.92 44.51
C HIS B 299 8.93 -39.81 45.60
N HIS B 300 7.65 -39.69 45.23
CA HIS B 300 6.56 -39.47 46.17
C HIS B 300 5.80 -40.74 46.50
N ARG B 301 6.46 -41.89 46.50
CA ARG B 301 5.83 -43.16 46.84
C ARG B 301 6.05 -43.46 48.32
N SER B 302 4.96 -43.61 49.04
CA SER B 302 5.05 -43.85 50.47
C SER B 302 5.01 -45.35 50.74
N PRO B 303 5.52 -45.79 51.90
CA PRO B 303 5.40 -47.23 52.23
C PRO B 303 3.98 -47.69 52.52
N SER B 304 3.09 -46.78 52.90
CA SER B 304 1.73 -47.16 53.26
C SER B 304 0.86 -47.45 52.05
N THR B 305 1.24 -46.95 50.87
CA THR B 305 0.43 -47.09 49.67
C THR B 305 1.10 -47.91 48.57
N HIS B 306 2.37 -48.26 48.73
CA HIS B 306 3.10 -49.00 47.71
C HIS B 306 3.97 -50.04 48.39
N THR B 307 4.35 -51.07 47.63
CA THR B 307 5.22 -52.13 48.11
C THR B 307 6.43 -52.21 47.20
N MET B 308 7.63 -52.10 47.79
CA MET B 308 8.86 -52.12 47.01
C MET B 308 9.16 -53.54 46.55
N ALA B 309 9.13 -53.74 45.23
CA ALA B 309 9.33 -55.06 44.65
C ALA B 309 10.79 -55.51 44.80
N PRO B 310 11.05 -56.83 44.76
CA PRO B 310 12.44 -57.29 44.89
C PRO B 310 13.32 -56.99 43.68
N TRP B 311 12.74 -56.73 42.50
CA TRP B 311 13.59 -56.50 41.34
C TRP B 311 14.20 -55.10 41.36
N VAL B 312 13.47 -54.10 41.88
CA VAL B 312 14.10 -52.79 42.03
C VAL B 312 15.10 -52.80 43.17
N LYS B 313 14.90 -53.68 44.17
CA LYS B 313 15.91 -53.95 45.20
C LYS B 313 17.21 -54.47 44.58
N ARG B 314 17.12 -55.47 43.71
CA ARG B 314 18.33 -56.06 43.16
C ARG B 314 18.93 -55.23 42.03
N CYS B 315 18.15 -54.37 41.37
CA CYS B 315 18.66 -53.58 40.25
C CYS B 315 19.11 -52.18 40.65
N PHE B 316 18.22 -51.36 41.21
CA PHE B 316 18.50 -49.94 41.37
C PHE B 316 19.12 -49.59 42.73
N LEU B 317 19.70 -50.55 43.43
CA LEU B 317 20.26 -50.30 44.76
C LEU B 317 21.66 -50.87 44.89
N HIS B 318 21.98 -51.91 44.12
CA HIS B 318 23.26 -52.58 44.24
C HIS B 318 24.10 -52.47 42.98
N LYS B 319 23.57 -52.84 41.81
CA LYS B 319 24.40 -52.88 40.62
C LYS B 319 24.66 -51.47 40.07
N LEU B 320 23.58 -50.72 39.80
CA LEU B 320 23.65 -49.38 39.21
C LEU B 320 24.26 -48.28 40.10
N PRO B 321 24.08 -48.26 41.44
CA PRO B 321 24.87 -47.29 42.23
C PRO B 321 26.37 -47.56 42.26
N THR B 322 26.81 -48.76 41.87
CA THR B 322 28.22 -49.01 41.63
C THR B 322 28.61 -48.76 40.19
N PHE B 323 27.66 -48.89 39.27
CA PHE B 323 27.98 -48.63 37.86
C PHE B 323 28.09 -47.13 37.60
N LEU B 324 27.39 -46.31 38.37
CA LEU B 324 27.37 -44.87 38.14
C LEU B 324 28.15 -44.10 39.19
N PHE B 325 28.95 -44.80 39.99
CA PHE B 325 29.81 -44.24 41.05
C PHE B 325 29.01 -43.43 42.08
N MET B 326 27.96 -44.04 42.62
CA MET B 326 27.13 -43.40 43.64
C MET B 326 27.55 -43.81 45.04
N LYS B 327 27.48 -45.11 45.35
CA LYS B 327 28.00 -45.73 46.58
C LYS B 327 27.34 -45.15 47.85
N ARG B 328 26.00 -45.07 47.81
CA ARG B 328 25.15 -44.58 48.90
C ARG B 328 25.55 -43.20 49.43
N ARG B 451 -2.29 -51.89 91.20
CA ARG B 451 -1.19 -52.02 90.25
C ARG B 451 -1.78 -51.89 88.83
N GLN B 452 -3.12 -51.89 88.76
CA GLN B 452 -3.80 -51.78 87.46
C GLN B 452 -3.63 -50.40 86.83
N ASP B 453 -3.35 -49.38 87.63
CA ASP B 453 -2.95 -48.10 87.06
C ASP B 453 -1.47 -48.10 86.69
N VAL B 454 -0.66 -48.85 87.44
CA VAL B 454 0.79 -48.86 87.22
C VAL B 454 1.13 -49.70 85.99
N GLN B 455 0.40 -50.79 85.77
CA GLN B 455 0.72 -51.75 84.71
C GLN B 455 0.45 -51.18 83.33
N GLU B 456 -0.53 -50.30 83.20
CA GLU B 456 -0.83 -49.70 81.90
C GLU B 456 0.19 -48.64 81.49
N ALA B 457 0.94 -48.08 82.45
CA ALA B 457 1.99 -47.14 82.10
C ALA B 457 3.16 -47.81 81.38
N LEU B 458 3.56 -49.00 81.86
CA LEU B 458 4.61 -49.75 81.20
C LEU B 458 4.19 -50.19 79.80
N GLU B 459 2.92 -50.60 79.65
CA GLU B 459 2.41 -50.98 78.34
C GLU B 459 2.34 -49.76 77.41
N GLY B 460 2.01 -48.59 77.95
CA GLY B 460 2.03 -47.38 77.14
C GLY B 460 3.41 -47.00 76.67
N VAL B 461 4.41 -47.11 77.55
CA VAL B 461 5.79 -46.80 77.16
C VAL B 461 6.30 -47.81 76.13
N SER B 462 5.91 -49.08 76.28
CA SER B 462 6.24 -50.11 75.29
C SER B 462 5.59 -49.81 73.94
N PHE B 463 4.35 -49.31 73.96
CA PHE B 463 3.66 -48.95 72.74
C PHE B 463 4.33 -47.76 72.06
N ILE B 464 4.81 -46.80 72.85
CA ILE B 464 5.52 -45.64 72.31
C ILE B 464 6.82 -46.07 71.64
N ALA B 465 7.55 -47.00 72.28
CA ALA B 465 8.80 -47.49 71.70
C ALA B 465 8.56 -48.29 70.42
N GLN B 466 7.53 -49.14 70.39
CA GLN B 466 7.26 -49.89 69.17
C GLN B 466 6.77 -48.99 68.05
N HIS B 467 6.04 -47.92 68.37
CA HIS B 467 5.62 -47.00 67.33
C HIS B 467 6.77 -46.18 66.79
N MET B 468 7.72 -45.79 67.64
CA MET B 468 8.90 -45.11 67.11
C MET B 468 9.77 -46.04 66.27
N LYS B 469 9.81 -47.33 66.59
CA LYS B 469 10.53 -48.28 65.74
C LYS B 469 9.86 -48.43 64.36
N ASN B 470 8.52 -48.52 64.35
CA ASN B 470 7.79 -48.60 63.09
C ASN B 470 7.95 -47.32 62.27
N ASP B 471 7.97 -46.16 62.94
CA ASP B 471 8.14 -44.89 62.25
C ASP B 471 9.53 -44.78 61.63
N ASP B 472 10.55 -45.28 62.35
CA ASP B 472 11.91 -45.29 61.80
C ASP B 472 12.01 -46.20 60.58
N GLU B 473 11.32 -47.35 60.62
CA GLU B 473 11.35 -48.25 59.46
C GLU B 473 10.68 -47.62 58.24
N ASP B 474 9.52 -46.99 58.42
CA ASP B 474 8.84 -46.37 57.29
C ASP B 474 9.60 -45.17 56.75
N GLN B 475 10.29 -44.43 57.62
CA GLN B 475 11.13 -43.32 57.16
C GLN B 475 12.33 -43.84 56.36
N SER B 476 12.89 -44.98 56.76
CA SER B 476 13.97 -45.59 55.99
C SER B 476 13.49 -46.04 54.62
N VAL B 477 12.27 -46.58 54.53
CA VAL B 477 11.76 -47.03 53.24
C VAL B 477 11.47 -45.84 52.31
N VAL B 478 10.97 -44.73 52.86
CA VAL B 478 10.68 -43.60 51.96
C VAL B 478 11.98 -42.91 51.53
N GLU B 479 13.02 -42.93 52.38
CA GLU B 479 14.33 -42.45 51.92
C GLU B 479 14.95 -43.39 50.89
N ASP B 480 14.60 -44.68 50.96
CA ASP B 480 15.05 -45.62 49.94
C ASP B 480 14.39 -45.34 48.59
N TRP B 481 13.10 -44.99 48.60
CA TRP B 481 12.43 -44.55 47.37
C TRP B 481 13.06 -43.29 46.80
N LYS B 482 13.43 -42.35 47.67
CA LYS B 482 14.10 -41.12 47.21
C LYS B 482 15.44 -41.45 46.56
N TYR B 483 16.17 -42.42 47.11
CA TYR B 483 17.46 -42.79 46.53
C TYR B 483 17.29 -43.48 45.19
N VAL B 484 16.23 -44.28 45.03
CA VAL B 484 15.93 -44.91 43.75
C VAL B 484 15.63 -43.85 42.69
N ALA B 485 14.87 -42.81 43.09
CA ALA B 485 14.59 -41.69 42.19
C ALA B 485 15.87 -40.97 41.78
N MET B 486 16.80 -40.79 42.72
CA MET B 486 18.07 -40.12 42.41
C MET B 486 18.92 -40.94 41.43
N VAL B 487 18.93 -42.27 41.59
CA VAL B 487 19.70 -43.12 40.68
C VAL B 487 19.13 -43.08 39.27
N VAL B 488 17.79 -43.17 39.14
CA VAL B 488 17.16 -43.09 37.82
C VAL B 488 17.40 -41.72 37.18
N ASP B 489 17.45 -40.67 38.01
CA ASP B 489 17.68 -39.31 37.51
C ASP B 489 19.09 -39.16 36.95
N ARG B 490 20.11 -39.66 37.66
CA ARG B 490 21.47 -39.58 37.14
C ARG B 490 21.68 -40.46 35.91
N LEU B 491 20.98 -41.60 35.84
CA LEU B 491 21.06 -42.47 34.66
C LEU B 491 20.55 -41.75 33.43
N PHE B 492 19.36 -41.14 33.52
CA PHE B 492 18.85 -40.42 32.35
C PHE B 492 19.61 -39.15 32.06
N LEU B 493 20.27 -38.53 33.06
CA LEU B 493 21.17 -37.40 32.80
C LEU B 493 22.30 -37.82 31.88
N TRP B 494 22.98 -38.92 32.21
CA TRP B 494 24.09 -39.40 31.37
C TRP B 494 23.61 -39.84 29.99
N VAL B 495 22.45 -40.50 29.94
CA VAL B 495 21.94 -41.01 28.65
C VAL B 495 21.60 -39.86 27.71
N PHE B 496 20.82 -38.88 28.18
CA PHE B 496 20.49 -37.76 27.30
C PHE B 496 21.68 -36.85 27.00
N MET B 497 22.68 -36.78 27.89
CA MET B 497 23.89 -36.03 27.56
C MET B 497 24.66 -36.70 26.42
N PHE B 498 24.79 -38.02 26.48
CA PHE B 498 25.50 -38.77 25.44
C PHE B 498 24.76 -38.69 24.11
N VAL B 499 23.42 -38.80 24.14
CA VAL B 499 22.62 -38.72 22.92
C VAL B 499 22.70 -37.32 22.31
N CYS B 500 22.73 -36.28 23.16
CA CYS B 500 22.81 -34.91 22.63
C CYS B 500 24.18 -34.63 22.00
N VAL B 501 25.25 -35.17 22.60
CA VAL B 501 26.58 -34.99 22.02
C VAL B 501 26.69 -35.70 20.67
N LEU B 502 26.19 -36.95 20.58
CA LEU B 502 26.20 -37.64 19.29
C LEU B 502 25.30 -36.97 18.26
N GLY B 503 24.20 -36.35 18.71
CA GLY B 503 23.35 -35.64 17.77
C GLY B 503 24.00 -34.39 17.20
N THR B 504 24.67 -33.61 18.05
CA THR B 504 25.38 -32.42 17.58
C THR B 504 26.52 -32.79 16.64
N VAL B 505 27.24 -33.88 16.93
CA VAL B 505 28.33 -34.31 16.05
C VAL B 505 27.78 -34.78 14.71
N GLY B 506 26.71 -35.59 14.74
CA GLY B 506 26.15 -36.11 13.50
C GLY B 506 25.47 -35.07 12.64
N LEU B 507 24.96 -33.99 13.25
CA LEU B 507 24.39 -32.93 12.44
C LEU B 507 25.46 -31.99 11.88
N PHE B 508 26.32 -31.46 12.75
CA PHE B 508 27.33 -30.49 12.32
C PHE B 508 28.67 -31.14 11.97
N LEU B 509 28.65 -32.41 11.51
CA LEU B 509 29.83 -32.98 10.87
C LEU B 509 30.35 -32.18 9.67
N PRO B 510 29.52 -31.71 8.71
CA PRO B 510 30.19 -30.88 7.70
C PRO B 510 30.37 -29.43 8.15
N ASN C 4 12.73 0.91 -49.10
CA ASN C 4 13.19 -0.47 -49.03
C ASN C 4 12.09 -1.42 -49.44
N ALA C 5 12.29 -2.71 -49.14
CA ALA C 5 11.30 -3.76 -49.47
C ALA C 5 10.33 -3.92 -48.30
N GLU C 6 10.81 -3.74 -47.06
CA GLU C 6 9.97 -3.90 -45.88
C GLU C 6 9.08 -2.69 -45.66
N GLU C 7 9.54 -1.51 -46.07
CA GLU C 7 8.81 -0.27 -45.88
C GLU C 7 7.67 -0.07 -46.89
N LYS C 8 7.86 -0.60 -48.11
CA LYS C 8 6.81 -0.47 -49.16
C LYS C 8 5.62 -1.37 -48.77
N LEU C 9 5.90 -2.61 -48.36
CA LEU C 9 4.85 -3.59 -47.96
C LEU C 9 4.09 -3.11 -46.71
N MET C 10 4.79 -2.61 -45.69
CA MET C 10 4.15 -2.13 -44.47
C MET C 10 3.18 -1.01 -44.76
N ASP C 11 3.52 -0.14 -45.71
CA ASP C 11 2.64 0.96 -46.07
C ASP C 11 1.52 0.50 -46.99
N ASP C 12 1.78 -0.52 -47.80
CA ASP C 12 0.75 -1.03 -48.75
C ASP C 12 -0.38 -1.74 -47.97
N LEU C 13 -0.03 -2.68 -47.10
CA LEU C 13 -1.01 -3.49 -46.30
C LEU C 13 -1.80 -2.69 -45.25
N LEU C 14 -1.14 -1.82 -44.46
CA LEU C 14 -1.80 -1.08 -43.41
C LEU C 14 -1.90 0.37 -43.88
N ASN C 15 -3.04 0.69 -44.47
CA ASN C 15 -3.36 1.98 -45.03
C ASN C 15 -4.71 2.42 -44.50
N LYS C 16 -4.84 3.72 -44.22
CA LYS C 16 -6.02 4.22 -43.51
C LYS C 16 -7.27 4.19 -44.37
N THR C 17 -7.11 4.22 -45.70
CA THR C 17 -8.25 4.18 -46.60
C THR C 17 -8.77 2.76 -46.84
N ARG C 18 -8.01 1.75 -46.43
CA ARG C 18 -8.46 0.36 -46.69
C ARG C 18 -8.39 -0.51 -45.42
N TYR C 19 -7.76 -0.03 -44.35
CA TYR C 19 -7.66 -0.85 -43.12
C TYR C 19 -8.22 -0.10 -41.91
N ASN C 20 -9.07 -0.79 -41.13
CA ASN C 20 -9.69 -0.23 -39.90
C ASN C 20 -9.55 -1.25 -38.77
N ASN C 21 -8.68 -0.97 -37.78
CA ASN C 21 -8.42 -1.87 -36.67
C ASN C 21 -9.58 -1.98 -35.68
N LEU C 22 -10.79 -1.58 -36.11
CA LEU C 22 -11.98 -1.62 -35.21
C LEU C 22 -13.08 -2.48 -35.83
N ILE C 23 -12.81 -3.11 -36.98
CA ILE C 23 -13.83 -3.97 -37.66
C ILE C 23 -13.33 -5.42 -37.69
N ARG C 24 -14.17 -6.37 -37.26
CA ARG C 24 -13.79 -7.80 -37.25
C ARG C 24 -13.82 -8.34 -38.69
N PRO C 25 -12.74 -9.01 -39.17
CA PRO C 25 -12.68 -9.52 -40.54
C PRO C 25 -13.72 -10.60 -40.87
N ALA C 26 -14.86 -10.18 -41.43
CA ALA C 26 -15.94 -11.10 -41.83
C ALA C 26 -16.31 -10.79 -43.29
N THR C 27 -16.13 -11.76 -44.20
CA THR C 27 -16.40 -11.52 -45.60
C THR C 27 -17.85 -11.12 -45.83
N SER C 28 -18.77 -11.66 -45.03
CA SER C 28 -20.18 -11.33 -45.11
C SER C 28 -20.72 -11.23 -43.69
N SER C 29 -22.04 -11.21 -43.56
CA SER C 29 -22.67 -11.22 -42.25
C SER C 29 -22.81 -12.65 -41.74
N SER C 30 -22.82 -12.78 -40.41
CA SER C 30 -22.92 -14.04 -39.69
C SER C 30 -21.81 -15.02 -40.09
N GLN C 31 -20.58 -14.52 -40.09
CA GLN C 31 -19.40 -15.35 -40.30
C GLN C 31 -18.60 -15.40 -39.01
N LEU C 32 -18.27 -16.61 -38.58
CA LEU C 32 -17.58 -16.82 -37.31
C LEU C 32 -16.09 -16.91 -37.55
N ILE C 33 -15.34 -15.96 -36.99
CA ILE C 33 -13.85 -15.96 -37.10
C ILE C 33 -13.33 -17.01 -36.11
N SER C 34 -12.90 -18.16 -36.61
CA SER C 34 -12.44 -19.25 -35.76
C SER C 34 -11.04 -18.94 -35.26
N ILE C 35 -10.96 -18.36 -34.08
CA ILE C 35 -9.69 -18.10 -33.40
C ILE C 35 -9.37 -19.30 -32.53
N LYS C 36 -8.09 -19.61 -32.37
CA LYS C 36 -7.73 -20.77 -31.58
C LYS C 36 -6.52 -20.46 -30.71
N LEU C 37 -6.51 -21.01 -29.49
CA LEU C 37 -5.59 -20.57 -28.46
C LEU C 37 -5.09 -21.75 -27.65
N GLN C 38 -3.92 -21.56 -27.03
CA GLN C 38 -3.42 -22.51 -26.03
C GLN C 38 -2.51 -21.77 -25.06
N LEU C 39 -2.48 -22.24 -23.83
CA LEU C 39 -1.80 -21.55 -22.73
C LEU C 39 -0.46 -22.21 -22.44
N SER C 40 0.53 -21.39 -22.07
CA SER C 40 1.89 -21.86 -21.78
C SER C 40 2.27 -21.29 -20.42
N LEU C 41 2.23 -22.10 -19.38
CA LEU C 41 2.50 -21.62 -18.03
C LEU C 41 4.00 -21.48 -17.82
N ALA C 42 4.38 -20.49 -17.03
CA ALA C 42 5.79 -20.27 -16.72
C ALA C 42 6.14 -20.47 -15.26
N GLN C 43 5.35 -19.93 -14.33
CA GLN C 43 5.71 -19.98 -12.92
C GLN C 43 4.49 -19.73 -12.05
N LEU C 44 4.34 -20.52 -11.00
CA LEU C 44 3.37 -20.24 -9.93
C LEU C 44 4.08 -19.42 -8.88
N ILE C 45 4.00 -18.09 -9.00
CA ILE C 45 4.83 -17.27 -8.12
C ILE C 45 4.20 -17.08 -6.74
N SER C 46 2.87 -17.08 -6.62
CA SER C 46 2.25 -17.06 -5.30
C SER C 46 0.85 -17.64 -5.37
N VAL C 47 0.51 -18.48 -4.39
CA VAL C 47 -0.79 -19.14 -4.30
C VAL C 47 -1.39 -18.73 -2.95
N ASN C 48 -1.32 -17.43 -2.64
CA ASN C 48 -1.84 -16.79 -1.44
C ASN C 48 -3.22 -17.31 -1.04
N GLU C 49 -3.34 -17.80 0.19
CA GLU C 49 -4.49 -18.58 0.60
C GLU C 49 -5.51 -17.81 1.43
N ARG C 50 -5.08 -16.85 2.24
CA ARG C 50 -6.03 -16.10 3.05
C ARG C 50 -6.82 -15.11 2.21
N GLU C 51 -6.18 -14.51 1.20
CA GLU C 51 -6.88 -13.62 0.29
C GLU C 51 -7.43 -14.36 -0.93
N GLN C 52 -7.11 -15.64 -1.08
CA GLN C 52 -7.63 -16.53 -2.14
C GLN C 52 -7.29 -16.02 -3.54
N ILE C 53 -6.02 -15.70 -3.75
CA ILE C 53 -5.54 -15.18 -5.02
C ILE C 53 -4.35 -16.03 -5.43
N MET C 54 -4.39 -16.57 -6.64
CA MET C 54 -3.20 -17.17 -7.22
C MET C 54 -2.68 -16.26 -8.31
N THR C 55 -1.36 -16.19 -8.42
CA THR C 55 -0.68 -15.26 -9.32
C THR C 55 0.21 -16.06 -10.25
N THR C 56 -0.13 -16.07 -11.53
CA THR C 56 0.59 -16.83 -12.54
C THR C 56 1.12 -15.87 -13.60
N ASN C 57 2.10 -16.33 -14.36
CA ASN C 57 2.50 -15.69 -15.61
C ASN C 57 2.42 -16.72 -16.72
N VAL C 58 1.83 -16.32 -17.85
CA VAL C 58 1.51 -17.25 -18.94
C VAL C 58 1.94 -16.62 -20.25
N TRP C 59 2.06 -17.47 -21.27
CA TRP C 59 2.45 -17.01 -22.58
C TRP C 59 1.37 -17.33 -23.62
N LEU C 60 0.11 -17.05 -23.27
CA LEU C 60 -1.07 -17.34 -24.09
C LEU C 60 -0.87 -16.95 -25.56
N LYS C 61 -0.93 -17.96 -26.44
CA LYS C 61 -0.72 -17.82 -27.90
C LYS C 61 -2.06 -18.01 -28.63
N GLN C 62 -2.32 -17.21 -29.66
CA GLN C 62 -3.60 -17.29 -30.36
C GLN C 62 -3.43 -16.89 -31.81
N GLU C 63 -4.09 -17.63 -32.71
CA GLU C 63 -3.94 -17.40 -34.13
C GLU C 63 -5.30 -17.42 -34.82
N TRP C 64 -5.40 -16.67 -35.91
CA TRP C 64 -6.65 -16.53 -36.66
C TRP C 64 -6.31 -16.20 -38.10
N THR C 65 -7.34 -15.90 -38.90
CA THR C 65 -7.18 -15.68 -40.33
C THR C 65 -7.80 -14.34 -40.67
N ASP C 66 -6.94 -13.36 -41.00
CA ASP C 66 -7.39 -12.01 -41.42
C ASP C 66 -7.20 -11.90 -42.94
N TYR C 67 -8.30 -11.89 -43.69
CA TYR C 67 -8.26 -11.84 -45.19
C TYR C 67 -7.64 -10.52 -45.68
N ARG C 68 -7.84 -9.42 -44.95
CA ARG C 68 -7.30 -8.10 -45.37
C ARG C 68 -5.77 -8.17 -45.44
N LEU C 69 -5.13 -8.85 -44.48
CA LEU C 69 -3.64 -8.97 -44.48
C LEU C 69 -3.22 -10.13 -45.39
N THR C 70 -3.27 -9.92 -46.71
CA THR C 70 -2.89 -10.98 -47.68
C THR C 70 -2.12 -10.34 -48.85
N TRP C 71 -0.93 -10.88 -49.15
CA TRP C 71 -0.09 -10.35 -50.26
C TRP C 71 0.83 -11.48 -50.78
N ASN C 72 1.01 -11.55 -52.10
CA ASN C 72 1.87 -12.62 -52.68
C ASN C 72 3.34 -12.37 -52.34
N SER C 73 4.11 -13.46 -52.25
CA SER C 73 5.56 -13.47 -51.91
C SER C 73 6.42 -12.84 -53.02
N SER C 74 6.17 -13.23 -54.28
CA SER C 74 6.95 -12.78 -55.45
C SER C 74 7.25 -11.28 -55.43
N ARG C 75 6.21 -10.45 -55.60
CA ARG C 75 6.33 -8.97 -55.65
C ARG C 75 7.25 -8.45 -54.54
N TYR C 76 7.05 -8.89 -53.30
CA TYR C 76 7.86 -8.39 -52.15
C TYR C 76 9.21 -9.11 -52.07
N GLU C 77 9.56 -9.89 -53.10
CA GLU C 77 10.85 -10.62 -53.20
C GLU C 77 11.07 -11.59 -52.04
N GLY C 78 10.03 -12.36 -51.68
CA GLY C 78 10.15 -13.38 -50.63
C GLY C 78 9.84 -12.88 -49.22
N VAL C 79 9.50 -11.60 -49.07
CA VAL C 79 9.17 -11.08 -47.70
C VAL C 79 7.89 -11.80 -47.23
N ASN C 80 8.03 -12.76 -46.32
CA ASN C 80 6.87 -13.52 -45.86
C ASN C 80 6.56 -13.34 -44.37
N ILE C 81 7.30 -12.51 -43.65
CA ILE C 81 6.98 -12.21 -42.25
C ILE C 81 7.06 -10.71 -42.04
N LEU C 82 6.39 -10.25 -40.98
CA LEU C 82 6.43 -8.85 -40.58
C LEU C 82 6.49 -8.74 -39.06
N ARG C 83 6.78 -7.51 -38.61
CA ARG C 83 6.77 -7.14 -37.21
C ARG C 83 5.93 -5.88 -37.11
N ILE C 84 4.69 -6.02 -36.65
CA ILE C 84 3.75 -4.92 -36.57
C ILE C 84 3.46 -4.70 -35.10
N PRO C 85 3.34 -3.45 -34.63
CA PRO C 85 2.78 -3.22 -33.29
C PRO C 85 1.35 -3.74 -33.18
N ALA C 86 1.06 -4.40 -32.07
CA ALA C 86 -0.21 -5.11 -31.94
C ALA C 86 -1.38 -4.14 -31.86
N LYS C 87 -1.15 -2.94 -31.35
CA LYS C 87 -2.21 -1.94 -31.23
C LYS C 87 -2.58 -1.31 -32.56
N ARG C 88 -1.96 -1.73 -33.67
CA ARG C 88 -2.21 -1.14 -34.96
C ARG C 88 -3.18 -1.96 -35.82
N ILE C 89 -3.29 -3.28 -35.60
CA ILE C 89 -4.22 -4.10 -36.37
C ILE C 89 -5.33 -4.62 -35.47
N TRP C 90 -6.27 -5.37 -36.07
CA TRP C 90 -7.43 -5.93 -35.34
C TRP C 90 -7.03 -7.14 -34.50
N LEU C 91 -7.49 -7.20 -33.24
CA LEU C 91 -7.21 -8.30 -32.34
C LEU C 91 -8.43 -8.55 -31.47
N PRO C 92 -8.76 -9.80 -31.19
CA PRO C 92 -9.86 -10.09 -30.26
C PRO C 92 -9.42 -9.83 -28.83
N ASP C 93 -10.36 -9.39 -28.02
CA ASP C 93 -10.07 -8.94 -26.66
C ASP C 93 -10.30 -10.05 -25.64
N ILE C 94 -9.56 -11.15 -25.78
CA ILE C 94 -9.69 -12.26 -24.86
C ILE C 94 -8.98 -11.91 -23.55
N VAL C 95 -9.74 -11.92 -22.45
CA VAL C 95 -9.24 -11.68 -21.12
C VAL C 95 -9.81 -12.75 -20.22
N LEU C 96 -9.52 -12.68 -18.93
CA LEU C 96 -10.17 -13.54 -17.96
C LEU C 96 -11.07 -12.71 -17.05
N TYR C 97 -12.10 -13.36 -16.50
CA TYR C 97 -13.11 -12.67 -15.69
C TYR C 97 -12.92 -12.85 -14.20
N ASN C 98 -12.62 -14.06 -13.73
CA ASN C 98 -12.45 -14.29 -12.30
C ASN C 98 -11.08 -13.83 -11.83
N ASN C 99 -10.97 -12.52 -11.60
CA ASN C 99 -9.75 -11.92 -11.07
C ASN C 99 -10.09 -11.07 -9.86
N ALA C 100 -9.08 -10.85 -9.01
CA ALA C 100 -9.30 -10.04 -7.81
C ALA C 100 -9.15 -8.55 -8.08
N ASP C 101 -8.24 -8.16 -8.95
CA ASP C 101 -8.05 -6.76 -9.29
C ASP C 101 -8.96 -6.38 -10.45
N GLY C 102 -8.79 -5.17 -10.97
CA GLY C 102 -9.46 -4.78 -12.19
C GLY C 102 -8.58 -4.93 -13.40
N THR C 103 -7.51 -5.72 -13.28
CA THR C 103 -6.57 -5.94 -14.37
C THR C 103 -7.10 -7.06 -15.25
N TYR C 104 -7.83 -6.66 -16.30
CA TYR C 104 -8.34 -7.61 -17.28
C TYR C 104 -7.37 -7.85 -18.44
N GLU C 105 -6.91 -6.79 -19.07
CA GLU C 105 -6.21 -6.88 -20.36
C GLU C 105 -4.77 -7.35 -20.19
N VAL C 106 -4.01 -7.32 -21.29
CA VAL C 106 -2.66 -7.86 -21.33
C VAL C 106 -1.68 -6.72 -21.00
N SER C 107 -0.46 -7.07 -20.59
CA SER C 107 0.46 -6.09 -20.04
C SER C 107 1.03 -5.12 -21.08
N VAL C 108 1.78 -5.63 -22.04
CA VAL C 108 2.72 -4.78 -22.77
C VAL C 108 2.45 -4.65 -24.27
N TYR C 109 1.64 -5.54 -24.86
CA TYR C 109 1.24 -5.49 -26.28
C TYR C 109 2.46 -5.56 -27.20
N THR C 110 3.10 -6.73 -27.19
CA THR C 110 4.30 -6.94 -28.00
C THR C 110 3.95 -7.05 -29.48
N ASN C 111 4.99 -7.14 -30.30
CA ASN C 111 4.82 -7.30 -31.73
C ASN C 111 4.29 -8.69 -32.05
N LEU C 112 3.81 -8.87 -33.29
CA LEU C 112 3.13 -10.08 -33.68
C LEU C 112 3.48 -10.40 -35.11
N ILE C 113 3.29 -11.67 -35.48
CA ILE C 113 3.80 -12.22 -36.73
C ILE C 113 2.63 -12.48 -37.66
N VAL C 114 2.68 -11.88 -38.84
CA VAL C 114 1.71 -12.09 -39.90
C VAL C 114 2.44 -12.67 -41.11
N ARG C 115 1.82 -13.69 -41.72
CA ARG C 115 2.40 -14.38 -42.89
C ARG C 115 1.65 -13.96 -44.16
N SER C 116 2.05 -14.50 -45.30
CA SER C 116 1.42 -14.16 -46.57
C SER C 116 0.08 -14.86 -46.79
N ASN C 117 -0.26 -15.92 -46.04
CA ASN C 117 -1.61 -16.49 -46.33
C ASN C 117 -2.66 -15.94 -45.37
N GLY C 118 -2.35 -14.83 -44.69
CA GLY C 118 -3.33 -14.20 -43.84
C GLY C 118 -3.34 -14.67 -42.41
N SER C 119 -2.51 -15.66 -42.09
CA SER C 119 -2.44 -16.21 -40.70
C SER C 119 -1.69 -15.21 -39.81
N VAL C 120 -2.30 -14.84 -38.67
CA VAL C 120 -1.69 -13.90 -37.75
C VAL C 120 -1.51 -14.60 -36.41
N LEU C 121 -0.30 -14.59 -35.89
CA LEU C 121 0.03 -15.28 -34.64
C LEU C 121 0.60 -14.27 -33.66
N TRP C 122 0.01 -14.22 -32.47
CA TRP C 122 0.40 -13.24 -31.46
C TRP C 122 0.56 -13.96 -30.12
N LEU C 123 1.70 -13.72 -29.47
CA LEU C 123 2.08 -14.43 -28.24
C LEU C 123 2.56 -13.39 -27.23
N PRO C 124 1.65 -12.77 -26.48
CA PRO C 124 2.06 -11.73 -25.52
C PRO C 124 2.25 -12.29 -24.13
N PRO C 125 3.09 -11.67 -23.30
CA PRO C 125 3.21 -12.11 -21.91
C PRO C 125 2.18 -11.42 -21.04
N ALA C 126 1.62 -12.17 -20.10
CA ALA C 126 0.61 -11.60 -19.21
C ALA C 126 0.69 -12.26 -17.83
N ILE C 127 0.54 -11.44 -16.80
CA ILE C 127 0.37 -11.92 -15.43
C ILE C 127 -1.11 -11.81 -15.08
N TYR C 128 -1.58 -12.73 -14.26
CA TYR C 128 -2.99 -12.75 -13.88
C TYR C 128 -3.11 -13.08 -12.41
N LYS C 129 -3.91 -12.29 -11.69
CA LYS C 129 -4.25 -12.58 -10.30
C LYS C 129 -5.66 -13.19 -10.27
N SER C 130 -5.72 -14.48 -10.55
CA SER C 130 -7.00 -15.18 -10.57
C SER C 130 -7.49 -15.47 -9.16
N ALA C 131 -8.80 -15.54 -9.01
CA ALA C 131 -9.45 -15.82 -7.73
C ALA C 131 -10.07 -17.21 -7.80
N CYS C 132 -9.60 -18.12 -6.97
CA CYS C 132 -10.13 -19.47 -6.90
C CYS C 132 -10.43 -19.84 -5.46
N LYS C 133 -11.35 -20.79 -5.28
CA LYS C 133 -11.72 -21.23 -3.95
C LYS C 133 -10.77 -22.31 -3.49
N ILE C 134 -10.60 -22.41 -2.17
CA ILE C 134 -9.59 -23.26 -1.57
C ILE C 134 -10.30 -24.38 -0.81
N GLU C 135 -10.21 -25.60 -1.31
CA GLU C 135 -10.68 -26.76 -0.54
C GLU C 135 -9.64 -27.03 0.54
N VAL C 136 -10.03 -26.87 1.80
CA VAL C 136 -9.07 -26.83 2.88
C VAL C 136 -9.49 -27.83 3.96
N LYS C 137 -10.27 -28.84 3.54
CA LYS C 137 -10.65 -29.92 4.45
C LYS C 137 -9.43 -30.74 4.87
N TYR C 138 -8.51 -31.00 3.94
CA TYR C 138 -7.26 -31.67 4.27
C TYR C 138 -6.17 -30.61 4.32
N PHE C 139 -5.25 -30.75 5.28
CA PHE C 139 -4.22 -29.74 5.49
C PHE C 139 -3.03 -30.33 6.24
N PRO C 140 -1.79 -30.15 5.77
CA PRO C 140 -1.34 -29.57 4.50
C PRO C 140 -1.08 -30.60 3.41
N PHE C 141 -1.97 -31.57 3.29
CA PHE C 141 -1.87 -32.62 2.27
C PHE C 141 -3.10 -32.47 1.38
N ASP C 142 -3.04 -31.57 0.41
CA ASP C 142 -4.27 -31.22 -0.28
C ASP C 142 -4.07 -30.94 -1.76
N GLN C 143 -5.05 -31.38 -2.55
CA GLN C 143 -5.19 -31.00 -3.94
C GLN C 143 -5.91 -29.66 -4.00
N GLN C 144 -5.65 -28.89 -5.06
CA GLN C 144 -6.34 -27.62 -5.27
C GLN C 144 -6.81 -27.53 -6.71
N ASN C 145 -8.09 -27.30 -6.90
CA ASN C 145 -8.69 -27.08 -8.22
C ASN C 145 -8.94 -25.59 -8.33
N CYS C 146 -8.22 -24.93 -9.21
CA CYS C 146 -8.36 -23.50 -9.44
C CYS C 146 -8.50 -23.24 -10.92
N THR C 147 -9.55 -22.51 -11.31
CA THR C 147 -9.92 -22.39 -12.72
C THR C 147 -9.59 -21.01 -13.24
N LEU C 148 -9.49 -20.92 -14.58
CA LEU C 148 -9.32 -19.67 -15.30
C LEU C 148 -10.34 -19.64 -16.42
N LYS C 149 -11.18 -18.62 -16.47
CA LYS C 149 -12.26 -18.51 -17.45
C LYS C 149 -11.90 -17.41 -18.46
N PHE C 150 -11.42 -17.82 -19.63
CA PHE C 150 -11.16 -16.86 -20.70
C PHE C 150 -12.40 -16.65 -21.57
N ARG C 151 -12.69 -15.38 -21.84
CA ARG C 151 -13.82 -14.97 -22.67
C ARG C 151 -13.49 -13.57 -23.15
N SER C 152 -14.19 -13.11 -24.18
CA SER C 152 -13.94 -11.77 -24.72
C SER C 152 -15.14 -10.88 -24.44
N TRP C 153 -14.87 -9.74 -23.82
CA TRP C 153 -15.94 -8.81 -23.44
C TRP C 153 -16.63 -8.19 -24.66
N THR C 154 -15.89 -7.89 -25.72
CA THR C 154 -16.45 -7.17 -26.85
C THR C 154 -17.39 -8.07 -27.67
N TYR C 155 -16.84 -9.17 -28.19
CA TYR C 155 -17.60 -10.07 -29.11
C TYR C 155 -18.31 -11.20 -28.36
N ASP C 156 -18.99 -12.07 -29.13
CA ASP C 156 -19.76 -13.18 -28.57
C ASP C 156 -19.78 -14.32 -29.58
N HIS C 157 -20.53 -15.38 -29.24
CA HIS C 157 -20.55 -16.59 -30.04
C HIS C 157 -21.24 -16.38 -31.39
N THR C 158 -22.10 -15.39 -31.49
CA THR C 158 -22.68 -15.03 -32.78
C THR C 158 -21.71 -14.28 -33.70
N GLU C 159 -20.56 -13.88 -33.16
CA GLU C 159 -19.57 -13.11 -33.98
C GLU C 159 -18.30 -13.95 -34.15
N ILE C 160 -17.70 -14.40 -33.05
CA ILE C 160 -16.48 -15.20 -33.12
C ILE C 160 -16.71 -16.53 -32.43
N ASP C 161 -16.14 -17.59 -32.98
CA ASP C 161 -15.99 -18.85 -32.26
C ASP C 161 -14.70 -18.83 -31.45
N MET C 162 -14.51 -19.86 -30.64
CA MET C 162 -13.33 -19.94 -29.79
C MET C 162 -12.99 -21.41 -29.62
N VAL C 163 -12.12 -21.91 -30.49
CA VAL C 163 -11.80 -23.33 -30.60
C VAL C 163 -10.54 -23.60 -29.81
N LEU C 164 -10.55 -24.64 -28.97
CA LEU C 164 -9.34 -25.01 -28.26
C LEU C 164 -8.45 -25.86 -29.16
N MET C 165 -7.18 -25.48 -29.26
CA MET C 165 -6.26 -26.11 -30.20
C MET C 165 -5.69 -27.41 -29.64
N THR C 166 -4.97 -27.34 -28.53
CA THR C 166 -4.44 -28.52 -27.86
C THR C 166 -5.25 -28.81 -26.59
N PRO C 167 -5.49 -30.09 -26.28
CA PRO C 167 -6.34 -30.41 -25.11
C PRO C 167 -5.71 -30.08 -23.78
N THR C 168 -4.38 -30.00 -23.69
CA THR C 168 -3.70 -29.65 -22.45
C THR C 168 -2.89 -28.38 -22.65
N ALA C 169 -2.44 -27.79 -21.55
CA ALA C 169 -1.58 -26.62 -21.62
C ALA C 169 -0.10 -27.05 -21.64
N SER C 170 0.70 -26.29 -22.39
CA SER C 170 2.08 -26.67 -22.61
C SER C 170 2.95 -26.29 -21.41
N MET C 171 3.86 -27.21 -21.04
CA MET C 171 4.78 -26.97 -19.90
C MET C 171 6.21 -26.90 -20.44
N ASP C 172 6.39 -26.26 -21.61
CA ASP C 172 7.70 -26.14 -22.24
C ASP C 172 8.54 -24.99 -21.74
N ASP C 173 8.02 -24.11 -20.86
CA ASP C 173 8.85 -23.05 -20.32
C ASP C 173 8.74 -22.97 -18.79
N PHE C 174 8.21 -24.01 -18.15
CA PHE C 174 7.90 -23.97 -16.73
C PHE C 174 9.16 -24.18 -15.89
N THR C 175 9.35 -23.33 -14.88
CA THR C 175 10.38 -23.51 -13.88
C THR C 175 9.73 -23.97 -12.59
N PRO C 176 10.19 -25.05 -11.96
CA PRO C 176 9.54 -25.54 -10.75
C PRO C 176 9.75 -24.61 -9.56
N SER C 177 8.64 -24.26 -8.90
CA SER C 177 8.63 -23.23 -7.88
C SER C 177 9.28 -23.68 -6.58
N GLY C 178 9.32 -24.99 -6.33
CA GLY C 178 9.83 -25.53 -5.09
C GLY C 178 8.87 -25.43 -3.92
N GLU C 179 7.65 -24.98 -4.14
CA GLU C 179 6.62 -24.90 -3.11
C GLU C 179 5.35 -25.66 -3.50
N TRP C 180 5.09 -25.82 -4.80
CA TRP C 180 3.90 -26.49 -5.29
C TRP C 180 4.31 -27.43 -6.42
N ASP C 181 3.39 -28.31 -6.81
CA ASP C 181 3.62 -29.22 -7.93
C ASP C 181 2.40 -29.23 -8.82
N ILE C 182 2.53 -28.74 -10.05
CA ILE C 182 1.47 -28.95 -11.03
C ILE C 182 1.48 -30.41 -11.44
N VAL C 183 0.29 -30.99 -11.60
CA VAL C 183 0.18 -32.40 -11.97
C VAL C 183 -0.63 -32.61 -13.25
N ALA C 184 -1.52 -31.69 -13.60
CA ALA C 184 -2.30 -31.75 -14.82
C ALA C 184 -2.83 -30.35 -15.09
N LEU C 185 -2.84 -29.96 -16.35
CA LEU C 185 -3.43 -28.68 -16.79
C LEU C 185 -4.37 -28.93 -17.95
N PRO C 186 -5.56 -29.47 -17.71
CA PRO C 186 -6.49 -29.67 -18.83
C PRO C 186 -7.25 -28.40 -19.15
N GLY C 187 -7.64 -28.30 -20.41
CA GLY C 187 -8.51 -27.23 -20.86
C GLY C 187 -9.71 -27.80 -21.58
N ARG C 188 -10.81 -27.04 -21.55
CA ARG C 188 -12.01 -27.50 -22.21
C ARG C 188 -12.80 -26.28 -22.70
N ARG C 189 -13.64 -26.52 -23.69
CA ARG C 189 -14.49 -25.48 -24.25
C ARG C 189 -15.91 -25.67 -23.71
N THR C 190 -16.51 -24.59 -23.24
CA THR C 190 -17.82 -24.63 -22.60
C THR C 190 -18.80 -23.79 -23.39
N VAL C 191 -19.92 -24.40 -23.79
CA VAL C 191 -20.98 -23.69 -24.51
C VAL C 191 -22.32 -24.22 -23.98
N ASN C 192 -23.31 -23.32 -23.91
CA ASN C 192 -24.62 -23.69 -23.40
C ASN C 192 -25.61 -23.83 -24.54
N PRO C 193 -26.18 -25.01 -24.76
CA PRO C 193 -27.40 -25.09 -25.57
C PRO C 193 -28.55 -24.42 -24.86
N GLN C 194 -29.50 -23.92 -25.67
CA GLN C 194 -30.66 -23.14 -25.23
C GLN C 194 -30.26 -21.85 -24.50
N ASP C 195 -29.07 -21.34 -24.80
CA ASP C 195 -28.53 -20.07 -24.32
C ASP C 195 -27.41 -19.66 -25.25
N PRO C 196 -27.70 -19.00 -26.38
CA PRO C 196 -26.63 -18.57 -27.28
C PRO C 196 -25.84 -17.39 -26.76
N SER C 197 -24.84 -16.97 -27.54
CA SER C 197 -23.87 -15.93 -27.19
C SER C 197 -23.17 -16.24 -25.87
N TYR C 198 -22.50 -17.41 -25.84
CA TYR C 198 -21.70 -17.80 -24.69
C TYR C 198 -20.63 -18.76 -25.19
N VAL C 199 -19.43 -18.25 -25.38
CA VAL C 199 -18.23 -19.07 -25.51
C VAL C 199 -17.51 -19.07 -24.17
N ASP C 200 -16.63 -20.04 -24.00
CA ASP C 200 -15.80 -20.14 -22.80
C ASP C 200 -14.70 -21.15 -23.04
N VAL C 201 -13.49 -20.81 -22.56
CA VAL C 201 -12.36 -21.73 -22.53
C VAL C 201 -11.87 -21.71 -21.09
N THR C 202 -11.97 -22.84 -20.41
CA THR C 202 -11.60 -22.91 -19.01
C THR C 202 -10.39 -23.83 -18.84
N TYR C 203 -9.36 -23.32 -18.17
CA TYR C 203 -8.20 -24.11 -17.81
C TYR C 203 -8.29 -24.48 -16.34
N ASP C 204 -8.08 -25.75 -16.03
CA ASP C 204 -8.05 -26.23 -14.67
C ASP C 204 -6.60 -26.42 -14.27
N PHE C 205 -6.22 -25.87 -13.12
CA PHE C 205 -4.91 -26.10 -12.56
C PHE C 205 -5.08 -26.99 -11.34
N ILE C 206 -4.56 -28.21 -11.43
CA ILE C 206 -4.65 -29.17 -10.34
C ILE C 206 -3.28 -29.22 -9.70
N ILE C 207 -3.18 -28.75 -8.46
CA ILE C 207 -1.89 -28.51 -7.83
C ILE C 207 -1.80 -29.40 -6.59
N LYS C 208 -0.58 -29.79 -6.23
CA LYS C 208 -0.34 -30.55 -5.02
C LYS C 208 0.75 -29.85 -4.22
N ARG C 209 0.53 -29.75 -2.91
CA ARG C 209 1.45 -29.00 -2.05
C ARG C 209 2.66 -29.82 -1.64
N LYS C 210 3.81 -29.11 -1.56
CA LYS C 210 5.05 -29.67 -0.98
C LYS C 210 4.73 -29.73 0.52
N PRO C 211 4.66 -30.93 1.14
CA PRO C 211 4.13 -31.07 2.50
C PRO C 211 5.10 -30.86 3.64
N LEU C 212 6.36 -30.49 3.37
CA LEU C 212 7.38 -30.58 4.42
C LEU C 212 7.50 -29.31 5.26
N PHE C 213 7.25 -28.13 4.67
CA PHE C 213 7.46 -26.88 5.42
C PHE C 213 6.43 -26.71 6.53
N TYR C 214 5.19 -27.09 6.28
CA TYR C 214 4.21 -27.02 7.35
C TYR C 214 4.28 -28.22 8.27
N THR C 215 4.90 -29.32 7.83
CA THR C 215 5.12 -30.45 8.74
C THR C 215 6.20 -30.11 9.77
N ILE C 216 7.25 -29.41 9.36
CA ILE C 216 8.33 -29.08 10.28
C ILE C 216 7.97 -27.94 11.23
N ASN C 217 6.84 -27.25 11.01
CA ASN C 217 6.52 -26.06 11.79
C ASN C 217 5.18 -26.12 12.50
N LEU C 218 4.16 -26.78 11.94
CA LEU C 218 2.83 -26.76 12.53
C LEU C 218 2.27 -28.17 12.73
N ILE C 219 3.08 -29.21 12.58
CA ILE C 219 2.65 -30.58 12.83
C ILE C 219 3.44 -31.22 13.96
N ILE C 220 4.77 -31.03 13.96
CA ILE C 220 5.59 -31.54 15.06
C ILE C 220 5.27 -30.89 16.41
N PRO C 221 5.10 -29.56 16.53
CA PRO C 221 4.59 -29.06 17.82
C PRO C 221 3.14 -29.40 18.09
N CYS C 222 2.34 -29.63 17.04
CA CYS C 222 0.95 -30.04 17.21
C CYS C 222 0.85 -31.46 17.75
N VAL C 223 1.62 -32.39 17.19
CA VAL C 223 1.66 -33.76 17.70
C VAL C 223 2.55 -33.87 18.93
N LEU C 224 3.28 -32.82 19.27
CA LEU C 224 4.17 -32.81 20.42
C LEU C 224 3.47 -32.35 21.70
N THR C 225 2.73 -31.25 21.63
CA THR C 225 1.99 -30.79 22.80
C THR C 225 0.68 -31.53 23.01
N THR C 226 0.29 -32.43 22.10
CA THR C 226 -0.87 -33.28 22.32
C THR C 226 -0.54 -34.47 23.21
N LEU C 227 0.69 -34.97 23.13
CA LEU C 227 1.13 -36.13 23.91
C LEU C 227 1.21 -35.83 25.41
N LEU C 228 1.30 -34.56 25.80
CA LEU C 228 1.38 -34.18 27.21
C LEU C 228 0.03 -33.95 27.83
N ALA C 229 -1.06 -34.20 27.10
CA ALA C 229 -2.39 -33.93 27.63
C ALA C 229 -2.86 -35.03 28.58
N ILE C 230 -2.61 -36.29 28.24
CA ILE C 230 -2.97 -37.40 29.12
C ILE C 230 -1.82 -37.76 30.06
N LEU C 231 -0.83 -36.88 30.15
CA LEU C 231 0.33 -37.09 31.00
C LEU C 231 0.18 -36.43 32.36
N VAL C 232 -0.86 -35.60 32.56
CA VAL C 232 -1.05 -34.93 33.83
C VAL C 232 -1.66 -35.80 34.90
N PHE C 233 -2.07 -37.02 34.57
CA PHE C 233 -2.70 -37.91 35.53
C PHE C 233 -1.71 -38.83 36.21
N TYR C 234 -0.58 -39.12 35.59
CA TYR C 234 0.44 -39.95 36.21
C TYR C 234 1.28 -39.15 37.20
N LEU C 235 1.21 -37.82 37.15
CA LEU C 235 1.95 -37.00 38.09
C LEU C 235 1.29 -37.05 39.47
N PRO C 236 2.07 -37.06 40.55
CA PRO C 236 1.48 -37.09 41.89
C PRO C 236 0.82 -35.77 42.24
N SER C 237 -0.11 -35.85 43.19
CA SER C 237 -0.82 -34.69 43.68
C SER C 237 -0.17 -34.09 44.92
N ASP C 238 1.02 -34.55 45.28
CA ASP C 238 1.73 -34.05 46.45
C ASP C 238 2.68 -32.92 46.06
N CYS C 239 3.46 -33.13 45.00
CA CYS C 239 4.23 -32.04 44.41
C CYS C 239 3.28 -31.18 43.59
N GLY C 240 3.05 -29.95 44.04
CA GLY C 240 2.02 -29.12 43.46
C GLY C 240 2.38 -28.55 42.09
N GLU C 241 2.46 -29.43 41.09
CA GLU C 241 2.79 -29.01 39.73
C GLU C 241 1.85 -29.65 38.72
N LYS C 242 0.61 -29.94 39.11
CA LYS C 242 -0.34 -30.46 38.13
C LYS C 242 -1.01 -29.33 37.37
N MET C 243 -1.37 -28.26 38.09
CA MET C 243 -2.03 -27.12 37.46
C MET C 243 -1.12 -26.40 36.48
N THR C 244 0.18 -26.37 36.77
CA THR C 244 1.16 -25.78 35.86
C THR C 244 1.17 -26.50 34.53
N LEU C 245 1.22 -27.84 34.57
CA LEU C 245 1.28 -28.62 33.33
C LEU C 245 -0.04 -28.57 32.57
N CYS C 246 -1.17 -28.63 33.29
CA CYS C 246 -2.48 -28.57 32.65
C CYS C 246 -2.70 -27.22 31.96
N ILE C 247 -2.40 -26.12 32.67
CA ILE C 247 -2.55 -24.79 32.11
C ILE C 247 -1.60 -24.57 30.94
N SER C 248 -0.37 -25.10 31.03
CA SER C 248 0.58 -24.91 29.95
C SER C 248 0.16 -25.65 28.68
N VAL C 249 -0.39 -26.87 28.83
CA VAL C 249 -0.88 -27.60 27.67
C VAL C 249 -2.10 -26.91 27.05
N LEU C 250 -3.01 -26.40 27.90
CA LEU C 250 -4.20 -25.74 27.36
C LEU C 250 -3.86 -24.43 26.67
N LEU C 251 -2.90 -23.68 27.20
CA LEU C 251 -2.50 -22.44 26.56
C LEU C 251 -1.75 -22.70 25.25
N ALA C 252 -0.97 -23.79 25.19
CA ALA C 252 -0.31 -24.13 23.93
C ALA C 252 -1.34 -24.53 22.87
N LEU C 253 -2.38 -25.27 23.28
CA LEU C 253 -3.43 -25.64 22.33
C LEU C 253 -4.22 -24.42 21.86
N THR C 254 -4.51 -23.46 22.75
CA THR C 254 -5.19 -22.24 22.30
C THR C 254 -4.31 -21.40 21.39
N PHE C 255 -2.99 -21.39 21.63
CA PHE C 255 -2.11 -20.65 20.74
C PHE C 255 -2.05 -21.28 19.36
N PHE C 256 -1.98 -22.61 19.27
CA PHE C 256 -1.98 -23.23 17.95
C PHE C 256 -3.35 -23.18 17.29
N LEU C 257 -4.44 -23.12 18.06
CA LEU C 257 -5.75 -22.94 17.45
C LEU C 257 -5.88 -21.52 16.88
N LEU C 258 -5.30 -20.52 17.54
CA LEU C 258 -5.32 -19.19 16.94
C LEU C 258 -4.33 -19.06 15.80
N LEU C 259 -3.23 -19.81 15.82
CA LEU C 259 -2.26 -19.68 14.74
C LEU C 259 -2.67 -20.47 13.51
N ILE C 260 -3.46 -21.53 13.69
CA ILE C 260 -3.98 -22.25 12.53
C ILE C 260 -5.10 -21.46 11.85
N SER C 261 -5.71 -20.50 12.54
CA SER C 261 -6.80 -19.74 11.95
C SER C 261 -6.31 -18.56 11.13
N LYS C 262 -5.00 -18.35 11.04
CA LYS C 262 -4.43 -17.25 10.27
C LYS C 262 -4.02 -17.68 8.87
N ILE C 263 -3.74 -18.96 8.68
CA ILE C 263 -3.26 -19.47 7.40
C ILE C 263 -4.42 -20.10 6.62
N VAL C 264 -5.44 -20.57 7.32
CA VAL C 264 -6.61 -21.14 6.65
C VAL C 264 -7.42 -19.94 6.11
N PRO C 265 -8.05 -20.05 4.95
CA PRO C 265 -8.94 -18.97 4.51
C PRO C 265 -10.20 -18.95 5.35
N PRO C 266 -10.68 -17.77 5.75
CA PRO C 266 -11.85 -17.68 6.65
C PRO C 266 -13.18 -17.94 5.97
N THR C 267 -13.38 -19.17 5.52
CA THR C 267 -14.62 -19.57 4.89
C THR C 267 -15.31 -20.65 5.71
N SER C 268 -16.64 -20.64 5.70
CA SER C 268 -17.45 -21.57 6.47
C SER C 268 -17.93 -22.75 5.63
N LEU C 269 -17.13 -23.18 4.66
CA LEU C 269 -17.46 -24.37 3.89
C LEU C 269 -17.28 -25.63 4.72
N ASP C 270 -16.05 -25.87 5.18
CA ASP C 270 -15.74 -26.99 6.04
C ASP C 270 -14.47 -26.64 6.80
N VAL C 271 -14.47 -26.94 8.10
CA VAL C 271 -13.29 -26.72 8.93
C VAL C 271 -12.26 -27.80 8.60
N PRO C 272 -10.96 -27.52 8.70
CA PRO C 272 -9.96 -28.55 8.47
C PRO C 272 -9.93 -29.57 9.60
N LEU C 273 -9.24 -30.68 9.34
CA LEU C 273 -9.10 -31.72 10.36
C LEU C 273 -8.22 -31.27 11.51
N ILE C 274 -7.28 -30.36 11.25
CA ILE C 274 -6.42 -29.85 12.32
C ILE C 274 -7.23 -28.99 13.29
N GLY C 275 -8.11 -28.13 12.77
CA GLY C 275 -8.91 -27.29 13.64
C GLY C 275 -9.90 -28.08 14.46
N LYS C 276 -10.52 -29.10 13.85
CA LYS C 276 -11.46 -29.96 14.57
C LYS C 276 -10.73 -30.82 15.59
N TYR C 277 -9.52 -31.26 15.28
CA TYR C 277 -8.73 -32.06 16.21
C TYR C 277 -8.28 -31.23 17.40
N LEU C 278 -7.82 -30.00 17.16
CA LEU C 278 -7.45 -29.13 18.27
C LEU C 278 -8.64 -28.71 19.11
N MET C 279 -9.83 -28.57 18.51
CA MET C 279 -11.02 -28.25 19.30
C MET C 279 -11.40 -29.43 20.19
N PHE C 280 -11.32 -30.65 19.66
CA PHE C 280 -11.58 -31.85 20.45
C PHE C 280 -10.57 -32.00 21.58
N THR C 281 -9.28 -31.81 21.29
CA THR C 281 -8.26 -31.96 22.32
C THR C 281 -8.32 -30.83 23.35
N MET C 282 -8.82 -29.66 22.95
CA MET C 282 -8.95 -28.56 23.91
C MET C 282 -10.10 -28.80 24.87
N VAL C 283 -11.22 -29.33 24.38
CA VAL C 283 -12.31 -29.75 25.28
C VAL C 283 -11.83 -30.88 26.21
N LEU C 284 -10.97 -31.75 25.67
CA LEU C 284 -10.42 -32.85 26.47
C LEU C 284 -9.50 -32.34 27.60
N VAL C 285 -8.66 -31.35 27.30
CA VAL C 285 -7.77 -30.78 28.32
C VAL C 285 -8.57 -29.98 29.34
N THR C 286 -9.66 -29.32 28.93
CA THR C 286 -10.49 -28.61 29.90
C THR C 286 -11.18 -29.58 30.86
N PHE C 287 -11.67 -30.71 30.35
CA PHE C 287 -12.22 -31.72 31.25
C PHE C 287 -11.14 -32.37 32.11
N SER C 288 -9.91 -32.43 31.60
CA SER C 288 -8.78 -32.89 32.40
C SER C 288 -8.48 -31.94 33.56
N ILE C 289 -8.62 -30.64 33.33
CA ILE C 289 -8.43 -29.66 34.41
C ILE C 289 -9.55 -29.77 35.44
N VAL C 290 -10.80 -29.90 34.99
CA VAL C 290 -11.91 -29.94 35.94
C VAL C 290 -11.93 -31.26 36.72
N THR C 291 -11.31 -32.33 36.20
CA THR C 291 -11.17 -33.50 37.06
C THR C 291 -9.88 -33.47 37.88
N SER C 292 -8.83 -32.75 37.44
CA SER C 292 -7.61 -32.70 38.22
C SER C 292 -7.75 -31.82 39.44
N VAL C 293 -8.57 -30.77 39.36
CA VAL C 293 -8.81 -29.92 40.53
C VAL C 293 -9.61 -30.69 41.58
N CYS C 294 -10.58 -31.48 41.15
CA CYS C 294 -11.38 -32.23 42.10
C CYS C 294 -10.62 -33.44 42.66
N VAL C 295 -9.68 -34.01 41.90
CA VAL C 295 -8.87 -35.08 42.46
C VAL C 295 -7.74 -34.50 43.30
N LEU C 296 -7.46 -33.21 43.18
CA LEU C 296 -6.53 -32.54 44.07
C LEU C 296 -7.22 -32.02 45.32
N ASN C 297 -8.54 -31.90 45.29
CA ASN C 297 -9.28 -31.50 46.48
C ASN C 297 -9.40 -32.66 47.46
N VAL C 298 -9.63 -33.88 46.95
CA VAL C 298 -9.78 -35.04 47.84
C VAL C 298 -8.45 -35.50 48.42
N HIS C 299 -7.33 -34.98 47.93
CA HIS C 299 -6.03 -35.31 48.50
C HIS C 299 -5.78 -34.55 49.80
N HIS C 300 -6.27 -33.31 49.90
CA HIS C 300 -6.03 -32.45 51.05
C HIS C 300 -7.19 -32.46 52.05
N ARG C 301 -7.98 -33.52 52.09
CA ARG C 301 -9.04 -33.62 53.07
C ARG C 301 -8.45 -34.17 54.36
N SER C 302 -8.58 -33.42 55.44
CA SER C 302 -8.04 -33.78 56.74
C SER C 302 -9.10 -34.48 57.58
N PRO C 303 -8.70 -35.27 58.58
CA PRO C 303 -9.71 -35.90 59.46
C PRO C 303 -10.43 -34.92 60.35
N SER C 304 -9.88 -33.74 60.61
CA SER C 304 -10.51 -32.78 61.49
C SER C 304 -11.47 -31.85 60.75
N THR C 305 -11.58 -31.98 59.43
CA THR C 305 -12.48 -31.16 58.64
C THR C 305 -13.50 -31.95 57.84
N HIS C 306 -13.30 -33.26 57.64
CA HIS C 306 -14.25 -34.06 56.89
C HIS C 306 -14.41 -35.42 57.55
N THR C 307 -15.50 -36.09 57.20
CA THR C 307 -15.80 -37.43 57.67
C THR C 307 -16.04 -38.35 56.48
N MET C 308 -15.30 -39.46 56.43
CA MET C 308 -15.39 -40.35 55.28
C MET C 308 -16.69 -41.14 55.34
N ALA C 309 -17.49 -41.04 54.28
CA ALA C 309 -18.79 -41.69 54.22
C ALA C 309 -18.64 -43.21 54.10
N PRO C 310 -19.68 -43.97 54.44
CA PRO C 310 -19.59 -45.43 54.28
C PRO C 310 -19.58 -45.90 52.83
N TRP C 311 -20.18 -45.16 51.91
CA TRP C 311 -20.23 -45.63 50.52
C TRP C 311 -18.88 -45.49 49.83
N VAL C 312 -18.12 -44.44 50.15
CA VAL C 312 -16.78 -44.31 49.63
C VAL C 312 -15.82 -45.25 50.34
N LYS C 313 -16.15 -45.68 51.57
CA LYS C 313 -15.48 -46.83 52.18
C LYS C 313 -15.69 -48.10 51.36
N ARG C 314 -16.94 -48.43 51.06
CA ARG C 314 -17.25 -49.72 50.45
C ARG C 314 -17.06 -49.74 48.94
N CYS C 315 -16.77 -48.60 48.29
CA CYS C 315 -16.58 -48.56 46.85
C CYS C 315 -15.14 -48.34 46.43
N PHE C 316 -14.45 -47.37 47.04
CA PHE C 316 -13.09 -46.99 46.63
C PHE C 316 -12.01 -47.71 47.44
N LEU C 317 -12.35 -48.82 48.09
CA LEU C 317 -11.38 -49.60 48.85
C LEU C 317 -11.45 -51.10 48.59
N HIS C 318 -12.57 -51.62 48.10
CA HIS C 318 -12.68 -53.06 47.86
C HIS C 318 -12.95 -53.42 46.42
N LYS C 319 -13.85 -52.70 45.74
CA LYS C 319 -14.22 -53.08 44.37
C LYS C 319 -13.19 -52.59 43.35
N LEU C 320 -13.02 -51.27 43.25
CA LEU C 320 -12.19 -50.68 42.21
C LEU C 320 -10.67 -50.86 42.35
N PRO C 321 -10.05 -50.96 43.54
CA PRO C 321 -8.63 -51.39 43.55
C PRO C 321 -8.42 -52.80 43.05
N THR C 322 -9.45 -53.66 43.10
CA THR C 322 -9.36 -54.98 42.49
C THR C 322 -9.76 -54.95 41.02
N PHE C 323 -10.46 -53.90 40.58
CA PHE C 323 -10.88 -53.76 39.20
C PHE C 323 -9.80 -53.17 38.29
N LEU C 324 -8.83 -52.45 38.85
CA LEU C 324 -7.82 -51.76 38.05
C LEU C 324 -6.40 -52.25 38.33
N PHE C 325 -6.25 -53.38 39.03
CA PHE C 325 -4.98 -54.02 39.37
C PHE C 325 -4.08 -53.06 40.17
N MET C 326 -4.57 -52.69 41.35
CA MET C 326 -3.85 -51.75 42.21
C MET C 326 -3.09 -52.43 43.35
N LYS C 327 -3.71 -53.41 44.00
CA LYS C 327 -3.06 -54.34 44.95
C LYS C 327 -2.50 -53.63 46.19
N ARG C 328 -3.17 -52.56 46.62
CA ARG C 328 -2.79 -51.73 47.78
C ARG C 328 -1.35 -51.23 47.75
N ARG C 451 3.74 -39.53 97.26
CA ARG C 451 2.65 -40.32 96.71
C ARG C 451 1.75 -39.42 95.87
N GLN C 452 1.52 -38.21 96.38
CA GLN C 452 0.69 -37.23 95.68
C GLN C 452 1.36 -36.73 94.41
N ASP C 453 2.69 -36.75 94.38
CA ASP C 453 3.47 -36.38 93.19
C ASP C 453 3.51 -37.51 92.18
N VAL C 454 3.36 -38.75 92.64
CA VAL C 454 3.44 -39.92 91.77
C VAL C 454 2.19 -40.07 90.90
N GLN C 455 1.02 -39.66 91.41
CA GLN C 455 -0.25 -39.95 90.75
C GLN C 455 -0.41 -39.20 89.42
N GLU C 456 0.10 -37.98 89.33
CA GLU C 456 -0.11 -37.17 88.13
C GLU C 456 0.79 -37.61 86.98
N ALA C 457 1.90 -38.27 87.26
CA ALA C 457 2.81 -38.73 86.22
C ALA C 457 2.19 -39.87 85.42
N LEU C 458 1.45 -40.76 86.09
CA LEU C 458 0.76 -41.84 85.40
C LEU C 458 -0.34 -41.31 84.50
N GLU C 459 -1.04 -40.26 84.95
CA GLU C 459 -2.02 -39.58 84.10
C GLU C 459 -1.35 -38.91 82.91
N GLY C 460 -0.14 -38.37 83.12
CA GLY C 460 0.61 -37.81 82.00
C GLY C 460 1.00 -38.84 80.97
N VAL C 461 1.45 -40.02 81.43
CA VAL C 461 1.83 -41.10 80.51
C VAL C 461 0.61 -41.61 79.76
N SER C 462 -0.53 -41.73 80.45
CA SER C 462 -1.77 -42.14 79.79
C SER C 462 -2.23 -41.10 78.77
N PHE C 463 -2.03 -39.82 79.07
CA PHE C 463 -2.40 -38.78 78.12
C PHE C 463 -1.50 -38.80 76.89
N ILE C 464 -0.20 -39.09 77.08
CA ILE C 464 0.72 -39.22 75.95
C ILE C 464 0.33 -40.41 75.07
N ALA C 465 -0.07 -41.52 75.71
CA ALA C 465 -0.50 -42.69 74.96
C ALA C 465 -1.77 -42.44 74.16
N GLN C 466 -2.77 -41.81 74.79
CA GLN C 466 -4.00 -41.49 74.06
C GLN C 466 -3.77 -40.48 72.94
N HIS C 467 -2.88 -39.50 73.17
CA HIS C 467 -2.58 -38.52 72.14
C HIS C 467 -1.91 -39.16 70.94
N MET C 468 -0.93 -40.04 71.18
CA MET C 468 -0.26 -40.70 70.05
C MET C 468 -1.19 -41.69 69.35
N LYS C 469 -2.12 -42.32 70.07
CA LYS C 469 -3.05 -43.22 69.41
C LYS C 469 -4.04 -42.45 68.51
N ASN C 470 -4.53 -41.30 68.99
CA ASN C 470 -5.39 -40.47 68.15
C ASN C 470 -4.63 -39.89 66.96
N ASP C 471 -3.34 -39.56 67.16
CA ASP C 471 -2.52 -39.06 66.08
C ASP C 471 -2.30 -40.13 65.01
N ASP C 472 -2.10 -41.38 65.42
CA ASP C 472 -1.92 -42.45 64.46
C ASP C 472 -3.21 -42.75 63.70
N GLU C 473 -4.36 -42.66 64.38
CA GLU C 473 -5.62 -42.84 63.68
C GLU C 473 -5.88 -41.75 62.66
N ASP C 474 -5.54 -40.50 63.00
CA ASP C 474 -5.69 -39.40 62.04
C ASP C 474 -4.73 -39.55 60.86
N GLN C 475 -3.52 -40.04 61.12
CA GLN C 475 -2.55 -40.27 60.05
C GLN C 475 -3.03 -41.38 59.12
N SER C 476 -3.67 -42.42 59.68
CA SER C 476 -4.20 -43.49 58.86
C SER C 476 -5.36 -43.01 57.98
N VAL C 477 -6.20 -42.12 58.53
CA VAL C 477 -7.32 -41.61 57.74
C VAL C 477 -6.83 -40.69 56.62
N VAL C 478 -5.80 -39.88 56.88
CA VAL C 478 -5.34 -38.99 55.80
C VAL C 478 -4.56 -39.77 54.73
N GLU C 479 -3.88 -40.87 55.12
CA GLU C 479 -3.28 -41.75 54.11
C GLU C 479 -4.35 -42.49 53.31
N ASP C 480 -5.50 -42.80 53.95
CA ASP C 480 -6.61 -43.39 53.22
C ASP C 480 -7.16 -42.41 52.17
N TRP C 481 -7.26 -41.13 52.54
CA TRP C 481 -7.70 -40.11 51.57
C TRP C 481 -6.71 -39.98 50.41
N LYS C 482 -5.41 -40.06 50.70
CA LYS C 482 -4.41 -40.01 49.63
C LYS C 482 -4.56 -41.19 48.68
N TYR C 483 -4.86 -42.38 49.22
CA TYR C 483 -5.03 -43.53 48.34
C TYR C 483 -6.32 -43.44 47.52
N VAL C 484 -7.38 -42.83 48.07
CA VAL C 484 -8.60 -42.59 47.31
C VAL C 484 -8.33 -41.64 46.14
N ALA C 485 -7.54 -40.58 46.40
CA ALA C 485 -7.14 -39.67 45.33
C ALA C 485 -6.34 -40.38 44.25
N MET C 486 -5.46 -41.30 44.65
CA MET C 486 -4.67 -42.07 43.69
C MET C 486 -5.54 -42.96 42.81
N VAL C 487 -6.56 -43.61 43.41
CA VAL C 487 -7.46 -44.48 42.66
C VAL C 487 -8.27 -43.68 41.65
N VAL C 488 -8.81 -42.53 42.07
CA VAL C 488 -9.60 -41.68 41.17
C VAL C 488 -8.74 -41.15 40.03
N ASP C 489 -7.47 -40.83 40.32
CA ASP C 489 -6.56 -40.32 39.30
C ASP C 489 -6.23 -41.38 38.26
N ARG C 490 -5.98 -42.62 38.69
CA ARG C 490 -5.72 -43.70 37.72
C ARG C 490 -6.96 -44.04 36.89
N LEU C 491 -8.14 -43.97 37.52
CA LEU C 491 -9.40 -44.22 36.80
C LEU C 491 -9.60 -43.21 35.68
N PHE C 492 -9.38 -41.93 35.97
CA PHE C 492 -9.53 -40.93 34.91
C PHE C 492 -8.41 -41.02 33.88
N LEU C 493 -7.24 -41.54 34.25
CA LEU C 493 -6.20 -41.80 33.26
C LEU C 493 -6.67 -42.85 32.25
N TRP C 494 -7.21 -43.97 32.76
CA TRP C 494 -7.71 -45.04 31.89
C TRP C 494 -8.86 -44.57 31.00
N VAL C 495 -9.74 -43.71 31.50
CA VAL C 495 -10.84 -43.34 30.60
C VAL C 495 -10.43 -42.24 29.62
N PHE C 496 -9.63 -41.27 30.08
CA PHE C 496 -9.21 -40.15 29.21
C PHE C 496 -8.38 -40.67 28.02
N MET C 497 -7.44 -41.58 28.29
CA MET C 497 -6.58 -42.14 27.21
C MET C 497 -7.46 -42.91 26.23
N PHE C 498 -8.44 -43.67 26.75
CA PHE C 498 -9.35 -44.49 25.93
C PHE C 498 -10.17 -43.60 24.98
N VAL C 499 -10.66 -42.45 25.49
CA VAL C 499 -11.46 -41.55 24.68
C VAL C 499 -10.56 -40.75 23.73
N CYS C 500 -9.28 -40.56 24.07
CA CYS C 500 -8.37 -39.90 23.14
C CYS C 500 -8.05 -40.79 21.95
N VAL C 501 -7.84 -42.09 22.19
CA VAL C 501 -7.58 -43.01 21.08
C VAL C 501 -8.81 -43.13 20.17
N LEU C 502 -10.01 -43.20 20.78
CA LEU C 502 -11.22 -43.25 19.96
C LEU C 502 -11.45 -41.96 19.19
N GLY C 503 -11.10 -40.80 19.77
CA GLY C 503 -11.23 -39.56 19.04
C GLY C 503 -10.27 -39.45 17.88
N THR C 504 -9.02 -39.88 18.07
CA THR C 504 -8.05 -39.86 16.97
C THR C 504 -8.45 -40.79 15.83
N VAL C 505 -8.96 -41.98 16.16
CA VAL C 505 -9.39 -42.91 15.11
C VAL C 505 -10.63 -42.37 14.39
N GLY C 506 -11.61 -41.86 15.14
CA GLY C 506 -12.83 -41.34 14.54
C GLY C 506 -12.64 -40.06 13.76
N LEU C 507 -11.55 -39.32 14.00
CA LEU C 507 -11.28 -38.15 13.18
C LEU C 507 -10.38 -38.47 11.99
N PHE C 508 -9.37 -39.32 12.16
CA PHE C 508 -8.47 -39.70 11.08
C PHE C 508 -8.82 -41.07 10.50
N LEU C 509 -10.12 -41.37 10.44
CA LEU C 509 -10.59 -42.52 9.67
C LEU C 509 -10.16 -42.56 8.20
N PRO C 510 -10.22 -41.46 7.40
CA PRO C 510 -9.74 -41.69 6.03
C PRO C 510 -8.21 -41.70 5.93
N SER D 1 -15.43 -6.04 -43.02
CA SER D 1 -16.18 -5.93 -44.29
C SER D 1 -15.87 -4.60 -44.97
N GLU D 2 -16.42 -4.38 -46.17
CA GLU D 2 -16.18 -3.14 -46.91
C GLU D 2 -17.25 -2.09 -46.60
N ALA D 3 -18.49 -2.52 -46.35
CA ALA D 3 -19.57 -1.58 -46.07
C ALA D 3 -19.52 -1.04 -44.64
N GLU D 4 -18.95 -1.80 -43.70
CA GLU D 4 -18.79 -1.29 -42.35
C GLU D 4 -17.71 -0.23 -42.28
N HIS D 5 -16.69 -0.37 -43.14
CA HIS D 5 -15.56 0.60 -43.22
C HIS D 5 -16.04 1.97 -43.68
N ARG D 6 -16.93 2.02 -44.68
CA ARG D 6 -17.47 3.27 -45.19
C ARG D 6 -18.43 3.91 -44.19
N LEU D 7 -19.20 3.09 -43.47
CA LEU D 7 -20.09 3.62 -42.44
C LEU D 7 -19.31 4.17 -41.26
N PHE D 8 -18.21 3.51 -40.88
CA PHE D 8 -17.38 4.03 -39.79
C PHE D 8 -16.64 5.29 -40.21
N GLU D 9 -16.30 5.40 -41.49
CA GLU D 9 -15.65 6.62 -41.98
C GLU D 9 -16.65 7.77 -42.00
N ARG D 10 -17.89 7.49 -42.40
CA ARG D 10 -18.92 8.53 -42.45
C ARG D 10 -19.36 8.94 -41.05
N LEU D 11 -19.29 8.03 -40.09
CA LEU D 11 -19.96 8.19 -38.80
C LEU D 11 -19.24 9.18 -37.90
N PHE D 12 -17.91 9.29 -38.00
CA PHE D 12 -17.10 10.10 -37.10
C PHE D 12 -16.27 11.14 -37.86
N GLU D 13 -16.85 11.75 -38.90
CA GLU D 13 -16.13 12.80 -39.60
C GLU D 13 -16.09 14.09 -38.79
N ASP D 14 -17.25 14.58 -38.35
CA ASP D 14 -17.36 15.78 -37.52
C ASP D 14 -18.27 15.48 -36.32
N TYR D 15 -17.68 14.96 -35.25
CA TYR D 15 -18.44 14.58 -34.07
C TYR D 15 -17.80 15.23 -32.84
N ASN D 16 -18.40 16.32 -32.36
CA ASN D 16 -18.01 16.88 -31.07
C ASN D 16 -18.42 15.94 -29.94
N GLU D 17 -17.46 15.58 -29.11
CA GLU D 17 -17.63 14.57 -28.08
C GLU D 17 -17.93 15.15 -26.70
N ILE D 18 -18.20 16.45 -26.61
CA ILE D 18 -18.53 17.06 -25.33
C ILE D 18 -19.81 17.87 -25.41
N ILE D 19 -20.57 17.71 -26.49
CA ILE D 19 -21.93 18.20 -26.56
C ILE D 19 -22.88 17.06 -26.26
N ARG D 20 -23.90 17.36 -25.48
CA ARG D 20 -24.82 16.33 -25.03
C ARG D 20 -25.86 15.98 -26.11
N PRO D 21 -26.14 14.69 -26.32
CA PRO D 21 -26.85 14.19 -27.51
C PRO D 21 -28.38 14.29 -27.45
N VAL D 22 -28.88 15.48 -27.73
CA VAL D 22 -30.32 15.73 -27.84
C VAL D 22 -30.59 16.54 -29.10
N ALA D 23 -31.72 16.28 -29.73
CA ALA D 23 -32.10 17.02 -30.92
C ALA D 23 -32.51 18.44 -30.56
N ASN D 24 -33.33 18.58 -29.54
CA ASN D 24 -33.69 19.87 -28.99
C ASN D 24 -32.67 20.18 -27.89
N VAL D 25 -32.86 21.22 -27.09
CA VAL D 25 -31.93 21.56 -26.04
C VAL D 25 -32.51 21.33 -24.65
N SER D 26 -33.76 21.72 -24.43
CA SER D 26 -34.43 21.53 -23.15
C SER D 26 -34.79 20.07 -22.89
N ASP D 27 -34.73 19.22 -23.90
CA ASP D 27 -35.00 17.80 -23.72
C ASP D 27 -33.83 17.17 -22.95
N PRO D 28 -34.10 16.43 -21.88
CA PRO D 28 -33.03 15.68 -21.22
C PRO D 28 -32.84 14.29 -21.80
N VAL D 29 -31.58 13.84 -21.77
CA VAL D 29 -31.30 12.45 -22.09
C VAL D 29 -31.78 11.56 -20.95
N ILE D 30 -32.15 10.34 -21.30
CA ILE D 30 -32.65 9.35 -20.34
C ILE D 30 -31.68 8.19 -20.38
N ILE D 31 -31.07 7.90 -19.24
CA ILE D 31 -29.99 6.92 -19.16
C ILE D 31 -30.50 5.75 -18.33
N HIS D 32 -30.70 4.62 -18.99
CA HIS D 32 -31.07 3.41 -18.27
C HIS D 32 -29.83 2.84 -17.60
N PHE D 33 -29.94 2.59 -16.30
CA PHE D 33 -28.78 2.30 -15.47
C PHE D 33 -29.03 1.01 -14.72
N GLU D 34 -28.10 0.08 -14.83
CA GLU D 34 -28.18 -1.20 -14.14
C GLU D 34 -26.77 -1.59 -13.75
N VAL D 35 -26.63 -2.26 -12.61
CA VAL D 35 -25.33 -2.69 -12.13
C VAL D 35 -25.39 -4.19 -11.87
N SER D 36 -24.28 -4.87 -12.13
CA SER D 36 -24.16 -6.30 -11.91
C SER D 36 -22.94 -6.52 -11.05
N MET D 37 -23.00 -7.53 -10.18
CA MET D 37 -21.91 -7.84 -9.29
C MET D 37 -21.28 -9.16 -9.72
N SER D 38 -19.95 -9.16 -9.85
CA SER D 38 -19.22 -10.38 -10.18
C SER D 38 -18.80 -11.12 -8.92
N GLN D 39 -18.09 -10.45 -8.02
CA GLN D 39 -17.80 -11.02 -6.71
C GLN D 39 -17.67 -9.92 -5.68
N LEU D 40 -17.91 -10.29 -4.43
CA LEU D 40 -17.65 -9.44 -3.27
C LEU D 40 -16.27 -9.78 -2.73
N VAL D 41 -15.30 -8.90 -2.96
CA VAL D 41 -13.90 -9.24 -2.71
C VAL D 41 -13.63 -9.32 -1.20
N LYS D 42 -13.85 -8.21 -0.49
CA LYS D 42 -13.75 -8.21 0.96
C LYS D 42 -14.59 -7.07 1.50
N VAL D 43 -15.04 -7.22 2.74
CA VAL D 43 -15.57 -6.12 3.52
C VAL D 43 -14.74 -6.06 4.81
N ASP D 44 -13.85 -5.07 4.88
CA ASP D 44 -13.01 -4.90 6.07
C ASP D 44 -13.84 -4.31 7.19
N GLU D 45 -14.09 -5.11 8.23
CA GLU D 45 -14.77 -4.57 9.41
C GLU D 45 -13.87 -3.62 10.19
N VAL D 46 -12.55 -3.79 10.10
CA VAL D 46 -11.63 -2.95 10.87
C VAL D 46 -11.52 -1.56 10.26
N ASN D 47 -11.23 -1.49 8.95
CA ASN D 47 -11.02 -0.18 8.27
C ASN D 47 -12.35 0.45 7.78
N GLN D 48 -13.44 -0.31 7.86
CA GLN D 48 -14.78 0.12 7.42
C GLN D 48 -14.78 0.52 5.94
N ILE D 49 -14.51 -0.47 5.10
CA ILE D 49 -14.39 -0.29 3.65
C ILE D 49 -15.04 -1.51 3.01
N MET D 50 -15.33 -1.42 1.71
CA MET D 50 -16.01 -2.50 1.03
C MET D 50 -15.55 -2.55 -0.42
N GLU D 51 -14.95 -3.66 -0.83
CA GLU D 51 -14.37 -3.80 -2.15
C GLU D 51 -15.25 -4.72 -2.99
N THR D 52 -15.77 -4.21 -4.11
CA THR D 52 -16.65 -4.97 -4.98
C THR D 52 -16.17 -4.89 -6.43
N ASN D 53 -16.52 -5.90 -7.22
CA ASN D 53 -16.32 -5.89 -8.67
C ASN D 53 -17.67 -5.67 -9.34
N LEU D 54 -17.83 -4.53 -10.01
CA LEU D 54 -19.11 -4.19 -10.60
C LEU D 54 -18.98 -3.92 -12.10
N TRP D 55 -20.05 -4.27 -12.82
CA TRP D 55 -20.21 -3.93 -14.23
C TRP D 55 -21.35 -2.91 -14.32
N LEU D 56 -21.09 -1.77 -14.96
CA LEU D 56 -22.00 -0.62 -14.91
C LEU D 56 -22.66 -0.46 -16.28
N LYS D 57 -23.77 -1.17 -16.46
CA LYS D 57 -24.47 -1.09 -17.77
C LYS D 57 -25.17 0.27 -17.84
N GLN D 58 -24.80 1.06 -18.85
CA GLN D 58 -25.40 2.37 -19.10
C GLN D 58 -25.92 2.41 -20.54
N ILE D 59 -27.21 2.71 -20.69
CA ILE D 59 -27.88 2.70 -21.98
C ILE D 59 -28.55 4.07 -22.16
N TRP D 60 -28.23 4.75 -23.26
CA TRP D 60 -28.83 6.04 -23.55
C TRP D 60 -29.05 6.15 -25.05
N ASN D 61 -29.79 7.16 -25.46
CA ASN D 61 -30.08 7.34 -26.88
C ASN D 61 -29.19 8.47 -27.42
N ASP D 62 -29.02 8.48 -28.73
CA ASP D 62 -28.11 9.42 -29.39
C ASP D 62 -28.65 9.71 -30.79
N TYR D 63 -29.09 10.95 -31.03
CA TYR D 63 -29.78 11.26 -32.27
C TYR D 63 -28.84 11.31 -33.47
N LYS D 64 -27.54 11.41 -33.25
CA LYS D 64 -26.59 11.63 -34.34
C LYS D 64 -25.96 10.35 -34.86
N LEU D 65 -25.90 9.30 -34.06
CA LEU D 65 -25.23 8.06 -34.46
C LEU D 65 -26.21 7.01 -34.94
N LYS D 66 -27.26 7.41 -35.66
CA LYS D 66 -28.20 6.48 -36.27
C LYS D 66 -28.00 6.45 -37.79
N TRP D 67 -28.14 5.26 -38.38
CA TRP D 67 -27.89 5.08 -39.80
C TRP D 67 -28.94 4.15 -40.37
N ASN D 68 -28.92 3.99 -41.69
CA ASN D 68 -29.84 3.11 -42.39
C ASN D 68 -29.17 1.78 -42.62
N PRO D 69 -29.75 0.66 -42.16
CA PRO D 69 -29.12 -0.65 -42.42
C PRO D 69 -29.16 -1.08 -43.87
N SER D 70 -30.17 -0.66 -44.63
CA SER D 70 -30.33 -1.13 -46.01
C SER D 70 -29.34 -0.51 -46.98
N ASP D 71 -28.60 0.51 -46.56
CA ASP D 71 -27.59 1.15 -47.41
C ASP D 71 -26.16 0.88 -46.97
N TYR D 72 -25.95 0.07 -45.94
CA TYR D 72 -24.60 -0.27 -45.50
C TYR D 72 -24.45 -1.78 -45.33
N GLY D 73 -24.94 -2.53 -46.31
CA GLY D 73 -24.70 -3.96 -46.37
C GLY D 73 -25.43 -4.77 -45.33
N GLY D 74 -26.52 -4.25 -44.78
CA GLY D 74 -27.24 -4.95 -43.74
C GLY D 74 -26.58 -4.92 -42.38
N ALA D 75 -25.58 -4.08 -42.19
CA ALA D 75 -24.93 -3.98 -40.89
C ALA D 75 -25.84 -3.25 -39.91
N GLU D 76 -25.95 -3.78 -38.70
CA GLU D 76 -26.79 -3.18 -37.68
C GLU D 76 -26.05 -2.83 -36.41
N PHE D 77 -24.92 -3.47 -36.12
CA PHE D 77 -24.19 -3.25 -34.89
C PHE D 77 -22.79 -2.75 -35.21
N MET D 78 -22.27 -1.85 -34.38
CA MET D 78 -20.91 -1.35 -34.50
C MET D 78 -20.25 -1.36 -33.13
N ARG D 79 -18.93 -1.55 -33.13
CA ARG D 79 -18.12 -1.37 -31.93
C ARG D 79 -17.21 -0.18 -32.12
N VAL D 80 -17.36 0.82 -31.27
CA VAL D 80 -16.54 2.02 -31.32
C VAL D 80 -15.84 2.13 -29.97
N PRO D 81 -14.69 2.80 -29.91
CA PRO D 81 -14.04 3.01 -28.62
C PRO D 81 -14.81 4.02 -27.78
N ALA D 82 -14.62 3.94 -26.47
CA ALA D 82 -15.27 4.89 -25.58
C ALA D 82 -14.58 6.25 -25.56
N GLN D 83 -13.47 6.40 -26.27
CA GLN D 83 -12.76 7.66 -26.32
C GLN D 83 -13.35 8.60 -27.37
N LYS D 84 -14.16 8.09 -28.29
CA LYS D 84 -14.68 8.91 -29.37
C LYS D 84 -16.11 9.41 -29.15
N ILE D 85 -16.93 8.64 -28.46
CA ILE D 85 -18.34 9.00 -28.28
C ILE D 85 -18.49 9.84 -27.03
N TRP D 86 -19.63 10.53 -26.93
CA TRP D 86 -20.02 11.15 -25.67
C TRP D 86 -20.44 10.07 -24.68
N LYS D 87 -20.11 10.29 -23.41
CA LYS D 87 -20.46 9.32 -22.39
C LYS D 87 -20.64 10.01 -21.05
N PRO D 88 -21.65 9.62 -20.26
CA PRO D 88 -21.98 10.38 -19.06
C PRO D 88 -21.01 10.10 -17.93
N ASP D 89 -21.06 10.98 -16.93
CA ASP D 89 -20.19 10.90 -15.76
C ASP D 89 -20.97 10.37 -14.57
N ILE D 90 -21.06 9.05 -14.49
CA ILE D 90 -21.71 8.36 -13.38
C ILE D 90 -20.66 8.09 -12.31
N VAL D 91 -20.75 8.80 -11.19
CA VAL D 91 -19.73 8.81 -10.15
C VAL D 91 -20.39 8.46 -8.83
N LEU D 92 -19.87 7.45 -8.12
CA LEU D 92 -20.41 7.09 -6.82
C LEU D 92 -19.94 8.08 -5.76
N TYR D 93 -20.88 8.58 -4.95
CA TYR D 93 -20.62 9.66 -3.97
C TYR D 93 -19.83 9.20 -2.75
N ASN D 94 -20.12 8.01 -2.22
CA ASN D 94 -19.48 7.56 -0.99
C ASN D 94 -18.30 6.63 -1.29
N ASN D 95 -17.27 7.22 -1.89
CA ASN D 95 -16.05 6.51 -2.19
C ASN D 95 -15.03 6.82 -1.11
N ALA D 96 -14.07 5.91 -0.90
CA ALA D 96 -13.11 6.06 0.18
C ALA D 96 -11.65 6.02 -0.22
N VAL D 97 -11.28 5.40 -1.35
CA VAL D 97 -9.88 5.29 -1.75
C VAL D 97 -9.81 5.53 -3.25
N GLY D 98 -8.99 6.48 -3.66
CA GLY D 98 -8.60 6.60 -5.05
C GLY D 98 -9.43 7.60 -5.82
N ASP D 99 -9.21 7.60 -7.13
CA ASP D 99 -9.95 8.47 -8.04
C ASP D 99 -11.38 7.97 -8.22
N PHE D 100 -12.22 8.86 -8.73
CA PHE D 100 -13.64 8.56 -8.91
C PHE D 100 -14.00 8.15 -10.32
N GLN D 101 -13.16 8.50 -11.29
CA GLN D 101 -13.45 8.23 -12.70
C GLN D 101 -13.39 6.75 -13.01
N VAL D 102 -14.40 6.26 -13.70
CA VAL D 102 -14.42 4.90 -14.23
C VAL D 102 -13.55 4.84 -15.47
N ASP D 103 -12.89 3.70 -15.67
CA ASP D 103 -11.87 3.58 -16.71
C ASP D 103 -12.53 3.43 -18.06
N ASP D 104 -12.07 4.22 -19.03
CA ASP D 104 -12.63 4.22 -20.37
C ASP D 104 -11.61 3.68 -21.38
N LYS D 105 -11.58 2.35 -21.51
CA LYS D 105 -10.82 1.70 -22.56
C LYS D 105 -11.62 0.60 -23.25
N THR D 106 -12.68 0.11 -22.61
CA THR D 106 -13.61 -0.84 -23.20
C THR D 106 -14.44 -0.17 -24.29
N LYS D 107 -15.09 -1.00 -25.10
CA LYS D 107 -15.76 -0.52 -26.29
C LYS D 107 -17.27 -0.55 -26.11
N ALA D 108 -17.95 0.29 -26.89
CA ALA D 108 -19.39 0.44 -26.82
C ALA D 108 -20.06 -0.40 -27.88
N LEU D 109 -21.37 -0.21 -28.04
CA LEU D 109 -22.16 -0.96 -29.00
C LEU D 109 -23.21 -0.02 -29.58
N LEU D 110 -23.19 0.16 -30.89
CA LEU D 110 -24.12 1.08 -31.55
C LEU D 110 -25.17 0.26 -32.29
N LYS D 111 -26.42 0.37 -31.86
CA LYS D 111 -27.52 -0.12 -32.67
C LYS D 111 -27.86 0.92 -33.73
N TYR D 112 -28.58 0.51 -34.77
CA TYR D 112 -28.91 1.41 -35.87
C TYR D 112 -29.88 2.53 -35.47
N THR D 113 -30.55 2.40 -34.31
CA THR D 113 -31.48 3.42 -33.87
C THR D 113 -30.86 4.39 -32.86
N GLY D 114 -29.59 4.23 -32.55
CA GLY D 114 -28.88 5.16 -31.69
C GLY D 114 -28.63 4.68 -30.26
N GLU D 115 -29.07 3.47 -29.93
CA GLU D 115 -28.96 2.94 -28.57
C GLU D 115 -27.51 2.58 -28.30
N VAL D 116 -26.84 3.40 -27.50
CA VAL D 116 -25.45 3.16 -27.14
C VAL D 116 -25.44 2.38 -25.83
N THR D 117 -24.70 1.28 -25.80
CA THR D 117 -24.62 0.41 -24.64
C THR D 117 -23.16 0.30 -24.26
N TRP D 118 -22.83 0.67 -23.02
CA TRP D 118 -21.45 0.76 -22.58
C TRP D 118 -21.33 0.07 -21.22
N ILE D 119 -20.44 -0.92 -21.14
CA ILE D 119 -20.33 -1.75 -19.94
C ILE D 119 -18.90 -1.67 -19.39
N PRO D 120 -18.53 -0.65 -18.62
CA PRO D 120 -17.18 -0.64 -18.04
C PRO D 120 -17.16 -1.42 -16.74
N PRO D 121 -16.09 -2.18 -16.48
CA PRO D 121 -15.88 -2.76 -15.16
C PRO D 121 -15.03 -1.89 -14.27
N ALA D 122 -15.23 -2.04 -12.96
CA ALA D 122 -14.51 -1.21 -12.01
C ALA D 122 -14.43 -1.89 -10.66
N ILE D 123 -13.32 -1.67 -9.96
CA ILE D 123 -13.22 -1.93 -8.52
C ILE D 123 -13.70 -0.69 -7.79
N PHE D 124 -14.58 -0.88 -6.81
CA PHE D 124 -15.16 0.23 -6.07
C PHE D 124 -14.92 0.02 -4.59
N LYS D 125 -14.46 1.07 -3.91
CA LYS D 125 -14.20 1.04 -2.47
C LYS D 125 -15.25 1.89 -1.77
N SER D 126 -16.38 1.29 -1.46
CA SER D 126 -17.41 1.99 -0.71
C SER D 126 -16.98 2.16 0.75
N SER D 127 -17.66 3.08 1.43
CA SER D 127 -17.30 3.47 2.79
C SER D 127 -18.49 3.32 3.72
N CYS D 128 -19.12 2.16 3.70
CA CYS D 128 -20.30 1.95 4.54
C CYS D 128 -19.89 1.74 6.00
N LYS D 129 -20.79 2.12 6.90
CA LYS D 129 -20.60 1.86 8.31
C LYS D 129 -21.21 0.51 8.69
N ILE D 130 -20.58 -0.17 9.64
CA ILE D 130 -20.98 -1.50 10.04
C ILE D 130 -21.05 -1.57 11.56
N ASP D 131 -22.10 -2.21 12.08
CA ASP D 131 -22.26 -2.41 13.51
C ASP D 131 -21.92 -3.84 13.89
N VAL D 132 -21.10 -3.99 14.93
CA VAL D 132 -20.64 -5.31 15.36
C VAL D 132 -21.18 -5.56 16.77
N THR D 133 -22.37 -5.01 17.07
CA THR D 133 -22.97 -5.23 18.38
C THR D 133 -23.39 -6.69 18.60
N TYR D 134 -23.60 -7.45 17.54
CA TYR D 134 -23.76 -8.89 17.60
C TYR D 134 -22.59 -9.48 16.83
N PHE D 135 -21.97 -10.53 17.36
CA PHE D 135 -20.83 -11.10 16.64
C PHE D 135 -20.62 -12.57 16.97
N PRO D 136 -20.54 -13.45 15.95
CA PRO D 136 -20.63 -13.18 14.52
C PRO D 136 -22.00 -13.43 13.94
N PHE D 137 -23.05 -13.34 14.74
CA PHE D 137 -24.41 -13.61 14.27
C PHE D 137 -25.09 -12.32 13.80
N ASP D 138 -24.42 -11.58 12.93
CA ASP D 138 -24.80 -10.22 12.60
C ASP D 138 -25.25 -10.07 11.15
N TYR D 139 -26.19 -9.15 10.94
CA TYR D 139 -26.55 -8.69 9.63
C TYR D 139 -25.95 -7.31 9.45
N GLN D 140 -25.53 -6.99 8.23
CA GLN D 140 -24.93 -5.70 7.93
C GLN D 140 -25.55 -5.12 6.69
N ASN D 141 -25.71 -3.81 6.69
CA ASN D 141 -26.37 -3.08 5.62
C ASN D 141 -25.40 -2.05 5.08
N CYS D 142 -25.04 -2.16 3.81
CA CYS D 142 -24.11 -1.23 3.18
C CYS D 142 -24.71 -0.72 1.89
N THR D 143 -24.65 0.58 1.70
CA THR D 143 -25.27 1.25 0.56
C THR D 143 -24.21 1.75 -0.40
N MET D 144 -24.60 1.87 -1.67
CA MET D 144 -23.79 2.48 -2.70
C MET D 144 -24.67 3.51 -3.39
N LYS D 145 -24.14 4.71 -3.58
CA LYS D 145 -24.93 5.85 -4.02
C LYS D 145 -24.42 6.32 -5.38
N PHE D 146 -24.96 5.72 -6.43
CA PHE D 146 -24.62 6.09 -7.79
C PHE D 146 -25.44 7.30 -8.21
N GLY D 147 -24.86 8.13 -9.08
CA GLY D 147 -25.57 9.28 -9.55
C GLY D 147 -24.72 10.18 -10.42
N SER D 148 -25.34 11.04 -11.21
CA SER D 148 -24.60 11.95 -12.07
C SER D 148 -23.98 13.06 -11.26
N TRP D 149 -22.85 13.58 -11.75
CA TRP D 149 -22.06 14.52 -10.97
C TRP D 149 -22.31 15.97 -11.32
N SER D 150 -22.46 16.32 -12.60
CA SER D 150 -22.55 17.72 -12.97
C SER D 150 -23.87 18.13 -13.57
N TYR D 151 -24.67 17.20 -14.06
CA TYR D 151 -25.88 17.52 -14.79
C TYR D 151 -27.10 17.48 -13.88
N ASP D 152 -28.07 18.34 -14.19
CA ASP D 152 -29.25 18.55 -13.35
C ASP D 152 -30.21 17.38 -13.48
N LYS D 153 -31.36 17.50 -12.82
CA LYS D 153 -32.45 16.58 -13.08
C LYS D 153 -33.13 16.90 -14.41
N ALA D 154 -32.97 18.12 -14.91
CA ALA D 154 -33.56 18.55 -16.17
C ALA D 154 -32.62 18.34 -17.36
N LYS D 155 -31.49 17.69 -17.17
CA LYS D 155 -30.60 17.40 -18.29
C LYS D 155 -30.21 15.93 -18.35
N ILE D 156 -30.12 15.26 -17.20
CA ILE D 156 -29.94 13.81 -17.16
C ILE D 156 -30.94 13.24 -16.16
N ASP D 157 -31.78 12.32 -16.62
CA ASP D 157 -32.79 11.67 -15.81
C ASP D 157 -32.46 10.19 -15.78
N LEU D 158 -32.04 9.68 -14.63
CA LEU D 158 -31.69 8.27 -14.51
C LEU D 158 -32.94 7.42 -14.34
N VAL D 159 -32.91 6.22 -14.93
CA VAL D 159 -34.00 5.25 -14.85
C VAL D 159 -33.37 3.88 -14.60
N LEU D 160 -33.85 3.18 -13.58
CA LEU D 160 -33.40 1.81 -13.37
C LEU D 160 -34.03 0.88 -14.38
N ILE D 161 -33.24 -0.09 -14.85
CA ILE D 161 -33.80 -1.15 -15.69
C ILE D 161 -34.59 -2.14 -14.84
N GLY D 162 -33.95 -2.78 -13.87
CA GLY D 162 -34.61 -3.69 -12.97
C GLY D 162 -34.93 -3.02 -11.64
N SER D 163 -35.62 -3.77 -10.79
CA SER D 163 -35.94 -3.31 -9.45
C SER D 163 -34.93 -3.77 -8.42
N SER D 164 -33.91 -4.50 -8.85
CA SER D 164 -32.90 -5.05 -7.96
C SER D 164 -31.57 -4.99 -8.68
N MET D 165 -30.58 -5.70 -8.14
CA MET D 165 -29.26 -5.78 -8.74
C MET D 165 -29.04 -7.16 -9.33
N ASN D 166 -28.47 -7.22 -10.53
CA ASN D 166 -28.26 -8.49 -11.23
C ASN D 166 -27.15 -9.26 -10.53
N LEU D 167 -27.54 -10.26 -9.73
CA LEU D 167 -26.64 -11.27 -9.19
C LEU D 167 -26.61 -12.52 -10.05
N LYS D 168 -26.81 -12.39 -11.35
CA LYS D 168 -26.97 -13.54 -12.24
C LYS D 168 -25.64 -14.19 -12.57
N ASP D 169 -24.57 -13.43 -12.68
CA ASP D 169 -23.23 -13.95 -12.92
C ASP D 169 -22.32 -13.80 -11.70
N TYR D 170 -22.86 -14.04 -10.51
CA TYR D 170 -22.15 -13.77 -9.26
C TYR D 170 -21.30 -14.96 -8.85
N TRP D 171 -19.99 -14.74 -8.73
CA TRP D 171 -19.09 -15.70 -8.11
C TRP D 171 -19.36 -15.75 -6.61
N GLU D 172 -19.58 -16.97 -6.10
CA GLU D 172 -19.88 -17.19 -4.66
C GLU D 172 -18.67 -16.81 -3.81
N SER D 173 -18.90 -16.38 -2.58
CA SER D 173 -17.82 -15.94 -1.69
C SER D 173 -17.36 -17.07 -0.78
N GLY D 174 -18.26 -17.58 0.05
CA GLY D 174 -17.92 -18.57 1.06
C GLY D 174 -17.80 -17.99 2.46
N GLU D 175 -17.81 -16.67 2.59
CA GLU D 175 -17.82 -16.01 3.89
C GLU D 175 -19.09 -15.19 4.11
N TRP D 176 -19.47 -14.38 3.14
CA TRP D 176 -20.68 -13.57 3.18
C TRP D 176 -21.71 -14.07 2.20
N ALA D 177 -22.98 -14.00 2.59
CA ALA D 177 -24.10 -14.43 1.75
C ALA D 177 -25.03 -13.26 1.53
N ILE D 178 -25.31 -12.94 0.27
CA ILE D 178 -26.15 -11.80 -0.08
C ILE D 178 -27.61 -12.25 -0.04
N ILE D 179 -28.41 -11.63 0.81
CA ILE D 179 -29.82 -11.98 0.88
C ILE D 179 -30.62 -11.25 -0.19
N LYS D 180 -30.51 -9.93 -0.25
CA LYS D 180 -31.24 -9.13 -1.22
C LYS D 180 -30.46 -7.86 -1.54
N ALA D 181 -30.78 -7.25 -2.67
CA ALA D 181 -30.08 -6.04 -3.12
C ALA D 181 -31.04 -5.16 -3.91
N PRO D 182 -31.87 -4.37 -3.23
CA PRO D 182 -32.83 -3.51 -3.92
C PRO D 182 -32.14 -2.29 -4.52
N GLY D 183 -32.91 -1.52 -5.28
CA GLY D 183 -32.41 -0.30 -5.89
C GLY D 183 -33.45 0.78 -6.02
N TYR D 184 -33.17 1.97 -5.48
CA TYR D 184 -34.17 3.02 -5.35
C TYR D 184 -33.66 4.28 -6.05
N LYS D 185 -34.61 5.13 -6.45
CA LYS D 185 -34.33 6.39 -7.13
C LYS D 185 -34.81 7.55 -6.28
N HIS D 186 -33.96 8.57 -6.11
CA HIS D 186 -34.33 9.73 -5.32
C HIS D 186 -34.06 11.00 -6.11
N ASP D 187 -34.78 12.06 -5.75
CA ASP D 187 -34.57 13.40 -6.31
C ASP D 187 -34.35 14.33 -5.12
N ILE D 188 -33.09 14.64 -4.84
CA ILE D 188 -32.75 15.40 -3.65
C ILE D 188 -32.13 16.72 -4.08
N LYS D 189 -32.15 17.69 -3.16
CA LYS D 189 -31.70 19.04 -3.43
C LYS D 189 -30.68 19.39 -2.37
N TYR D 190 -29.49 19.79 -2.80
CA TYR D 190 -28.41 20.06 -1.86
C TYR D 190 -28.39 21.53 -1.47
N ASN D 191 -27.68 21.83 -0.38
CA ASN D 191 -27.60 23.20 0.11
C ASN D 191 -26.45 24.00 -0.48
N CYS D 192 -25.61 23.39 -1.31
CA CYS D 192 -24.69 24.20 -2.12
C CYS D 192 -25.45 25.00 -3.16
N CYS D 193 -26.36 24.33 -3.86
CA CYS D 193 -26.74 24.66 -5.21
C CYS D 193 -28.26 24.74 -5.32
N GLU D 194 -28.73 25.48 -6.32
CA GLU D 194 -30.15 25.81 -6.42
C GLU D 194 -30.96 24.82 -7.25
N GLU D 195 -30.37 23.71 -7.71
CA GLU D 195 -31.01 22.87 -8.69
C GLU D 195 -31.04 21.41 -8.23
N ILE D 196 -32.01 20.66 -8.75
CA ILE D 196 -32.30 19.31 -8.29
C ILE D 196 -31.39 18.31 -8.98
N TYR D 197 -30.84 17.36 -8.22
CA TYR D 197 -29.97 16.32 -8.75
C TYR D 197 -30.53 14.93 -8.47
N PRO D 198 -30.55 14.03 -9.45
CA PRO D 198 -31.02 12.66 -9.22
C PRO D 198 -29.88 11.74 -8.84
N ASP D 199 -30.25 10.61 -8.24
CA ASP D 199 -29.29 9.57 -7.88
C ASP D 199 -30.02 8.24 -7.74
N ILE D 200 -29.23 7.17 -7.69
CA ILE D 200 -29.74 5.81 -7.57
C ILE D 200 -28.99 5.14 -6.43
N THR D 201 -29.72 4.58 -5.47
CA THR D 201 -29.11 4.01 -4.29
C THR D 201 -29.37 2.51 -4.26
N TYR D 202 -28.29 1.73 -4.21
CA TYR D 202 -28.36 0.29 -4.09
C TYR D 202 -27.99 -0.12 -2.67
N SER D 203 -28.91 -0.79 -1.98
CA SER D 203 -28.63 -1.32 -0.67
C SER D 203 -28.15 -2.76 -0.80
N LEU D 204 -27.45 -3.22 0.23
CA LEU D 204 -27.00 -4.61 0.30
C LEU D 204 -27.22 -5.11 1.71
N TYR D 205 -28.00 -6.17 1.85
CA TYR D 205 -28.32 -6.74 3.15
C TYR D 205 -27.66 -8.12 3.18
N ILE D 206 -26.58 -8.25 3.95
CA ILE D 206 -25.77 -9.46 3.94
C ILE D 206 -25.70 -10.02 5.35
N ARG D 207 -25.38 -11.32 5.42
CA ARG D 207 -25.17 -12.02 6.68
C ARG D 207 -23.88 -12.81 6.65
N ARG D 208 -23.21 -12.87 7.80
CA ARG D 208 -22.01 -13.67 7.94
C ARG D 208 -22.39 -15.12 8.24
N LEU D 209 -21.72 -16.06 7.56
CA LEU D 209 -21.86 -17.48 7.83
C LEU D 209 -21.05 -17.83 9.07
N PRO D 210 -21.72 -18.06 10.21
CA PRO D 210 -21.05 -17.94 11.52
C PRO D 210 -20.39 -19.23 12.00
N LEU D 211 -19.57 -19.84 11.16
CA LEU D 211 -18.90 -21.08 11.54
C LEU D 211 -17.41 -20.91 11.76
N PHE D 212 -16.75 -20.03 11.00
CA PHE D 212 -15.31 -19.83 11.20
C PHE D 212 -15.00 -19.15 12.53
N TYR D 213 -15.85 -18.22 12.96
CA TYR D 213 -15.57 -17.55 14.22
C TYR D 213 -16.16 -18.24 15.44
N THR D 214 -17.10 -19.17 15.27
CA THR D 214 -17.57 -19.90 16.44
C THR D 214 -16.71 -21.09 16.78
N ILE D 215 -15.75 -21.44 15.93
CA ILE D 215 -14.82 -22.52 16.21
C ILE D 215 -13.44 -21.99 16.60
N ASN D 216 -13.20 -20.69 16.42
CA ASN D 216 -11.91 -20.09 16.70
C ASN D 216 -11.94 -18.95 17.71
N LEU D 217 -13.11 -18.43 18.07
CA LEU D 217 -13.16 -17.27 18.94
C LEU D 217 -14.18 -17.35 20.07
N ILE D 218 -15.23 -18.16 19.95
CA ILE D 218 -16.25 -18.27 20.99
C ILE D 218 -16.01 -19.48 21.89
N ILE D 219 -15.74 -20.64 21.30
CA ILE D 219 -15.49 -21.86 22.09
C ILE D 219 -14.21 -21.76 22.94
N PRO D 220 -13.07 -21.20 22.48
CA PRO D 220 -12.00 -20.93 23.46
C PRO D 220 -12.37 -19.90 24.53
N CYS D 221 -13.07 -18.83 24.15
CA CYS D 221 -13.46 -17.80 25.10
C CYS D 221 -14.45 -18.31 26.13
N LEU D 222 -15.54 -18.93 25.67
CA LEU D 222 -16.53 -19.51 26.58
C LEU D 222 -15.98 -20.71 27.33
N LEU D 223 -14.91 -21.34 26.83
CA LEU D 223 -14.34 -22.49 27.49
C LEU D 223 -13.38 -22.09 28.60
N ILE D 224 -12.65 -20.98 28.44
CA ILE D 224 -11.76 -20.53 29.50
C ILE D 224 -12.42 -19.52 30.44
N SER D 225 -13.59 -18.97 30.08
CA SER D 225 -14.27 -18.07 30.99
C SER D 225 -14.99 -18.82 32.11
N PHE D 226 -15.14 -20.13 31.99
CA PHE D 226 -15.78 -20.96 33.00
C PHE D 226 -14.80 -21.48 34.04
N LEU D 227 -13.53 -21.09 33.95
CA LEU D 227 -12.51 -21.54 34.88
C LEU D 227 -12.34 -20.58 36.06
N THR D 228 -12.97 -19.40 36.02
CA THR D 228 -12.78 -18.44 37.09
C THR D 228 -13.62 -18.77 38.32
N VAL D 229 -14.64 -19.62 38.17
CA VAL D 229 -15.38 -20.12 39.33
C VAL D 229 -14.79 -21.41 39.86
N LEU D 230 -13.87 -22.02 39.11
CA LEU D 230 -13.19 -23.25 39.48
C LEU D 230 -12.04 -23.01 40.47
N VAL D 231 -11.70 -21.76 40.75
CA VAL D 231 -10.65 -21.45 41.72
C VAL D 231 -11.09 -21.83 43.13
N PHE D 232 -12.34 -21.57 43.47
CA PHE D 232 -12.78 -21.66 44.86
C PHE D 232 -13.06 -23.09 45.32
N TYR D 233 -12.90 -24.05 44.41
CA TYR D 233 -13.10 -25.48 44.78
C TYR D 233 -11.74 -26.13 45.02
N LEU D 234 -10.68 -25.47 44.52
CA LEU D 234 -9.28 -25.94 44.68
C LEU D 234 -8.86 -25.81 46.14
N PRO D 235 -8.08 -26.77 46.71
CA PRO D 235 -7.65 -26.69 48.10
C PRO D 235 -6.54 -25.64 48.29
N SER D 236 -6.54 -24.96 49.44
CA SER D 236 -5.55 -23.94 49.75
C SER D 236 -4.27 -24.50 50.34
N ASP D 237 -4.23 -25.79 50.67
CA ASP D 237 -3.00 -26.39 51.19
C ASP D 237 -1.94 -26.46 50.09
N CYS D 238 -2.37 -26.66 48.85
CA CYS D 238 -1.47 -26.52 47.72
C CYS D 238 -1.20 -25.04 47.46
N GLY D 239 -0.21 -24.77 46.61
CA GLY D 239 0.18 -23.40 46.35
C GLY D 239 -0.07 -22.97 44.92
N GLU D 240 -1.21 -23.34 44.36
CA GLU D 240 -1.46 -23.09 42.94
C GLU D 240 -2.82 -22.45 42.71
N LYS D 241 -3.24 -21.60 43.65
CA LYS D 241 -4.53 -20.87 43.53
C LYS D 241 -4.29 -19.59 42.71
N VAL D 242 -3.27 -18.82 43.08
CA VAL D 242 -2.92 -17.55 42.39
C VAL D 242 -2.53 -17.83 40.93
N THR D 243 -1.75 -18.90 40.70
CA THR D 243 -1.29 -19.26 39.33
C THR D 243 -2.49 -19.34 38.39
N LEU D 244 -3.40 -20.29 38.65
CA LEU D 244 -4.62 -20.47 37.86
C LEU D 244 -5.32 -19.13 37.61
N CYS D 245 -5.37 -18.28 38.63
CA CYS D 245 -6.03 -16.98 38.53
C CYS D 245 -5.31 -16.07 37.53
N ILE D 246 -3.99 -15.95 37.66
CA ILE D 246 -3.19 -15.15 36.75
C ILE D 246 -3.28 -15.69 35.33
N SER D 247 -3.32 -17.03 35.19
CA SER D 247 -3.40 -17.64 33.87
C SER D 247 -4.70 -17.32 33.16
N VAL D 248 -5.84 -17.42 33.88
CA VAL D 248 -7.10 -17.13 33.23
C VAL D 248 -7.26 -15.63 32.97
N LEU D 249 -6.69 -14.78 33.85
CA LEU D 249 -6.74 -13.32 33.62
C LEU D 249 -5.96 -12.93 32.38
N LEU D 250 -4.72 -13.41 32.26
CA LEU D 250 -3.90 -13.03 31.11
C LEU D 250 -4.39 -13.67 29.82
N SER D 251 -4.99 -14.86 29.89
CA SER D 251 -5.54 -15.47 28.68
C SER D 251 -6.78 -14.70 28.19
N LEU D 252 -7.62 -14.22 29.12
CA LEU D 252 -8.74 -13.37 28.71
C LEU D 252 -8.26 -12.03 28.17
N THR D 253 -7.15 -11.51 28.70
CA THR D 253 -6.58 -10.27 28.17
C THR D 253 -6.07 -10.46 26.74
N VAL D 254 -5.43 -11.60 26.46
CA VAL D 254 -4.94 -11.87 25.10
C VAL D 254 -6.11 -12.06 24.13
N PHE D 255 -7.17 -12.77 24.54
CA PHE D 255 -8.35 -12.87 23.68
C PHE D 255 -9.05 -11.54 23.49
N LEU D 256 -9.05 -10.67 24.49
CA LEU D 256 -9.61 -9.34 24.34
C LEU D 256 -8.79 -8.50 23.36
N LEU D 257 -7.46 -8.63 23.38
CA LEU D 257 -6.61 -7.99 22.38
C LEU D 257 -6.92 -8.47 20.97
N VAL D 258 -7.08 -9.79 20.80
CA VAL D 258 -7.35 -10.36 19.47
C VAL D 258 -8.70 -9.87 18.94
N ILE D 259 -9.73 -9.87 19.79
CA ILE D 259 -11.04 -9.45 19.30
C ILE D 259 -11.10 -7.93 19.10
N THR D 260 -10.41 -7.14 19.94
CA THR D 260 -10.40 -5.69 19.68
C THR D 260 -9.49 -5.33 18.52
N GLU D 261 -8.65 -6.26 18.05
CA GLU D 261 -7.96 -6.05 16.80
C GLU D 261 -8.88 -6.39 15.63
N THR D 262 -9.78 -7.38 15.79
CA THR D 262 -10.61 -7.80 14.67
C THR D 262 -11.95 -7.08 14.59
N ILE D 263 -12.21 -6.10 15.44
CA ILE D 263 -13.44 -5.31 15.37
C ILE D 263 -13.02 -3.88 15.09
N PRO D 264 -13.93 -3.02 14.60
CA PRO D 264 -13.59 -1.60 14.48
C PRO D 264 -13.51 -0.91 15.83
N SER D 265 -12.97 0.31 15.80
CA SER D 265 -12.83 1.14 16.98
C SER D 265 -13.94 2.18 17.06
N THR D 266 -15.12 1.83 16.55
CA THR D 266 -16.29 2.69 16.58
C THR D 266 -16.87 2.77 17.98
N SER D 267 -17.04 4.00 18.48
CA SER D 267 -17.45 4.16 19.87
C SER D 267 -18.97 4.28 20.03
N LEU D 268 -19.76 4.05 18.97
CA LEU D 268 -21.23 4.15 19.10
C LEU D 268 -21.80 3.02 19.93
N VAL D 269 -21.64 1.79 19.48
CA VAL D 269 -22.14 0.64 20.21
C VAL D 269 -20.99 -0.31 20.51
N ILE D 270 -21.16 -1.08 21.58
CA ILE D 270 -20.15 -2.05 21.97
C ILE D 270 -20.65 -3.46 21.68
N PRO D 271 -19.76 -4.38 21.31
CA PRO D 271 -20.18 -5.76 21.08
C PRO D 271 -20.57 -6.46 22.38
N LEU D 272 -21.40 -7.50 22.24
CA LEU D 272 -21.77 -8.28 23.41
C LEU D 272 -20.64 -9.18 23.89
N ILE D 273 -19.72 -9.55 23.00
CA ILE D 273 -18.59 -10.37 23.41
C ILE D 273 -17.57 -9.54 24.18
N GLY D 274 -17.39 -8.27 23.80
CA GLY D 274 -16.53 -7.40 24.58
C GLY D 274 -17.12 -7.07 25.93
N GLU D 275 -18.46 -6.93 26.00
CA GLU D 275 -19.12 -6.73 27.28
C GLU D 275 -19.01 -7.97 28.17
N TYR D 276 -19.09 -9.16 27.58
CA TYR D 276 -18.90 -10.39 28.36
C TYR D 276 -17.47 -10.53 28.84
N LEU D 277 -16.49 -10.15 28.02
CA LEU D 277 -15.10 -10.20 28.45
C LEU D 277 -14.81 -9.19 29.56
N LEU D 278 -15.41 -8.01 29.49
CA LEU D 278 -15.24 -7.02 30.54
C LEU D 278 -15.86 -7.50 31.86
N PHE D 279 -17.08 -8.07 31.78
CA PHE D 279 -17.73 -8.73 32.89
C PHE D 279 -16.84 -9.78 33.54
N THR D 280 -16.25 -10.65 32.73
CA THR D 280 -15.47 -11.77 33.24
C THR D 280 -14.15 -11.28 33.82
N MET D 281 -13.56 -10.21 33.27
CA MET D 281 -12.33 -9.69 33.84
C MET D 281 -12.57 -9.01 35.18
N ILE D 282 -13.69 -8.28 35.32
CA ILE D 282 -14.03 -7.67 36.60
C ILE D 282 -14.26 -8.74 37.66
N PHE D 283 -14.99 -9.81 37.32
CA PHE D 283 -15.23 -10.82 38.34
C PHE D 283 -14.05 -11.74 38.58
N VAL D 284 -13.13 -11.90 37.63
CA VAL D 284 -11.93 -12.68 37.98
C VAL D 284 -10.99 -11.85 38.84
N THR D 285 -10.95 -10.52 38.67
CA THR D 285 -10.13 -9.70 39.57
C THR D 285 -10.70 -9.68 40.99
N LEU D 286 -12.03 -9.62 41.10
CA LEU D 286 -12.65 -9.74 42.42
C LEU D 286 -12.41 -11.13 43.01
N SER D 287 -12.32 -12.16 42.15
CA SER D 287 -11.99 -13.50 42.64
C SER D 287 -10.57 -13.55 43.18
N ILE D 288 -9.63 -12.85 42.56
CA ILE D 288 -8.27 -12.96 43.11
C ILE D 288 -8.11 -12.12 44.36
N VAL D 289 -8.89 -11.05 44.54
CA VAL D 289 -8.77 -10.37 45.84
C VAL D 289 -9.48 -11.16 46.95
N ILE D 290 -10.56 -11.89 46.63
CA ILE D 290 -11.15 -12.81 47.60
C ILE D 290 -10.18 -13.94 47.95
N THR D 291 -9.48 -14.48 46.95
CA THR D 291 -8.62 -15.61 47.24
C THR D 291 -7.32 -15.19 47.92
N VAL D 292 -6.86 -13.95 47.75
CA VAL D 292 -5.71 -13.54 48.54
C VAL D 292 -6.14 -13.22 49.97
N PHE D 293 -7.38 -12.77 50.17
CA PHE D 293 -7.87 -12.63 51.54
C PHE D 293 -8.01 -13.98 52.23
N VAL D 294 -8.47 -15.00 51.51
CA VAL D 294 -8.65 -16.30 52.16
C VAL D 294 -7.30 -17.01 52.33
N LEU D 295 -6.31 -16.70 51.50
CA LEU D 295 -4.96 -17.20 51.76
C LEU D 295 -4.34 -16.50 52.96
N ASN D 296 -4.68 -15.23 53.21
CA ASN D 296 -4.19 -14.61 54.44
C ASN D 296 -4.93 -15.13 55.67
N VAL D 297 -6.20 -15.51 55.51
CA VAL D 297 -6.94 -16.09 56.64
C VAL D 297 -6.41 -17.49 56.96
N HIS D 298 -5.99 -18.25 55.93
CA HIS D 298 -5.58 -19.63 56.15
C HIS D 298 -4.27 -19.72 56.92
N TYR D 299 -3.20 -19.16 56.38
CA TYR D 299 -1.91 -19.20 57.07
C TYR D 299 -1.94 -18.14 58.16
N ARG D 300 -2.46 -18.50 59.32
CA ARG D 300 -2.60 -17.54 60.42
C ARG D 300 -2.52 -18.29 61.74
N THR D 301 -1.44 -18.08 62.47
CA THR D 301 -1.08 -18.75 63.70
C THR D 301 -1.75 -18.09 64.90
N PRO D 302 -1.95 -18.82 66.00
CA PRO D 302 -2.52 -18.19 67.20
C PRO D 302 -1.57 -17.27 67.94
N THR D 303 -0.27 -17.27 67.62
CA THR D 303 0.65 -16.36 68.28
C THR D 303 0.58 -14.95 67.71
N THR D 304 0.20 -14.81 66.44
CA THR D 304 0.17 -13.50 65.79
C THR D 304 -1.20 -12.85 65.83
N HIS D 305 -2.27 -13.64 65.73
CA HIS D 305 -3.62 -13.11 65.67
C HIS D 305 -4.50 -13.82 66.67
N THR D 306 -5.29 -13.06 67.40
CA THR D 306 -6.22 -13.60 68.38
C THR D 306 -7.59 -13.72 67.76
N MET D 307 -8.21 -14.88 67.92
CA MET D 307 -9.51 -15.14 67.29
C MET D 307 -10.62 -14.46 68.07
N PRO D 308 -11.45 -13.62 67.42
CA PRO D 308 -12.56 -12.98 68.14
C PRO D 308 -13.68 -13.94 68.50
N SER D 309 -14.73 -13.41 69.15
CA SER D 309 -15.87 -14.22 69.54
C SER D 309 -17.02 -14.17 68.54
N TRP D 310 -17.14 -13.11 67.75
CA TRP D 310 -18.20 -13.02 66.76
C TRP D 310 -17.91 -13.88 65.54
N VAL D 311 -16.67 -14.33 65.35
CA VAL D 311 -16.34 -15.26 64.29
C VAL D 311 -16.48 -16.71 64.75
N LYS D 312 -16.60 -16.94 66.06
CA LYS D 312 -16.93 -18.27 66.58
C LYS D 312 -18.32 -18.72 66.14
N THR D 313 -19.23 -17.77 65.93
CA THR D 313 -20.63 -18.09 65.67
C THR D 313 -21.06 -17.85 64.23
N VAL D 314 -20.50 -16.85 63.55
CA VAL D 314 -20.95 -16.55 62.19
C VAL D 314 -20.30 -17.48 61.17
N PHE D 315 -18.99 -17.54 61.15
CA PHE D 315 -18.29 -18.32 60.12
C PHE D 315 -18.05 -19.77 60.51
N LEU D 316 -18.57 -20.22 61.64
CA LEU D 316 -18.29 -21.58 62.09
C LEU D 316 -19.53 -22.32 62.56
N ASN D 317 -20.58 -21.62 63.01
CA ASN D 317 -21.77 -22.27 63.55
C ASN D 317 -23.00 -22.04 62.68
N LEU D 318 -23.31 -20.78 62.33
CA LEU D 318 -24.58 -20.48 61.68
C LEU D 318 -24.55 -20.83 60.20
N LEU D 319 -23.45 -20.51 59.51
CA LEU D 319 -23.30 -20.80 58.09
C LEU D 319 -23.10 -22.28 57.73
N PRO D 320 -22.43 -23.13 58.53
CA PRO D 320 -22.51 -24.58 58.22
C PRO D 320 -23.89 -25.19 58.43
N ARG D 321 -24.78 -24.55 59.17
CA ARG D 321 -26.15 -25.02 59.23
C ARG D 321 -26.88 -24.76 57.92
N VAL D 322 -26.68 -23.57 57.35
CA VAL D 322 -27.36 -23.19 56.12
C VAL D 322 -26.77 -23.91 54.92
N MET D 323 -25.44 -23.98 54.85
CA MET D 323 -24.72 -24.50 53.70
C MET D 323 -24.56 -26.02 53.71
N PHE D 324 -25.05 -26.68 54.76
CA PHE D 324 -25.01 -28.15 54.92
C PHE D 324 -23.58 -28.70 54.90
N MET D 325 -22.73 -28.13 55.75
CA MET D 325 -21.35 -28.61 55.88
C MET D 325 -21.30 -29.81 56.82
N THR D 326 -21.75 -29.62 58.07
CA THR D 326 -21.86 -30.62 59.13
C THR D 326 -20.52 -31.31 59.42
N ARG D 327 -19.58 -30.50 59.90
CA ARG D 327 -18.20 -30.87 60.24
C ARG D 327 -17.43 -31.49 59.08
N ILE D 461 15.29 -37.53 91.36
CA ILE D 461 14.10 -38.37 91.30
C ILE D 461 12.88 -37.49 91.07
N LYS D 462 12.75 -36.45 91.90
CA LYS D 462 11.63 -35.52 91.76
C LYS D 462 11.75 -34.69 90.48
N GLU D 463 12.98 -34.45 90.02
CA GLU D 463 13.20 -33.72 88.79
C GLU D 463 12.67 -34.49 87.59
N ALA D 464 12.74 -35.83 87.62
CA ALA D 464 12.19 -36.64 86.55
C ALA D 464 10.67 -36.52 86.49
N ILE D 465 10.01 -36.47 87.65
CA ILE D 465 8.55 -36.33 87.69
C ILE D 465 8.14 -34.94 87.23
N GLN D 466 8.92 -33.91 87.61
CA GLN D 466 8.70 -32.56 87.12
C GLN D 466 8.88 -32.49 85.60
N SER D 467 9.84 -33.23 85.07
CA SER D 467 10.08 -33.23 83.63
C SER D 467 8.94 -33.93 82.89
N VAL D 468 8.40 -35.01 83.47
CA VAL D 468 7.27 -35.68 82.84
C VAL D 468 6.03 -34.79 82.86
N LYS D 469 5.84 -34.03 83.94
CA LYS D 469 4.79 -33.01 83.97
C LYS D 469 5.02 -31.93 82.92
N TYR D 470 6.27 -31.55 82.70
CA TYR D 470 6.62 -30.57 81.68
C TYR D 470 6.31 -31.08 80.29
N ILE D 471 6.61 -32.35 80.01
CA ILE D 471 6.33 -32.95 78.72
C ILE D 471 4.81 -33.03 78.48
N ALA D 472 4.05 -33.36 79.53
CA ALA D 472 2.60 -33.43 79.41
C ALA D 472 1.99 -32.05 79.12
N GLU D 473 2.46 -31.02 79.84
CA GLU D 473 1.97 -29.67 79.60
C GLU D 473 2.38 -29.15 78.22
N ASN D 474 3.57 -29.51 77.76
CA ASN D 474 4.04 -29.10 76.44
C ASN D 474 3.19 -29.72 75.33
N MET D 475 2.88 -31.02 75.46
CA MET D 475 2.07 -31.67 74.44
C MET D 475 0.62 -31.19 74.48
N LYS D 476 0.11 -30.84 75.67
CA LYS D 476 -1.23 -30.28 75.75
C LYS D 476 -1.31 -28.90 75.10
N ALA D 477 -0.28 -28.07 75.30
CA ALA D 477 -0.25 -26.75 74.66
C ALA D 477 -0.11 -26.87 73.15
N GLN D 478 0.66 -27.86 72.68
CA GLN D 478 0.79 -28.09 71.25
C GLN D 478 -0.53 -28.57 70.64
N ASN D 479 -1.26 -29.41 71.37
CA ASN D 479 -2.58 -29.86 70.91
C ASN D 479 -3.57 -28.69 70.83
N GLU D 480 -3.52 -27.78 71.81
CA GLU D 480 -4.42 -26.63 71.80
C GLU D 480 -4.10 -25.68 70.65
N ALA D 481 -2.81 -25.48 70.37
CA ALA D 481 -2.41 -24.64 69.23
C ALA D 481 -2.84 -25.29 67.91
N LYS D 482 -2.75 -26.62 67.84
CA LYS D 482 -3.21 -27.32 66.64
C LYS D 482 -4.71 -27.20 66.44
N GLU D 483 -5.48 -27.18 67.54
CA GLU D 483 -6.92 -26.96 67.43
C GLU D 483 -7.27 -25.55 66.94
N ILE D 484 -6.51 -24.55 67.42
CA ILE D 484 -6.75 -23.18 66.95
C ILE D 484 -6.40 -23.04 65.47
N GLN D 485 -5.32 -23.70 65.02
CA GLN D 485 -4.99 -23.69 63.60
C GLN D 485 -6.04 -24.41 62.76
N ASP D 486 -6.65 -25.47 63.31
CA ASP D 486 -7.73 -26.15 62.59
C ASP D 486 -8.96 -25.26 62.47
N ASP D 487 -9.24 -24.46 63.51
CA ASP D 487 -10.35 -23.51 63.41
C ASP D 487 -10.08 -22.42 62.36
N TRP D 488 -8.84 -21.92 62.30
CA TRP D 488 -8.51 -20.94 61.26
C TRP D 488 -8.54 -21.54 59.86
N LYS D 489 -8.28 -22.83 59.71
CA LYS D 489 -8.44 -23.43 58.38
C LYS D 489 -9.90 -23.64 58.04
N TYR D 490 -10.73 -24.00 59.02
CA TYR D 490 -12.13 -24.30 58.71
C TYR D 490 -12.93 -23.04 58.39
N VAL D 491 -12.58 -21.90 59.01
CA VAL D 491 -13.29 -20.66 58.65
C VAL D 491 -12.92 -20.20 57.24
N ALA D 492 -11.68 -20.45 56.82
CA ALA D 492 -11.28 -20.17 55.44
C ALA D 492 -12.01 -21.08 54.46
N MET D 493 -12.23 -22.33 54.84
CA MET D 493 -13.02 -23.25 54.02
C MET D 493 -14.45 -22.75 53.84
N VAL D 494 -15.04 -22.21 54.93
CA VAL D 494 -16.42 -21.73 54.86
C VAL D 494 -16.54 -20.51 53.96
N ILE D 495 -15.62 -19.53 54.11
CA ILE D 495 -15.61 -18.35 53.25
C ILE D 495 -15.39 -18.73 51.78
N ASP D 496 -14.51 -19.72 51.54
CA ASP D 496 -14.22 -20.17 50.19
C ASP D 496 -15.46 -20.77 49.53
N ARG D 497 -16.18 -21.62 50.26
CA ARG D 497 -17.35 -22.27 49.69
C ARG D 497 -18.51 -21.28 49.47
N ILE D 498 -18.69 -20.31 50.38
CA ILE D 498 -19.81 -19.38 50.19
C ILE D 498 -19.54 -18.43 49.00
N PHE D 499 -18.28 -18.06 48.77
CA PHE D 499 -18.02 -17.31 47.55
C PHE D 499 -18.05 -18.17 46.29
N LEU D 500 -17.83 -19.48 46.42
CA LEU D 500 -18.07 -20.39 45.29
C LEU D 500 -19.53 -20.38 44.89
N TRP D 501 -20.44 -20.47 45.88
CA TRP D 501 -21.89 -20.37 45.61
C TRP D 501 -22.25 -19.06 44.93
N VAL D 502 -21.74 -17.94 45.47
CA VAL D 502 -22.11 -16.61 44.96
C VAL D 502 -21.63 -16.43 43.51
N PHE D 503 -20.36 -16.76 43.25
CA PHE D 503 -19.86 -16.58 41.88
C PHE D 503 -20.41 -17.61 40.91
N THR D 504 -20.84 -18.79 41.37
CA THR D 504 -21.52 -19.73 40.49
C THR D 504 -22.87 -19.17 40.04
N LEU D 505 -23.63 -18.60 40.97
CA LEU D 505 -24.92 -18.00 40.63
C LEU D 505 -24.74 -16.80 39.70
N VAL D 506 -23.73 -15.96 39.97
CA VAL D 506 -23.49 -14.77 39.15
C VAL D 506 -23.04 -15.18 37.75
N CYS D 507 -22.23 -16.24 37.64
CA CYS D 507 -21.73 -16.67 36.33
C CYS D 507 -22.83 -17.28 35.49
N ILE D 508 -23.72 -18.10 36.12
CA ILE D 508 -24.83 -18.67 35.37
C ILE D 508 -25.82 -17.58 34.93
N LEU D 509 -26.11 -16.62 35.83
CA LEU D 509 -27.00 -15.52 35.49
C LEU D 509 -26.42 -14.63 34.39
N GLY D 510 -25.11 -14.43 34.39
CA GLY D 510 -24.49 -13.57 33.41
C GLY D 510 -24.36 -14.22 32.06
N THR D 511 -24.11 -15.54 32.03
CA THR D 511 -24.09 -16.22 30.74
C THR D 511 -25.49 -16.36 30.16
N ALA D 512 -26.51 -16.53 31.01
CA ALA D 512 -27.86 -16.68 30.45
C ALA D 512 -28.44 -15.33 30.02
N GLY D 513 -28.25 -14.28 30.80
CA GLY D 513 -28.92 -13.02 30.54
C GLY D 513 -28.24 -12.11 29.54
N LEU D 514 -27.02 -12.45 29.12
CA LEU D 514 -26.23 -11.61 28.22
C LEU D 514 -25.75 -12.30 26.97
N PHE D 515 -25.72 -13.63 26.92
CA PHE D 515 -25.29 -14.33 25.71
C PHE D 515 -26.37 -15.17 25.07
N LEU D 516 -27.07 -16.01 25.84
CA LEU D 516 -28.03 -16.93 25.24
C LEU D 516 -29.32 -16.23 24.81
N GLN D 517 -29.79 -15.27 25.59
CA GLN D 517 -31.06 -14.61 25.27
C GLN D 517 -31.01 -13.60 24.11
N PRO D 518 -30.02 -12.69 23.99
CA PRO D 518 -30.09 -11.79 22.82
C PRO D 518 -29.71 -12.44 21.51
N LEU D 519 -28.76 -13.36 21.51
CA LEU D 519 -28.35 -14.03 20.27
C LEU D 519 -29.38 -15.02 19.76
N MET D 520 -30.31 -15.47 20.59
CA MET D 520 -31.41 -16.32 20.13
C MET D 520 -32.49 -15.48 19.45
N ARG E 1 -24.30 19.96 -41.01
CA ARG E 1 -25.53 19.20 -40.84
C ARG E 1 -26.39 19.81 -39.74
N VAL E 2 -27.30 19.01 -39.18
CA VAL E 2 -28.14 19.44 -38.08
C VAL E 2 -27.32 19.43 -36.80
N ALA E 3 -27.24 20.57 -36.14
CA ALA E 3 -26.51 20.71 -34.89
C ALA E 3 -27.43 21.30 -33.85
N ASN E 4 -26.99 21.25 -32.58
CA ASN E 4 -27.76 21.82 -31.49
C ASN E 4 -27.49 23.31 -31.38
N ALA E 5 -28.13 23.93 -30.40
CA ALA E 5 -27.71 25.27 -30.00
C ALA E 5 -26.37 25.21 -29.29
N GLU E 6 -26.17 24.18 -28.46
CA GLU E 6 -24.95 24.08 -27.68
C GLU E 6 -23.74 23.79 -28.55
N GLU E 7 -23.90 23.04 -29.64
CA GLU E 7 -22.76 22.76 -30.51
C GLU E 7 -22.30 24.01 -31.24
N LYS E 8 -23.26 24.82 -31.69
CA LYS E 8 -23.00 26.11 -32.38
C LYS E 8 -22.33 27.09 -31.40
N LEU E 9 -22.83 27.18 -30.16
CA LEU E 9 -22.28 28.03 -29.12
C LEU E 9 -20.91 27.55 -28.65
N MET E 10 -20.71 26.23 -28.60
CA MET E 10 -19.43 25.66 -28.22
C MET E 10 -18.38 25.92 -29.29
N ASP E 11 -18.78 25.88 -30.56
CA ASP E 11 -17.85 26.23 -31.64
C ASP E 11 -17.54 27.72 -31.62
N ASP E 12 -18.45 28.55 -31.13
CA ASP E 12 -18.18 29.99 -31.11
C ASP E 12 -17.31 30.39 -29.92
N LEU E 13 -17.53 29.79 -28.74
CA LEU E 13 -16.78 30.23 -27.56
C LEU E 13 -15.33 29.77 -27.61
N LEU E 14 -15.11 28.46 -27.62
CA LEU E 14 -13.76 27.92 -27.52
C LEU E 14 -13.18 27.78 -28.92
N ASN E 15 -12.82 28.92 -29.47
CA ASN E 15 -12.28 29.03 -30.82
C ASN E 15 -10.78 29.28 -30.70
N LYS E 16 -10.00 28.61 -31.55
CA LYS E 16 -8.55 28.56 -31.35
C LYS E 16 -7.89 29.90 -31.64
N THR E 17 -8.50 30.73 -32.47
CA THR E 17 -7.96 32.05 -32.74
C THR E 17 -8.30 33.06 -31.65
N ARG E 18 -9.22 32.73 -30.75
CA ARG E 18 -9.71 33.70 -29.79
C ARG E 18 -9.57 33.26 -28.33
N TYR E 19 -9.57 31.96 -28.04
CA TYR E 19 -9.44 31.48 -26.67
C TYR E 19 -8.22 30.57 -26.51
N ASN E 20 -7.48 30.79 -25.43
CA ASN E 20 -6.28 30.03 -25.10
C ASN E 20 -6.29 29.80 -23.59
N ASN E 21 -6.19 28.55 -23.17
CA ASN E 21 -6.31 28.19 -21.76
C ASN E 21 -5.02 28.31 -20.96
N LEU E 22 -4.05 29.09 -21.43
CA LEU E 22 -2.79 29.25 -20.70
C LEU E 22 -2.46 30.69 -20.39
N ILE E 23 -3.29 31.64 -20.80
CA ILE E 23 -3.14 33.05 -20.45
C ILE E 23 -4.37 33.48 -19.66
N ARG E 24 -4.14 34.16 -18.55
CA ARG E 24 -5.18 34.44 -17.57
C ARG E 24 -6.03 35.64 -18.01
N PRO E 25 -7.33 35.66 -17.64
CA PRO E 25 -8.20 36.76 -18.10
C PRO E 25 -7.90 38.09 -17.43
N ALA E 26 -6.82 38.73 -17.84
CA ALA E 26 -6.47 40.07 -17.40
C ALA E 26 -6.72 41.03 -18.54
N THR E 27 -7.58 42.02 -18.32
CA THR E 27 -7.89 42.97 -19.38
C THR E 27 -6.70 43.88 -19.65
N SER E 28 -5.87 44.13 -18.64
CA SER E 28 -4.67 44.95 -18.77
C SER E 28 -3.58 44.27 -17.95
N SER E 29 -2.49 44.99 -17.71
CA SER E 29 -1.39 44.46 -16.90
C SER E 29 -1.62 44.76 -15.43
N SER E 30 -1.21 43.81 -14.57
CA SER E 30 -1.33 43.87 -13.11
C SER E 30 -2.77 44.11 -12.64
N GLN E 31 -3.69 43.31 -13.16
CA GLN E 31 -5.08 43.29 -12.73
C GLN E 31 -5.34 41.99 -11.98
N LEU E 32 -5.87 42.10 -10.77
CA LEU E 32 -6.04 40.93 -9.90
C LEU E 32 -7.39 40.28 -10.17
N ILE E 33 -7.36 39.01 -10.53
CA ILE E 33 -8.56 38.19 -10.69
C ILE E 33 -9.07 37.80 -9.31
N SER E 34 -10.15 38.43 -8.87
CA SER E 34 -10.73 38.12 -7.56
C SER E 34 -11.51 36.83 -7.68
N ILE E 35 -10.99 35.75 -7.11
CA ILE E 35 -11.72 34.49 -7.03
C ILE E 35 -12.15 34.30 -5.58
N LYS E 36 -13.20 33.50 -5.39
CA LYS E 36 -13.71 33.24 -4.06
C LYS E 36 -14.03 31.76 -3.88
N LEU E 37 -13.77 31.23 -2.69
CA LEU E 37 -13.87 29.79 -2.49
C LEU E 37 -14.55 29.50 -1.16
N GLN E 38 -15.14 28.31 -1.05
CA GLN E 38 -15.93 27.94 0.12
C GLN E 38 -15.99 26.42 0.21
N LEU E 39 -15.50 25.85 1.31
CA LEU E 39 -15.40 24.41 1.47
C LEU E 39 -16.64 23.82 2.13
N SER E 40 -17.09 22.68 1.60
CA SER E 40 -18.25 21.96 2.12
C SER E 40 -17.78 20.55 2.44
N LEU E 41 -17.86 20.16 3.71
CA LEU E 41 -17.38 18.85 4.12
C LEU E 41 -18.44 17.79 3.89
N ALA E 42 -18.00 16.56 3.66
CA ALA E 42 -18.91 15.44 3.47
C ALA E 42 -18.78 14.34 4.51
N GLN E 43 -17.55 13.92 4.85
CA GLN E 43 -17.37 12.82 5.80
C GLN E 43 -15.94 12.80 6.34
N LEU E 44 -15.81 12.56 7.64
CA LEU E 44 -14.55 12.12 8.27
C LEU E 44 -14.45 10.62 8.16
N ILE E 45 -13.80 10.11 7.11
CA ILE E 45 -13.77 8.67 6.93
C ILE E 45 -12.74 8.02 7.86
N SER E 46 -11.57 8.62 8.05
CA SER E 46 -10.58 8.04 8.95
C SER E 46 -9.62 9.12 9.42
N VAL E 47 -9.12 8.95 10.65
CA VAL E 47 -8.02 9.76 11.18
C VAL E 47 -6.98 8.77 11.72
N ASN E 48 -5.90 8.57 10.98
CA ASN E 48 -4.83 7.64 11.35
C ASN E 48 -3.85 8.39 12.23
N GLU E 49 -3.82 8.06 13.53
CA GLU E 49 -2.98 8.78 14.47
C GLU E 49 -1.51 8.38 14.43
N ARG E 50 -1.20 7.16 13.99
CA ARG E 50 0.20 6.72 14.03
C ARG E 50 1.00 7.30 12.87
N GLU E 51 0.39 7.43 11.70
CA GLU E 51 1.04 8.06 10.57
C GLU E 51 0.69 9.53 10.42
N GLN E 52 -0.19 10.05 11.29
CA GLN E 52 -0.59 11.46 11.34
C GLN E 52 -1.23 11.90 10.03
N ILE E 53 -2.19 11.11 9.55
CA ILE E 53 -2.85 11.34 8.28
C ILE E 53 -4.34 11.27 8.50
N MET E 54 -5.03 12.36 8.22
CA MET E 54 -6.49 12.34 8.21
C MET E 54 -6.97 12.22 6.78
N THR E 55 -8.13 11.61 6.59
CA THR E 55 -8.71 11.45 5.27
C THR E 55 -10.11 12.06 5.28
N THR E 56 -10.35 12.98 4.35
CA THR E 56 -11.64 13.65 4.24
C THR E 56 -12.00 13.81 2.77
N ASN E 57 -13.26 13.59 2.42
CA ASN E 57 -13.77 14.00 1.12
C ASN E 57 -14.47 15.35 1.29
N VAL E 58 -13.96 16.36 0.59
CA VAL E 58 -14.49 17.71 0.71
C VAL E 58 -14.88 18.20 -0.67
N TRP E 59 -15.68 19.25 -0.69
CA TRP E 59 -16.21 19.84 -1.92
C TRP E 59 -15.89 21.33 -1.91
N LEU E 60 -14.70 21.71 -2.38
CA LEU E 60 -14.33 23.12 -2.43
C LEU E 60 -15.01 23.79 -3.62
N LYS E 61 -15.89 24.73 -3.34
CA LYS E 61 -16.63 25.43 -4.38
C LYS E 61 -15.91 26.73 -4.66
N GLN E 62 -15.39 26.91 -5.87
CA GLN E 62 -14.62 28.09 -6.22
C GLN E 62 -15.09 28.68 -7.53
N GLU E 63 -15.29 29.99 -7.55
CA GLU E 63 -15.85 30.66 -8.71
C GLU E 63 -15.12 31.97 -8.96
N TRP E 64 -15.06 32.36 -10.23
CA TRP E 64 -14.35 33.54 -10.66
C TRP E 64 -15.08 34.12 -11.86
N THR E 65 -14.44 35.04 -12.58
CA THR E 65 -15.08 35.70 -13.70
C THR E 65 -14.12 35.74 -14.88
N ASP E 66 -14.57 35.22 -16.02
CA ASP E 66 -13.77 35.09 -17.22
C ASP E 66 -14.51 35.83 -18.33
N TYR E 67 -13.93 36.92 -18.84
CA TYR E 67 -14.64 37.75 -19.80
C TYR E 67 -14.65 37.21 -21.21
N ARG E 68 -13.90 36.14 -21.49
CA ARG E 68 -13.98 35.52 -22.82
C ARG E 68 -15.22 34.64 -22.98
N LEU E 69 -15.74 34.08 -21.88
CA LEU E 69 -16.88 33.16 -21.97
C LEU E 69 -18.20 33.88 -21.68
N THR E 70 -18.53 34.87 -22.52
CA THR E 70 -19.82 35.54 -22.44
C THR E 70 -20.54 35.41 -23.77
N TRP E 71 -21.85 35.19 -23.71
CA TRP E 71 -22.67 35.07 -24.90
C TRP E 71 -24.04 35.68 -24.66
N ASN E 72 -24.63 36.21 -25.73
CA ASN E 72 -26.00 36.68 -25.68
C ASN E 72 -26.93 35.47 -25.62
N SER E 73 -27.81 35.43 -24.62
CA SER E 73 -28.60 34.24 -24.37
C SER E 73 -29.70 34.04 -25.40
N SER E 74 -30.30 35.13 -25.87
CA SER E 74 -31.45 35.03 -26.77
C SER E 74 -31.06 34.71 -28.21
N ARG E 75 -29.78 34.83 -28.55
CA ARG E 75 -29.34 34.55 -29.92
C ARG E 75 -29.25 33.05 -30.19
N TYR E 76 -28.87 32.27 -29.17
CA TYR E 76 -28.59 30.84 -29.32
C TYR E 76 -29.73 29.98 -28.79
N GLU E 77 -30.98 30.36 -29.04
CA GLU E 77 -32.23 29.64 -28.73
C GLU E 77 -32.53 29.60 -27.23
N GLY E 78 -31.67 30.17 -26.38
CA GLY E 78 -31.92 30.25 -24.96
C GLY E 78 -31.20 29.16 -24.19
N VAL E 79 -29.99 29.49 -23.71
CA VAL E 79 -29.17 28.60 -22.89
C VAL E 79 -28.50 29.45 -21.82
N ASN E 80 -28.96 29.31 -20.58
CA ASN E 80 -28.40 30.11 -19.50
C ASN E 80 -27.04 29.57 -19.09
N ILE E 81 -26.99 28.31 -18.66
CA ILE E 81 -25.77 27.70 -18.20
C ILE E 81 -25.27 26.76 -19.28
N LEU E 82 -24.01 26.34 -19.17
CA LEU E 82 -23.39 25.54 -20.21
C LEU E 82 -22.21 24.80 -19.58
N ARG E 83 -22.11 23.50 -19.85
CA ARG E 83 -21.13 22.65 -19.19
C ARG E 83 -20.04 22.20 -20.15
N ILE E 84 -18.79 22.40 -19.74
CA ILE E 84 -17.62 22.14 -20.59
C ILE E 84 -16.58 21.40 -19.77
N PRO E 85 -15.78 20.55 -20.43
CA PRO E 85 -14.74 19.81 -19.68
C PRO E 85 -13.64 20.72 -19.17
N ALA E 86 -12.98 20.27 -18.09
CA ALA E 86 -12.10 21.14 -17.33
C ALA E 86 -10.76 21.39 -18.01
N LYS E 87 -10.32 20.50 -18.89
CA LYS E 87 -8.99 20.66 -19.46
C LYS E 87 -8.94 21.72 -20.55
N ARG E 88 -10.08 22.20 -21.03
CA ARG E 88 -10.10 23.09 -22.18
C ARG E 88 -10.23 24.56 -21.84
N ILE E 89 -10.38 24.94 -20.57
CA ILE E 89 -10.41 26.35 -20.21
C ILE E 89 -9.45 26.63 -19.07
N TRP E 90 -9.20 27.91 -18.86
CA TRP E 90 -8.28 28.36 -17.81
C TRP E 90 -8.86 28.12 -16.43
N LEU E 91 -8.01 27.72 -15.49
CA LEU E 91 -8.40 27.57 -14.11
C LEU E 91 -7.20 27.73 -13.19
N PRO E 92 -7.36 28.35 -12.03
CA PRO E 92 -6.24 28.48 -11.11
C PRO E 92 -6.00 27.16 -10.43
N ASP E 93 -4.73 26.88 -10.15
CA ASP E 93 -4.33 25.55 -9.71
C ASP E 93 -4.23 25.48 -8.18
N ILE E 94 -5.38 25.63 -7.53
CA ILE E 94 -5.41 25.61 -6.07
C ILE E 94 -5.40 24.16 -5.59
N VAL E 95 -4.37 23.81 -4.81
CA VAL E 95 -4.22 22.46 -4.26
C VAL E 95 -3.83 22.58 -2.80
N LEU E 96 -3.78 21.44 -2.13
CA LEU E 96 -3.19 21.36 -0.80
C LEU E 96 -1.68 21.40 -0.88
N TYR E 97 -1.06 21.99 0.15
CA TYR E 97 0.36 21.78 0.37
C TYR E 97 0.69 20.77 1.47
N ASN E 98 -0.15 20.63 2.48
CA ASN E 98 0.13 19.70 3.58
C ASN E 98 -0.56 18.35 3.37
N ASN E 99 -0.27 17.71 2.23
CA ASN E 99 -0.75 16.36 1.98
C ASN E 99 0.38 15.34 2.19
N ALA E 100 -0.01 14.13 2.58
CA ALA E 100 0.98 13.11 2.92
C ALA E 100 1.64 12.50 1.70
N ASP E 101 0.92 12.39 0.59
CA ASP E 101 1.52 11.91 -0.65
C ASP E 101 2.30 13.03 -1.34
N GLY E 102 2.88 12.73 -2.49
CA GLY E 102 3.43 13.77 -3.32
C GLY E 102 2.44 14.33 -4.31
N THR E 103 1.16 13.98 -4.18
CA THR E 103 0.13 14.35 -5.15
C THR E 103 -0.27 15.82 -4.93
N TYR E 104 0.61 16.72 -5.35
CA TYR E 104 0.23 18.12 -5.50
C TYR E 104 -0.53 18.37 -6.80
N GLU E 105 -0.72 17.34 -7.63
CA GLU E 105 -1.48 17.48 -8.86
C GLU E 105 -2.95 17.76 -8.57
N VAL E 106 -3.63 18.27 -9.59
CA VAL E 106 -5.06 18.55 -9.48
C VAL E 106 -5.84 17.24 -9.46
N SER E 107 -7.03 17.27 -8.86
CA SER E 107 -7.92 16.12 -8.75
C SER E 107 -8.59 15.80 -10.09
N VAL E 108 -9.59 14.91 -10.04
CA VAL E 108 -10.14 14.26 -11.24
C VAL E 108 -10.90 15.29 -12.09
N TYR E 109 -10.87 15.08 -13.40
CA TYR E 109 -11.25 16.12 -14.35
C TYR E 109 -12.69 16.02 -14.82
N THR E 110 -13.58 16.18 -13.84
CA THR E 110 -15.00 16.35 -14.10
C THR E 110 -15.24 17.72 -14.73
N ASN E 111 -16.28 17.80 -15.55
CA ASN E 111 -16.60 19.05 -16.25
C ASN E 111 -17.17 20.10 -15.30
N LEU E 112 -17.16 21.35 -15.76
CA LEU E 112 -17.44 22.52 -14.91
C LEU E 112 -18.47 23.43 -15.57
N ILE E 113 -19.07 24.27 -14.74
CA ILE E 113 -20.23 25.08 -15.09
C ILE E 113 -19.80 26.52 -15.36
N VAL E 114 -20.23 27.08 -16.50
CA VAL E 114 -20.04 28.48 -16.81
C VAL E 114 -21.39 29.08 -17.18
N ARG E 115 -21.71 30.25 -16.60
CA ARG E 115 -23.01 30.89 -16.79
C ARG E 115 -22.95 31.91 -17.92
N SER E 116 -24.04 32.67 -18.11
CA SER E 116 -24.17 33.54 -19.28
C SER E 116 -23.28 34.77 -19.20
N ASN E 117 -22.94 35.24 -18.00
CA ASN E 117 -22.13 36.43 -17.84
C ASN E 117 -20.65 36.12 -17.60
N GLY E 118 -20.27 34.86 -17.72
CA GLY E 118 -18.89 34.45 -17.60
C GLY E 118 -18.46 34.04 -16.22
N SER E 119 -19.39 33.90 -15.28
CA SER E 119 -19.08 33.46 -13.93
C SER E 119 -18.77 31.97 -13.99
N VAL E 120 -17.49 31.61 -13.92
CA VAL E 120 -17.05 30.23 -14.12
C VAL E 120 -16.93 29.61 -12.75
N LEU E 121 -17.64 28.50 -12.53
CA LEU E 121 -17.68 27.84 -11.24
C LEU E 121 -17.16 26.42 -11.38
N TRP E 122 -16.36 25.96 -10.41
CA TRP E 122 -15.77 24.63 -10.49
C TRP E 122 -15.68 23.96 -9.12
N LEU E 123 -16.20 22.74 -9.04
CA LEU E 123 -16.28 21.96 -7.79
C LEU E 123 -15.83 20.54 -8.11
N PRO E 124 -14.53 20.26 -8.07
CA PRO E 124 -14.07 18.90 -8.35
C PRO E 124 -14.13 18.06 -7.09
N PRO E 125 -14.38 16.75 -7.21
CA PRO E 125 -14.37 15.94 -5.98
C PRO E 125 -12.99 15.37 -5.68
N ALA E 126 -12.67 15.37 -4.40
CA ALA E 126 -11.36 14.90 -3.98
C ALA E 126 -11.42 14.34 -2.58
N ILE E 127 -10.90 13.16 -2.40
CA ILE E 127 -10.51 12.70 -1.08
C ILE E 127 -9.09 13.23 -0.89
N TYR E 128 -8.75 13.63 0.32
CA TYR E 128 -7.43 14.16 0.58
C TYR E 128 -6.85 13.48 1.80
N LYS E 129 -5.57 13.13 1.71
CA LYS E 129 -4.82 12.61 2.84
C LYS E 129 -4.00 13.75 3.42
N SER E 130 -4.67 14.58 4.22
CA SER E 130 -4.03 15.72 4.85
C SER E 130 -3.13 15.29 5.99
N ALA E 131 -2.08 16.06 6.23
CA ALA E 131 -1.08 15.77 7.25
C ALA E 131 -1.23 16.79 8.37
N CYS E 132 -1.63 16.34 9.55
CA CYS E 132 -1.77 17.19 10.71
C CYS E 132 -1.07 16.58 11.90
N LYS E 133 -0.61 17.45 12.80
CA LYS E 133 0.08 16.98 13.99
C LYS E 133 -0.95 16.65 15.07
N ILE E 134 -0.62 15.65 15.87
CA ILE E 134 -1.56 15.04 16.80
C ILE E 134 -1.14 15.43 18.21
N GLU E 135 -1.95 16.25 18.87
CA GLU E 135 -1.73 16.54 20.29
C GLU E 135 -2.22 15.34 21.08
N VAL E 136 -1.30 14.62 21.72
CA VAL E 136 -1.61 13.33 22.30
C VAL E 136 -1.25 13.28 23.79
N LYS E 137 -1.20 14.45 24.43
CA LYS E 137 -0.94 14.53 25.86
C LYS E 137 -2.06 13.90 26.66
N TYR E 138 -3.28 14.37 26.46
CA TYR E 138 -4.47 13.73 27.01
C TYR E 138 -4.91 12.61 26.08
N PHE E 139 -5.32 11.47 26.66
CA PHE E 139 -5.67 10.32 25.84
C PHE E 139 -6.53 9.33 26.64
N PRO E 140 -7.68 8.88 26.11
CA PRO E 140 -8.31 9.25 24.83
C PRO E 140 -9.25 10.44 24.95
N PHE E 141 -9.03 11.31 25.93
CA PHE E 141 -9.89 12.46 26.17
C PHE E 141 -9.27 13.72 25.59
N ASP E 142 -9.11 13.73 24.27
CA ASP E 142 -8.31 14.74 23.59
C ASP E 142 -9.07 15.52 22.54
N GLN E 143 -8.64 16.76 22.36
CA GLN E 143 -9.00 17.58 21.21
C GLN E 143 -7.95 17.36 20.12
N GLN E 144 -8.35 17.59 18.87
CA GLN E 144 -7.41 17.53 17.75
C GLN E 144 -7.65 18.74 16.86
N ASN E 145 -6.64 19.57 16.69
CA ASN E 145 -6.66 20.67 15.74
C ASN E 145 -5.91 20.22 14.49
N CYS E 146 -6.65 19.82 13.45
CA CYS E 146 -6.06 19.41 12.18
C CYS E 146 -6.47 20.37 11.07
N THR E 147 -5.48 20.83 10.31
CA THR E 147 -5.64 21.94 9.37
C THR E 147 -5.53 21.47 7.93
N LEU E 148 -6.14 22.27 7.04
CA LEU E 148 -6.06 22.10 5.59
C LEU E 148 -5.66 23.44 4.98
N LYS E 149 -4.64 23.42 4.12
CA LYS E 149 -3.96 24.62 3.66
C LYS E 149 -4.02 24.70 2.13
N PHE E 150 -4.91 25.52 1.59
CA PHE E 150 -5.06 25.62 0.14
C PHE E 150 -4.27 26.81 -0.38
N ARG E 151 -3.62 26.62 -1.52
CA ARG E 151 -2.72 27.60 -2.11
C ARG E 151 -2.49 27.22 -3.56
N SER E 152 -2.33 28.22 -4.42
CA SER E 152 -2.01 27.98 -5.82
C SER E 152 -0.50 27.89 -6.00
N TRP E 153 -0.02 26.79 -6.57
CA TRP E 153 1.41 26.66 -6.81
C TRP E 153 1.92 27.58 -7.92
N THR E 154 1.13 27.81 -8.97
CA THR E 154 1.62 28.60 -10.10
C THR E 154 1.53 30.09 -9.85
N TYR E 155 0.33 30.62 -9.64
CA TYR E 155 0.18 32.07 -9.52
C TYR E 155 0.45 32.50 -8.07
N ASP E 156 0.26 33.79 -7.78
CA ASP E 156 0.55 34.35 -6.47
C ASP E 156 -0.33 35.56 -6.23
N HIS E 157 -0.09 36.28 -5.13
CA HIS E 157 -0.96 37.37 -4.72
C HIS E 157 -0.80 38.61 -5.59
N THR E 158 0.32 38.73 -6.31
CA THR E 158 0.46 39.79 -7.30
C THR E 158 -0.29 39.49 -8.59
N GLU E 159 -0.93 38.32 -8.71
CA GLU E 159 -1.61 37.91 -9.92
C GLU E 159 -3.05 37.47 -9.68
N ILE E 160 -3.35 36.82 -8.55
CA ILE E 160 -4.71 36.47 -8.19
C ILE E 160 -4.95 36.80 -6.72
N ASP E 161 -6.15 37.29 -6.40
CA ASP E 161 -6.60 37.36 -5.03
C ASP E 161 -7.32 36.08 -4.63
N MET E 162 -7.57 35.92 -3.34
CA MET E 162 -8.18 34.69 -2.85
C MET E 162 -9.06 35.01 -1.65
N VAL E 163 -10.35 35.22 -1.93
CA VAL E 163 -11.28 35.81 -0.97
C VAL E 163 -12.06 34.68 -0.34
N LEU E 164 -12.19 34.70 0.99
CA LEU E 164 -13.02 33.73 1.67
C LEU E 164 -14.47 34.22 1.68
N MET E 165 -15.41 33.31 1.41
CA MET E 165 -16.79 33.72 1.24
C MET E 165 -17.58 33.63 2.55
N THR E 166 -17.57 32.47 3.20
CA THR E 166 -18.19 32.37 4.52
C THR E 166 -17.14 32.00 5.55
N PRO E 167 -17.28 32.48 6.80
CA PRO E 167 -16.23 32.19 7.80
C PRO E 167 -16.16 30.72 8.20
N THR E 168 -17.31 30.04 8.28
CA THR E 168 -17.34 28.64 8.67
C THR E 168 -17.68 27.78 7.45
N ALA E 169 -17.03 26.62 7.37
CA ALA E 169 -17.36 25.68 6.32
C ALA E 169 -18.74 25.07 6.54
N SER E 170 -19.49 24.88 5.46
CA SER E 170 -20.88 24.44 5.59
C SER E 170 -20.92 22.96 5.93
N MET E 171 -21.86 22.58 6.80
CA MET E 171 -21.89 21.24 7.36
C MET E 171 -23.21 20.55 7.03
N ASP E 172 -23.83 20.94 5.91
CA ASP E 172 -25.25 20.63 5.74
C ASP E 172 -25.45 19.21 5.21
N ASP E 173 -24.58 18.74 4.33
CA ASP E 173 -24.64 17.38 3.81
C ASP E 173 -23.90 16.36 4.69
N PHE E 174 -23.46 16.77 5.87
CA PHE E 174 -22.54 15.96 6.67
C PHE E 174 -23.21 14.72 7.23
N THR E 175 -22.60 13.56 6.95
CA THR E 175 -23.03 12.30 7.55
C THR E 175 -22.13 11.99 8.74
N PRO E 176 -22.70 11.54 9.86
CA PRO E 176 -21.89 11.40 11.08
C PRO E 176 -20.90 10.25 11.00
N SER E 177 -19.70 10.50 11.53
CA SER E 177 -18.62 9.53 11.43
C SER E 177 -18.78 8.39 12.42
N GLY E 178 -19.29 8.70 13.62
CA GLY E 178 -19.42 7.71 14.65
C GLY E 178 -18.20 7.48 15.52
N GLU E 179 -17.03 7.97 15.10
CA GLU E 179 -15.82 7.90 15.90
C GLU E 179 -15.33 9.25 16.37
N TRP E 180 -15.52 10.29 15.56
CA TRP E 180 -15.05 11.63 15.87
C TRP E 180 -16.24 12.58 15.93
N ASP E 181 -16.02 13.74 16.53
CA ASP E 181 -17.08 14.75 16.65
C ASP E 181 -16.50 16.12 16.34
N ILE E 182 -16.91 16.71 15.22
CA ILE E 182 -16.51 18.07 14.90
C ILE E 182 -17.33 19.04 15.73
N VAL E 183 -16.68 20.08 16.23
CA VAL E 183 -17.29 20.99 17.19
C VAL E 183 -17.37 22.39 16.59
N ALA E 184 -16.46 22.69 15.67
CA ALA E 184 -16.41 23.97 14.95
C ALA E 184 -15.48 23.78 13.76
N LEU E 185 -15.70 24.58 12.73
CA LEU E 185 -14.85 24.59 11.53
C LEU E 185 -14.55 26.02 11.10
N PRO E 186 -13.62 26.70 11.77
CA PRO E 186 -13.30 28.06 11.35
C PRO E 186 -12.27 28.10 10.23
N GLY E 187 -12.49 29.01 9.30
CA GLY E 187 -11.56 29.24 8.20
C GLY E 187 -11.08 30.67 8.21
N ARG E 188 -9.83 30.86 7.82
CA ARG E 188 -9.24 32.19 7.83
C ARG E 188 -8.40 32.41 6.59
N ARG E 189 -8.24 33.68 6.24
CA ARG E 189 -7.49 34.12 5.06
C ARG E 189 -6.21 34.75 5.57
N THR E 190 -5.08 34.07 5.36
CA THR E 190 -3.82 34.47 5.93
C THR E 190 -2.94 35.13 4.87
N VAL E 191 -2.43 36.32 5.19
CA VAL E 191 -1.50 37.05 4.34
C VAL E 191 -0.43 37.67 5.24
N ASN E 192 0.83 37.58 4.80
CA ASN E 192 1.95 38.13 5.58
C ASN E 192 2.23 39.56 5.13
N PRO E 193 2.16 40.53 6.04
CA PRO E 193 2.69 41.87 5.73
C PRO E 193 4.21 41.86 5.61
N GLN E 194 4.72 42.86 4.89
CA GLN E 194 6.13 42.99 4.50
C GLN E 194 6.62 41.78 3.71
N ASP E 195 5.72 41.14 2.96
CA ASP E 195 5.99 39.99 2.12
C ASP E 195 4.87 39.85 1.09
N PRO E 196 4.97 40.51 -0.06
CA PRO E 196 3.98 40.31 -1.12
C PRO E 196 4.13 38.94 -1.78
N SER E 197 3.14 38.63 -2.62
CA SER E 197 2.99 37.35 -3.32
C SER E 197 2.95 36.15 -2.36
N TYR E 198 2.08 36.27 -1.35
CA TYR E 198 1.77 35.13 -0.48
C TYR E 198 0.37 35.31 0.08
N VAL E 199 -0.59 34.53 -0.41
CA VAL E 199 -1.87 34.34 0.24
C VAL E 199 -2.23 32.86 0.26
N ASP E 200 -2.95 32.46 1.31
CA ASP E 200 -3.57 31.15 1.36
C ASP E 200 -4.83 31.22 2.20
N VAL E 201 -5.63 30.16 2.13
CA VAL E 201 -6.86 30.04 2.89
C VAL E 201 -6.75 28.74 3.65
N THR E 202 -6.85 28.79 4.97
CA THR E 202 -6.69 27.64 5.82
C THR E 202 -7.95 27.37 6.62
N TYR E 203 -8.42 26.13 6.59
CA TYR E 203 -9.50 25.68 7.45
C TYR E 203 -8.92 24.85 8.58
N ASP E 204 -9.52 24.96 9.76
CA ASP E 204 -8.99 24.37 10.98
C ASP E 204 -10.05 23.46 11.58
N PHE E 205 -10.01 22.18 11.21
CA PHE E 205 -10.93 21.20 11.75
C PHE E 205 -10.51 20.90 13.18
N ILE E 206 -11.27 21.41 14.15
CA ILE E 206 -11.05 21.03 15.55
C ILE E 206 -12.08 19.96 15.89
N ILE E 207 -11.58 18.80 16.30
CA ILE E 207 -12.41 17.60 16.45
C ILE E 207 -12.26 17.06 17.85
N LYS E 208 -13.38 16.77 18.49
CA LYS E 208 -13.41 16.08 19.77
C LYS E 208 -13.64 14.59 19.50
N ARG E 209 -13.09 13.75 20.38
CA ARG E 209 -13.10 12.31 20.20
C ARG E 209 -14.13 11.66 21.11
N LYS E 210 -14.85 10.67 20.57
CA LYS E 210 -15.73 9.85 21.40
C LYS E 210 -14.90 8.83 22.16
N PRO E 211 -14.83 8.91 23.49
CA PRO E 211 -13.84 8.11 24.24
C PRO E 211 -14.33 6.77 24.72
N LEU E 212 -15.48 6.28 24.28
CA LEU E 212 -16.08 5.11 24.92
C LEU E 212 -15.42 3.81 24.51
N PHE E 213 -14.69 3.79 23.40
CA PHE E 213 -14.04 2.54 22.97
C PHE E 213 -12.81 2.26 23.82
N TYR E 214 -11.89 3.22 23.87
CA TYR E 214 -10.64 3.04 24.61
C TYR E 214 -10.82 3.17 26.12
N THR E 215 -11.96 3.67 26.59
CA THR E 215 -12.22 3.65 28.04
C THR E 215 -12.50 2.23 28.51
N ILE E 216 -13.37 1.51 27.81
CA ILE E 216 -13.67 0.13 28.15
C ILE E 216 -12.50 -0.78 27.83
N ASN E 217 -11.88 -0.62 26.65
CA ASN E 217 -10.91 -1.61 26.22
C ASN E 217 -9.49 -1.37 26.73
N LEU E 218 -9.14 -0.17 27.20
CA LEU E 218 -7.77 0.05 27.64
C LEU E 218 -7.66 0.64 29.04
N ILE E 219 -8.59 1.52 29.41
CA ILE E 219 -8.48 2.21 30.70
C ILE E 219 -8.85 1.28 31.86
N ILE E 220 -9.87 0.45 31.67
CA ILE E 220 -10.31 -0.48 32.71
C ILE E 220 -9.28 -1.57 33.03
N PRO E 221 -8.62 -2.27 32.08
CA PRO E 221 -7.56 -3.18 32.53
C PRO E 221 -6.33 -2.49 33.08
N CYS E 222 -6.05 -1.26 32.63
CA CYS E 222 -4.98 -0.45 33.22
C CYS E 222 -5.23 -0.17 34.70
N VAL E 223 -6.40 0.39 35.02
CA VAL E 223 -6.70 0.70 36.41
C VAL E 223 -6.97 -0.57 37.21
N LEU E 224 -7.32 -1.67 36.54
CA LEU E 224 -7.46 -2.97 37.20
C LEU E 224 -6.11 -3.49 37.70
N THR E 225 -5.12 -3.53 36.81
CA THR E 225 -3.79 -3.98 37.23
C THR E 225 -3.13 -2.99 38.18
N THR E 226 -3.44 -1.70 38.05
CA THR E 226 -2.93 -0.72 39.00
C THR E 226 -3.55 -0.93 40.39
N LEU E 227 -4.83 -1.33 40.42
CA LEU E 227 -5.46 -1.73 41.68
C LEU E 227 -4.82 -3.00 42.23
N LEU E 228 -4.36 -3.89 41.36
CA LEU E 228 -3.66 -5.10 41.78
C LEU E 228 -2.21 -4.85 42.16
N ALA E 229 -1.66 -3.66 41.87
CA ALA E 229 -0.26 -3.39 42.16
C ALA E 229 0.02 -3.33 43.67
N ILE E 230 -0.94 -2.82 44.45
CA ILE E 230 -0.74 -2.60 45.88
C ILE E 230 -1.27 -3.78 46.70
N LEU E 231 -1.43 -4.94 46.08
CA LEU E 231 -2.17 -6.06 46.65
C LEU E 231 -1.26 -7.21 47.08
N VAL E 232 0.02 -7.20 46.69
CA VAL E 232 0.91 -8.31 47.01
C VAL E 232 1.41 -8.31 48.44
N PHE E 233 1.12 -7.27 49.21
CA PHE E 233 1.63 -7.16 50.56
C PHE E 233 0.70 -7.74 51.61
N TYR E 234 -0.56 -7.97 51.27
CA TYR E 234 -1.48 -8.60 52.20
C TYR E 234 -1.38 -10.12 52.16
N LEU E 235 -0.73 -10.66 51.14
CA LEU E 235 -0.52 -12.10 51.03
C LEU E 235 0.52 -12.54 52.06
N PRO E 236 0.29 -13.65 52.77
CA PRO E 236 1.28 -14.11 53.74
C PRO E 236 2.49 -14.72 53.06
N SER E 237 3.64 -14.56 53.70
CA SER E 237 4.91 -15.03 53.16
C SER E 237 5.14 -16.51 53.34
N ASP E 238 4.28 -17.21 54.08
CA ASP E 238 4.50 -18.64 54.31
C ASP E 238 4.17 -19.45 53.06
N CYS E 239 3.12 -19.05 52.34
CA CYS E 239 2.81 -19.64 51.05
C CYS E 239 3.77 -19.13 49.98
N GLY E 240 4.24 -20.04 49.14
CA GLY E 240 5.23 -19.68 48.15
C GLY E 240 4.65 -19.09 46.88
N GLU E 241 3.88 -18.00 47.01
CA GLU E 241 3.21 -17.38 45.87
C GLU E 241 3.38 -15.87 45.85
N LYS E 242 4.37 -15.33 46.57
CA LYS E 242 4.58 -13.90 46.54
C LYS E 242 5.22 -13.46 45.22
N MET E 243 6.10 -14.27 44.66
CA MET E 243 6.86 -13.83 43.49
C MET E 243 6.01 -13.91 42.23
N THR E 244 5.12 -14.91 42.14
CA THR E 244 4.32 -15.12 40.95
C THR E 244 3.39 -13.94 40.68
N LEU E 245 2.76 -13.42 41.74
CA LEU E 245 1.83 -12.31 41.59
C LEU E 245 2.56 -11.01 41.23
N CYS E 246 3.74 -10.78 41.83
CA CYS E 246 4.52 -9.59 41.54
C CYS E 246 5.02 -9.58 40.10
N ILE E 247 5.64 -10.68 39.66
CA ILE E 247 6.13 -10.78 38.29
C ILE E 247 4.99 -10.74 37.29
N SER E 248 3.83 -11.30 37.64
CA SER E 248 2.69 -11.27 36.73
C SER E 248 2.14 -9.86 36.54
N VAL E 249 2.07 -9.09 37.63
CA VAL E 249 1.61 -7.70 37.52
C VAL E 249 2.62 -6.86 36.74
N LEU E 250 3.92 -7.09 36.96
CA LEU E 250 4.94 -6.33 36.23
C LEU E 250 4.93 -6.66 34.74
N LEU E 251 4.74 -7.93 34.39
CA LEU E 251 4.71 -8.30 32.98
C LEU E 251 3.44 -7.80 32.30
N ALA E 252 2.32 -7.75 33.04
CA ALA E 252 1.10 -7.21 32.45
C ALA E 252 1.24 -5.70 32.21
N LEU E 253 1.92 -4.99 33.13
CA LEU E 253 2.16 -3.57 32.91
C LEU E 253 3.11 -3.32 31.74
N THR E 254 4.15 -4.15 31.58
CA THR E 254 5.01 -3.98 30.41
C THR E 254 4.28 -4.33 29.11
N PHE E 255 3.34 -5.29 29.16
CA PHE E 255 2.53 -5.58 27.99
C PHE E 255 1.63 -4.40 27.60
N PHE E 256 0.98 -3.78 28.59
CA PHE E 256 0.15 -2.63 28.26
C PHE E 256 0.97 -1.40 27.88
N LEU E 257 2.20 -1.28 28.38
CA LEU E 257 3.04 -0.17 27.95
C LEU E 257 3.49 -0.36 26.50
N LEU E 258 3.86 -1.58 26.11
CA LEU E 258 4.19 -1.82 24.71
C LEU E 258 2.97 -1.83 23.82
N LEU E 259 1.77 -2.03 24.37
CA LEU E 259 0.54 -1.89 23.60
C LEU E 259 0.19 -0.43 23.38
N ILE E 260 0.34 0.41 24.40
CA ILE E 260 -0.01 1.82 24.29
C ILE E 260 1.06 2.57 23.49
N SER E 261 2.28 2.03 23.36
CA SER E 261 3.28 2.66 22.52
C SER E 261 3.12 2.35 21.02
N LYS E 262 1.98 1.84 20.58
CA LYS E 262 1.72 1.51 19.19
C LYS E 262 0.59 2.31 18.58
N ILE E 263 -0.50 2.54 19.32
CA ILE E 263 -1.58 3.39 18.83
C ILE E 263 -1.24 4.87 18.94
N VAL E 264 -0.22 5.23 19.73
CA VAL E 264 0.22 6.61 19.90
C VAL E 264 1.16 6.91 18.73
N PRO E 265 1.26 8.14 18.24
CA PRO E 265 2.31 8.44 17.26
C PRO E 265 3.67 8.47 17.94
N PRO E 266 4.75 8.19 17.17
CA PRO E 266 6.10 8.12 17.76
C PRO E 266 6.80 9.48 17.84
N THR E 267 6.15 10.46 18.44
CA THR E 267 6.71 11.79 18.58
C THR E 267 7.31 11.95 19.96
N SER E 268 8.50 12.54 20.01
CA SER E 268 9.17 12.81 21.27
C SER E 268 8.88 14.21 21.81
N LEU E 269 7.90 14.90 21.22
CA LEU E 269 7.57 16.25 21.64
C LEU E 269 6.89 16.24 23.01
N ASP E 270 6.06 15.24 23.26
CA ASP E 270 5.40 15.07 24.55
C ASP E 270 5.01 13.60 24.68
N VAL E 271 4.93 13.15 25.93
CA VAL E 271 4.50 11.78 26.23
C VAL E 271 3.09 11.85 26.81
N PRO E 272 2.24 10.84 26.60
CA PRO E 272 0.88 10.91 27.13
C PRO E 272 0.87 10.66 28.63
N LEU E 273 -0.30 10.88 29.23
CA LEU E 273 -0.43 10.65 30.66
C LEU E 273 -0.46 9.17 31.00
N ILE E 274 -0.94 8.33 30.07
CA ILE E 274 -0.99 6.89 30.34
C ILE E 274 0.41 6.28 30.35
N GLY E 275 1.29 6.72 29.45
CA GLY E 275 2.64 6.19 29.43
C GLY E 275 3.45 6.58 30.66
N LYS E 276 3.31 7.83 31.09
CA LYS E 276 3.97 8.29 32.32
C LYS E 276 3.37 7.61 33.55
N TYR E 277 2.07 7.35 33.53
CA TYR E 277 1.40 6.69 34.64
C TYR E 277 1.84 5.24 34.77
N LEU E 278 1.94 4.52 33.64
CA LEU E 278 2.40 3.14 33.66
C LEU E 278 3.88 3.04 34.00
N MET E 279 4.68 4.05 33.62
CA MET E 279 6.08 4.06 34.02
C MET E 279 6.21 4.25 35.54
N PHE E 280 5.40 5.15 36.10
CA PHE E 280 5.39 5.36 37.55
C PHE E 280 4.97 4.09 38.29
N THR E 281 3.89 3.44 37.83
CA THR E 281 3.40 2.25 38.49
C THR E 281 4.36 1.07 38.30
N MET E 282 5.11 1.05 37.20
CA MET E 282 6.08 -0.01 36.96
C MET E 282 7.29 0.14 37.88
N VAL E 283 7.73 1.38 38.11
CA VAL E 283 8.78 1.63 39.10
C VAL E 283 8.30 1.23 40.50
N LEU E 284 7.02 1.49 40.80
CA LEU E 284 6.47 1.11 42.10
C LEU E 284 6.39 -0.40 42.27
N VAL E 285 6.06 -1.13 41.19
CA VAL E 285 6.00 -2.59 41.26
C VAL E 285 7.40 -3.19 41.37
N THR E 286 8.40 -2.58 40.72
CA THR E 286 9.77 -3.08 40.86
C THR E 286 10.30 -2.87 42.28
N PHE E 287 9.98 -1.73 42.90
CA PHE E 287 10.32 -1.53 44.31
C PHE E 287 9.54 -2.49 45.20
N SER E 288 8.31 -2.84 44.82
CA SER E 288 7.56 -3.85 45.55
C SER E 288 8.22 -5.21 45.46
N ILE E 289 8.82 -5.52 44.31
CA ILE E 289 9.50 -6.81 44.15
C ILE E 289 10.75 -6.87 45.01
N VAL E 290 11.55 -5.79 45.02
CA VAL E 290 12.79 -5.84 45.81
C VAL E 290 12.48 -5.85 47.31
N THR E 291 11.45 -5.11 47.75
CA THR E 291 11.12 -5.20 49.17
C THR E 291 10.39 -6.49 49.52
N SER E 292 9.74 -7.15 48.55
CA SER E 292 9.10 -8.42 48.83
C SER E 292 10.14 -9.53 48.95
N VAL E 293 11.18 -9.50 48.14
CA VAL E 293 12.27 -10.45 48.30
C VAL E 293 13.01 -10.20 49.61
N CYS E 294 13.23 -8.93 49.96
CA CYS E 294 13.98 -8.65 51.17
C CYS E 294 13.16 -8.90 52.43
N VAL E 295 11.82 -8.88 52.34
CA VAL E 295 10.99 -9.27 53.48
C VAL E 295 10.67 -10.76 53.45
N LEU E 296 10.90 -11.44 52.33
CA LEU E 296 10.75 -12.88 52.31
C LEU E 296 12.02 -13.56 52.82
N ASN E 297 13.17 -12.89 52.74
CA ASN E 297 14.38 -13.50 53.26
C ASN E 297 14.37 -13.54 54.79
N VAL E 298 13.81 -12.51 55.43
CA VAL E 298 13.77 -12.47 56.89
C VAL E 298 12.64 -13.31 57.46
N HIS E 299 11.89 -14.02 56.61
CA HIS E 299 10.87 -14.97 57.05
C HIS E 299 11.45 -16.34 57.36
N HIS E 300 12.49 -16.75 56.63
CA HIS E 300 13.04 -18.11 56.72
C HIS E 300 14.34 -18.16 57.53
N ARG E 301 14.58 -17.20 58.40
CA ARG E 301 15.76 -17.21 59.25
C ARG E 301 15.53 -18.12 60.46
N SER E 302 16.52 -18.96 60.76
CA SER E 302 16.48 -19.91 61.85
C SER E 302 17.60 -19.61 62.84
N PRO E 303 17.51 -20.10 64.08
CA PRO E 303 18.64 -19.94 65.01
C PRO E 303 19.90 -20.69 64.65
N SER E 304 19.84 -21.68 63.77
CA SER E 304 21.04 -22.40 63.37
C SER E 304 21.86 -21.66 62.31
N THR E 305 21.33 -20.56 61.77
CA THR E 305 22.07 -19.75 60.80
C THR E 305 22.31 -18.33 61.30
N HIS E 306 21.28 -17.63 61.74
CA HIS E 306 21.40 -16.23 62.10
C HIS E 306 21.10 -16.02 63.58
N THR E 307 21.32 -14.78 64.04
CA THR E 307 21.12 -14.40 65.43
C THR E 307 20.50 -13.02 65.49
N MET E 308 19.41 -12.90 66.24
CA MET E 308 18.61 -11.67 66.26
C MET E 308 19.32 -10.59 67.05
N ALA E 309 19.63 -9.47 66.38
CA ALA E 309 20.33 -8.36 67.00
C ALA E 309 19.42 -7.64 68.01
N PRO E 310 20.00 -6.96 69.00
CA PRO E 310 19.15 -6.30 70.02
C PRO E 310 18.36 -5.10 69.49
N TRP E 311 18.80 -4.44 68.42
CA TRP E 311 18.04 -3.32 67.90
C TRP E 311 16.79 -3.80 67.17
N VAL E 312 16.88 -4.92 66.46
CA VAL E 312 15.69 -5.49 65.83
C VAL E 312 14.85 -6.27 66.85
N LYS E 313 15.44 -6.62 68.00
CA LYS E 313 14.64 -7.02 69.16
C LYS E 313 13.74 -5.87 69.61
N ARG E 314 14.34 -4.72 69.92
CA ARG E 314 13.58 -3.66 70.58
C ARG E 314 12.77 -2.79 69.64
N CYS E 315 13.05 -2.82 68.33
CA CYS E 315 12.33 -1.94 67.41
C CYS E 315 11.09 -2.59 66.79
N PHE E 316 11.24 -3.77 66.19
CA PHE E 316 10.16 -4.38 65.42
C PHE E 316 9.25 -5.28 66.26
N LEU E 317 9.24 -5.09 67.58
CA LEU E 317 8.36 -5.85 68.45
C LEU E 317 7.60 -5.02 69.47
N HIS E 318 8.04 -3.81 69.80
CA HIS E 318 7.37 -3.02 70.81
C HIS E 318 6.80 -1.72 70.26
N LYS E 319 7.60 -0.98 69.49
CA LYS E 319 7.17 0.34 69.05
C LYS E 319 6.20 0.25 67.87
N LEU E 320 6.68 -0.30 66.75
CA LEU E 320 5.92 -0.42 65.52
C LEU E 320 4.70 -1.36 65.52
N PRO E 321 4.67 -2.50 66.24
CA PRO E 321 3.39 -3.23 66.32
C PRO E 321 2.31 -2.50 67.10
N THR E 322 2.68 -1.66 68.07
CA THR E 322 1.71 -0.78 68.71
C THR E 322 1.45 0.46 67.88
N PHE E 323 2.32 0.77 66.91
CA PHE E 323 2.14 1.88 66.00
C PHE E 323 1.30 1.53 64.77
N LEU E 324 1.38 0.28 64.32
CA LEU E 324 0.69 -0.18 63.12
C LEU E 324 -0.56 -1.01 63.40
N PHE E 325 -1.04 -1.01 64.66
CA PHE E 325 -2.26 -1.71 65.10
C PHE E 325 -2.16 -3.22 64.85
N MET E 326 -1.18 -3.84 65.50
CA MET E 326 -0.96 -5.28 65.43
C MET E 326 -1.44 -6.02 66.68
N LYS E 327 -0.95 -5.61 67.85
CA LYS E 327 -1.46 -5.98 69.18
C LYS E 327 -1.28 -7.47 69.48
N ARG E 328 -0.30 -8.09 68.83
CA ARG E 328 0.11 -9.49 69.04
C ARG E 328 -1.01 -10.52 68.94
N ARG E 451 19.20 -50.17 90.61
CA ARG E 451 20.01 -49.06 91.12
C ARG E 451 20.84 -48.44 90.00
N GLN E 452 21.73 -49.24 89.41
CA GLN E 452 22.56 -48.74 88.30
C GLN E 452 21.76 -48.61 87.01
N ASP E 453 20.78 -49.48 86.79
CA ASP E 453 19.95 -49.37 85.59
C ASP E 453 18.92 -48.26 85.74
N VAL E 454 18.52 -47.97 86.98
CA VAL E 454 17.53 -46.92 87.23
C VAL E 454 18.18 -45.55 87.04
N GLN E 455 19.49 -45.46 87.30
CA GLN E 455 20.22 -44.19 87.23
C GLN E 455 20.31 -43.66 85.80
N GLU E 456 20.45 -44.56 84.82
CA GLU E 456 20.54 -44.14 83.42
C GLU E 456 19.19 -43.67 82.87
N ALA E 457 18.09 -44.15 83.45
CA ALA E 457 16.75 -43.77 83.00
C ALA E 457 16.47 -42.30 83.27
N LEU E 458 16.88 -41.81 84.45
CA LEU E 458 16.71 -40.40 84.78
C LEU E 458 17.54 -39.52 83.86
N GLU E 459 18.73 -39.99 83.47
CA GLU E 459 19.56 -39.25 82.52
C GLU E 459 18.88 -39.18 81.15
N GLY E 460 18.26 -40.28 80.71
CA GLY E 460 17.55 -40.27 79.45
C GLY E 460 16.32 -39.36 79.46
N VAL E 461 15.56 -39.37 80.55
CA VAL E 461 14.38 -38.52 80.64
C VAL E 461 14.77 -37.05 80.73
N SER E 462 15.88 -36.75 81.43
CA SER E 462 16.38 -35.38 81.48
C SER E 462 16.88 -34.92 80.11
N PHE E 463 17.48 -35.82 79.33
CA PHE E 463 17.90 -35.46 77.98
C PHE E 463 16.70 -35.20 77.08
N ILE E 464 15.63 -35.99 77.24
CA ILE E 464 14.41 -35.76 76.47
C ILE E 464 13.79 -34.41 76.80
N ALA E 465 13.77 -34.06 78.10
CA ALA E 465 13.22 -32.77 78.52
C ALA E 465 14.05 -31.59 78.01
N GLN E 466 15.38 -31.71 78.07
CA GLN E 466 16.25 -30.67 77.52
C GLN E 466 16.07 -30.51 76.02
N HIS E 467 15.91 -31.62 75.29
CA HIS E 467 15.73 -31.55 73.84
C HIS E 467 14.41 -30.89 73.48
N MET E 468 13.34 -31.22 74.20
CA MET E 468 12.05 -30.60 73.92
C MET E 468 12.02 -29.12 74.30
N LYS E 469 12.74 -28.74 75.36
CA LYS E 469 12.81 -27.33 75.72
C LYS E 469 13.60 -26.52 74.69
N ASN E 470 14.69 -27.10 74.17
CA ASN E 470 15.46 -26.43 73.12
C ASN E 470 14.64 -26.32 71.83
N ASP E 471 13.83 -27.34 71.54
CA ASP E 471 12.96 -27.31 70.36
C ASP E 471 11.91 -26.21 70.50
N ASP E 472 11.35 -26.05 71.70
CA ASP E 472 10.38 -24.97 71.92
C ASP E 472 11.02 -23.59 71.84
N GLU E 473 12.28 -23.46 72.29
CA GLU E 473 12.97 -22.18 72.15
C GLU E 473 13.22 -21.83 70.68
N ASP E 474 13.64 -22.81 69.87
CA ASP E 474 13.87 -22.54 68.45
C ASP E 474 12.55 -22.23 67.73
N GLN E 475 11.46 -22.87 68.14
CA GLN E 475 10.16 -22.57 67.54
C GLN E 475 9.69 -21.18 67.91
N SER E 476 9.99 -20.73 69.14
CA SER E 476 9.66 -19.38 69.55
C SER E 476 10.45 -18.34 68.76
N VAL E 477 11.73 -18.62 68.48
CA VAL E 477 12.53 -17.67 67.72
C VAL E 477 12.10 -17.63 66.24
N VAL E 478 11.69 -18.77 65.68
CA VAL E 478 11.27 -18.71 64.28
C VAL E 478 9.89 -18.05 64.16
N GLU E 479 9.03 -18.18 65.19
CA GLU E 479 7.79 -17.41 65.21
C GLU E 479 8.05 -15.92 65.37
N ASP E 480 9.11 -15.57 66.12
CA ASP E 480 9.52 -14.17 66.24
C ASP E 480 9.95 -13.61 64.88
N TRP E 481 10.71 -14.39 64.11
CA TRP E 481 11.10 -13.95 62.77
C TRP E 481 9.89 -13.78 61.85
N LYS E 482 8.92 -14.70 61.94
CA LYS E 482 7.71 -14.57 61.15
C LYS E 482 6.91 -13.32 61.50
N TYR E 483 6.84 -12.98 62.80
CA TYR E 483 6.13 -11.79 63.20
C TYR E 483 6.85 -10.51 62.75
N VAL E 484 8.19 -10.54 62.77
CA VAL E 484 8.96 -9.39 62.28
C VAL E 484 8.72 -9.17 60.79
N ALA E 485 8.70 -10.26 60.01
CA ALA E 485 8.41 -10.16 58.59
C ALA E 485 6.99 -9.65 58.33
N MET E 486 6.03 -10.06 59.16
CA MET E 486 4.66 -9.55 59.03
C MET E 486 4.58 -8.05 59.29
N VAL E 487 5.33 -7.56 60.30
CA VAL E 487 5.31 -6.14 60.63
C VAL E 487 5.93 -5.31 59.50
N VAL E 488 7.07 -5.78 58.96
CA VAL E 488 7.71 -5.06 57.85
C VAL E 488 6.82 -5.08 56.60
N ASP E 489 6.10 -6.18 56.39
CA ASP E 489 5.16 -6.29 55.28
C ASP E 489 4.03 -5.26 55.39
N ARG E 490 3.45 -5.12 56.59
CA ARG E 490 2.38 -4.14 56.78
C ARG E 490 2.89 -2.70 56.65
N LEU E 491 4.12 -2.45 57.11
CA LEU E 491 4.73 -1.14 56.98
C LEU E 491 4.89 -0.73 55.51
N PHE E 492 5.42 -1.64 54.69
CA PHE E 492 5.55 -1.34 53.27
C PHE E 492 4.20 -1.26 52.56
N LEU E 493 3.19 -1.97 53.05
CA LEU E 493 1.84 -1.82 52.52
C LEU E 493 1.35 -0.38 52.71
N TRP E 494 1.50 0.16 53.92
CA TRP E 494 1.08 1.54 54.18
C TRP E 494 1.89 2.55 53.36
N VAL E 495 3.21 2.34 53.27
CA VAL E 495 4.07 3.30 52.56
C VAL E 495 3.75 3.32 51.07
N PHE E 496 3.62 2.14 50.44
CA PHE E 496 3.35 2.12 49.01
C PHE E 496 1.92 2.53 48.68
N MET E 497 0.96 2.28 49.59
CA MET E 497 -0.39 2.81 49.36
C MET E 497 -0.41 4.34 49.42
N PHE E 498 0.33 4.92 50.37
CA PHE E 498 0.43 6.38 50.48
C PHE E 498 1.10 6.98 49.25
N VAL E 499 2.20 6.39 48.80
CA VAL E 499 2.92 6.91 47.63
C VAL E 499 2.10 6.73 46.35
N CYS E 500 1.34 5.63 46.24
CA CYS E 500 0.53 5.42 45.04
C CYS E 500 -0.63 6.40 44.97
N VAL E 501 -1.26 6.69 46.12
CA VAL E 501 -2.34 7.68 46.15
C VAL E 501 -1.81 9.06 45.79
N LEU E 502 -0.66 9.45 46.37
CA LEU E 502 -0.09 10.76 46.04
C LEU E 502 0.37 10.84 44.58
N GLY E 503 0.84 9.74 44.01
CA GLY E 503 1.24 9.77 42.62
C GLY E 503 0.07 9.89 41.67
N THR E 504 -1.03 9.19 41.96
CA THR E 504 -2.25 9.33 41.16
C THR E 504 -2.82 10.74 41.25
N VAL E 505 -2.78 11.33 42.45
CA VAL E 505 -3.25 12.71 42.60
C VAL E 505 -2.34 13.68 41.85
N GLY E 506 -1.02 13.53 41.99
CA GLY E 506 -0.10 14.43 41.32
C GLY E 506 -0.07 14.30 39.81
N LEU E 507 -0.49 13.16 39.27
CA LEU E 507 -0.59 13.06 37.82
C LEU E 507 -1.96 13.51 37.29
N PHE E 508 -3.04 13.01 37.88
CA PHE E 508 -4.40 13.33 37.44
C PHE E 508 -4.99 14.56 38.12
N LEU E 509 -4.17 15.43 38.68
CA LEU E 509 -4.65 16.71 39.18
C LEU E 509 -5.20 17.64 38.09
N PRO E 510 -4.59 17.75 36.88
CA PRO E 510 -5.39 18.51 35.90
C PRO E 510 -6.55 17.70 35.31
N VAL F 2 -45.53 2.58 -51.59
CA VAL F 2 -45.13 3.82 -50.94
C VAL F 2 -45.52 5.02 -51.79
N GLN F 3 -46.43 5.84 -51.26
CA GLN F 3 -46.97 6.99 -51.97
C GLN F 3 -46.96 8.21 -51.07
N LEU F 4 -46.72 9.37 -51.65
CA LEU F 4 -46.99 10.66 -51.02
C LEU F 4 -48.08 11.40 -51.79
N GLN F 5 -49.01 12.00 -51.06
CA GLN F 5 -50.15 12.71 -51.64
C GLN F 5 -50.11 14.17 -51.20
N GLN F 6 -50.34 15.07 -52.17
CA GLN F 6 -50.34 16.51 -51.90
C GLN F 6 -51.62 17.13 -52.45
N SER F 7 -51.77 18.43 -52.22
CA SER F 7 -52.91 19.20 -52.69
C SER F 7 -52.73 19.61 -54.15
N GLY F 8 -53.78 20.21 -54.71
CA GLY F 8 -53.75 20.71 -56.06
C GLY F 8 -53.13 22.09 -56.17
N PRO F 9 -53.09 22.60 -57.41
CA PRO F 9 -52.55 23.95 -57.63
C PRO F 9 -53.50 25.04 -57.16
N GLU F 10 -52.92 26.12 -56.62
CA GLU F 10 -53.68 27.19 -56.01
C GLU F 10 -53.23 28.55 -56.55
N LEU F 11 -54.20 29.45 -56.75
CA LEU F 11 -53.97 30.81 -57.25
C LEU F 11 -54.20 31.78 -56.09
N VAL F 12 -53.12 32.32 -55.53
CA VAL F 12 -53.20 33.20 -54.37
C VAL F 12 -52.58 34.55 -54.73
N ARG F 13 -53.31 35.62 -54.41
CA ARG F 13 -52.83 36.98 -54.61
C ARG F 13 -51.63 37.27 -53.69
N PRO F 14 -50.72 38.16 -54.10
CA PRO F 14 -49.56 38.46 -53.24
C PRO F 14 -49.94 39.25 -52.01
N GLY F 15 -49.39 38.84 -50.87
CA GLY F 15 -49.70 39.43 -49.58
C GLY F 15 -50.58 38.60 -48.69
N VAL F 16 -50.98 37.41 -49.13
CA VAL F 16 -51.86 36.52 -48.37
C VAL F 16 -51.11 35.22 -48.15
N SER F 17 -51.12 34.73 -46.91
CA SER F 17 -50.45 33.49 -46.59
C SER F 17 -51.16 32.29 -47.20
N VAL F 18 -50.39 31.24 -47.49
CA VAL F 18 -50.89 30.06 -48.16
C VAL F 18 -50.46 28.84 -47.34
N LYS F 19 -51.24 27.76 -47.44
CA LYS F 19 -50.97 26.54 -46.70
C LYS F 19 -51.16 25.34 -47.61
N ILE F 20 -50.13 24.49 -47.68
CA ILE F 20 -50.16 23.26 -48.43
C ILE F 20 -49.89 22.11 -47.48
N SER F 21 -50.23 20.90 -47.92
CA SER F 21 -50.19 19.73 -47.04
C SER F 21 -49.44 18.60 -47.73
N CYS F 22 -49.08 17.60 -46.92
CA CYS F 22 -48.37 16.42 -47.41
C CYS F 22 -48.74 15.27 -46.49
N LYS F 23 -49.37 14.23 -47.04
CA LYS F 23 -49.84 13.09 -46.26
C LYS F 23 -49.27 11.81 -46.82
N GLY F 24 -48.57 11.05 -45.99
CA GLY F 24 -47.82 9.88 -46.43
C GLY F 24 -48.47 8.61 -45.93
N SER F 25 -48.47 7.58 -46.78
CA SER F 25 -48.98 6.26 -46.41
C SER F 25 -48.18 5.18 -47.11
N GLY F 26 -48.32 3.95 -46.61
CA GLY F 26 -47.57 2.81 -47.09
C GLY F 26 -46.32 2.48 -46.32
N TYR F 27 -46.01 3.24 -45.28
CA TYR F 27 -44.87 2.99 -44.41
C TYR F 27 -45.17 3.61 -43.06
N THR F 28 -44.37 3.26 -42.06
CA THR F 28 -44.51 3.89 -40.75
C THR F 28 -44.05 5.35 -40.84
N PHE F 29 -44.96 6.26 -40.47
CA PHE F 29 -44.74 7.67 -40.80
C PHE F 29 -43.72 8.30 -39.88
N THR F 30 -43.63 7.82 -38.63
CA THR F 30 -42.54 8.22 -37.77
C THR F 30 -41.26 7.48 -38.18
N ASP F 31 -40.15 7.89 -37.55
CA ASP F 31 -38.77 7.41 -37.70
C ASP F 31 -38.16 7.82 -39.05
N TYR F 32 -38.92 8.45 -39.93
CA TYR F 32 -38.40 9.14 -41.10
C TYR F 32 -38.42 10.64 -40.82
N ALA F 33 -38.06 11.44 -41.83
CA ALA F 33 -38.04 12.88 -41.67
C ALA F 33 -38.41 13.53 -43.00
N LEU F 34 -39.01 14.70 -42.92
CA LEU F 34 -39.60 15.36 -44.07
C LEU F 34 -38.78 16.57 -44.48
N TYR F 35 -38.44 16.64 -45.76
CA TYR F 35 -37.68 17.73 -46.33
C TYR F 35 -38.60 18.49 -47.27
N TRP F 36 -38.48 19.82 -47.28
CA TRP F 36 -39.28 20.65 -48.17
C TRP F 36 -38.38 21.39 -49.16
N VAL F 37 -38.65 21.19 -50.44
CA VAL F 37 -37.80 21.67 -51.53
C VAL F 37 -38.67 22.42 -52.53
N ARG F 38 -38.30 23.66 -52.84
CA ARG F 38 -38.97 24.43 -53.87
C ARG F 38 -38.20 24.32 -55.17
N GLN F 39 -38.90 24.53 -56.29
CA GLN F 39 -38.29 24.49 -57.61
C GLN F 39 -38.93 25.57 -58.48
N SER F 40 -38.12 26.49 -58.97
CA SER F 40 -38.63 27.59 -59.78
C SER F 40 -38.87 27.12 -61.22
N HIS F 41 -39.21 28.06 -62.10
CA HIS F 41 -39.47 27.74 -63.49
C HIS F 41 -38.19 27.54 -64.30
N ALA F 42 -37.03 27.92 -63.75
CA ALA F 42 -35.75 27.72 -64.41
C ALA F 42 -35.09 26.39 -64.07
N LYS F 43 -35.82 25.51 -63.37
CA LYS F 43 -35.36 24.19 -62.91
C LYS F 43 -34.09 24.27 -62.05
N SER F 44 -33.99 25.33 -61.25
CA SER F 44 -32.92 25.47 -60.27
C SER F 44 -33.57 25.44 -58.89
N LEU F 45 -33.43 24.33 -58.18
CA LEU F 45 -34.29 24.01 -57.05
C LEU F 45 -33.52 24.11 -55.74
N GLU F 46 -34.17 24.70 -54.73
CA GLU F 46 -33.55 25.05 -53.46
C GLU F 46 -34.29 24.41 -52.30
N TRP F 47 -33.64 24.43 -51.13
CA TRP F 47 -34.11 23.75 -49.93
C TRP F 47 -34.72 24.74 -48.95
N ILE F 48 -35.81 24.35 -48.31
CA ILE F 48 -36.58 25.22 -47.41
C ILE F 48 -36.40 24.82 -45.94
N GLY F 49 -36.71 23.58 -45.60
CA GLY F 49 -36.64 23.19 -44.20
C GLY F 49 -36.78 21.70 -44.00
N VAL F 50 -36.54 21.29 -42.75
CA VAL F 50 -36.60 19.91 -42.32
C VAL F 50 -37.41 19.83 -41.02
N ILE F 51 -38.35 18.90 -40.95
CA ILE F 51 -39.10 18.66 -39.72
C ILE F 51 -38.96 17.18 -39.37
N ASN F 52 -38.99 16.90 -38.08
CA ASN F 52 -39.00 15.54 -37.55
C ASN F 52 -40.41 15.24 -37.04
N PRO F 53 -41.16 14.33 -37.67
CA PRO F 53 -42.57 14.18 -37.32
C PRO F 53 -42.83 13.45 -36.01
N TYR F 54 -41.80 12.94 -35.34
CA TYR F 54 -41.98 12.31 -34.04
C TYR F 54 -41.92 13.30 -32.89
N SER F 55 -41.12 14.35 -33.02
CA SER F 55 -40.97 15.34 -31.96
C SER F 55 -41.43 16.73 -32.37
N GLY F 56 -41.25 17.12 -33.62
CA GLY F 56 -41.60 18.45 -34.06
C GLY F 56 -40.45 19.42 -34.12
N ASN F 57 -39.21 18.93 -33.97
CA ASN F 57 -38.04 19.80 -34.06
C ASN F 57 -37.82 20.25 -35.49
N THR F 58 -37.76 21.56 -35.70
CA THR F 58 -37.63 22.14 -37.02
C THR F 58 -36.26 22.78 -37.17
N ASN F 59 -35.77 22.80 -38.41
CA ASN F 59 -34.62 23.63 -38.79
C ASN F 59 -34.94 24.29 -40.11
N TYR F 60 -34.89 25.61 -40.14
CA TYR F 60 -35.20 26.37 -41.34
C TYR F 60 -33.93 26.77 -42.07
N ASN F 61 -34.09 27.07 -43.35
CA ASN F 61 -33.05 27.72 -44.13
C ASN F 61 -33.00 29.18 -43.72
N GLN F 62 -31.79 29.75 -43.71
CA GLN F 62 -31.61 31.13 -43.26
C GLN F 62 -32.21 32.14 -44.23
N LYS F 63 -32.50 31.75 -45.46
CA LYS F 63 -33.25 32.62 -46.35
C LYS F 63 -34.72 32.69 -45.93
N PHE F 64 -35.26 31.60 -45.39
CA PHE F 64 -36.70 31.45 -45.18
C PHE F 64 -37.06 31.35 -43.71
N LYS F 65 -36.34 32.06 -42.83
CA LYS F 65 -36.60 31.90 -41.41
C LYS F 65 -37.84 32.68 -40.98
N GLY F 66 -37.97 33.91 -41.48
CA GLY F 66 -39.11 34.74 -41.13
C GLY F 66 -40.35 34.53 -41.94
N LYS F 67 -40.38 33.51 -42.80
CA LYS F 67 -41.52 33.26 -43.68
C LYS F 67 -42.25 31.97 -43.36
N ALA F 68 -41.55 30.85 -43.34
CA ALA F 68 -42.21 29.55 -43.28
C ALA F 68 -42.44 29.08 -41.86
N THR F 69 -43.55 28.38 -41.67
CA THR F 69 -43.89 27.76 -40.40
C THR F 69 -44.31 26.32 -40.66
N MET F 70 -43.65 25.38 -39.99
CA MET F 70 -43.77 23.96 -40.29
C MET F 70 -44.34 23.26 -39.07
N THR F 71 -45.49 22.61 -39.25
CA THR F 71 -46.14 21.82 -38.21
C THR F 71 -46.46 20.43 -38.72
N VAL F 72 -46.70 19.53 -37.77
CA VAL F 72 -47.16 18.18 -38.07
C VAL F 72 -48.48 17.91 -37.35
N ASP F 73 -48.99 16.69 -37.50
CA ASP F 73 -50.24 16.29 -36.85
C ASP F 73 -50.16 14.78 -36.73
N LYS F 74 -49.99 14.30 -35.49
CA LYS F 74 -49.85 12.88 -35.21
C LYS F 74 -51.16 12.11 -35.26
N SER F 75 -52.29 12.79 -35.45
CA SER F 75 -53.57 12.09 -35.60
C SER F 75 -53.66 11.42 -36.97
N SER F 76 -53.63 12.22 -38.03
CA SER F 76 -53.79 11.73 -39.39
C SER F 76 -52.46 11.52 -40.11
N SER F 77 -51.33 11.72 -39.42
CA SER F 77 -49.97 11.58 -39.97
C SER F 77 -49.77 12.47 -41.19
N THR F 78 -49.90 13.78 -40.98
CA THR F 78 -49.90 14.76 -42.06
C THR F 78 -49.14 16.00 -41.60
N ALA F 79 -48.25 16.49 -42.45
CA ALA F 79 -47.50 17.71 -42.18
C ALA F 79 -48.11 18.89 -42.94
N TYR F 80 -48.07 20.05 -42.32
CA TYR F 80 -48.60 21.29 -42.87
C TYR F 80 -47.47 22.31 -42.97
N MET F 81 -47.37 22.97 -44.13
CA MET F 81 -46.42 24.05 -44.35
C MET F 81 -47.16 25.32 -44.74
N GLU F 82 -46.87 26.41 -44.03
CA GLU F 82 -47.54 27.69 -44.26
C GLU F 82 -46.50 28.74 -44.61
N LEU F 83 -46.60 29.30 -45.81
CA LEU F 83 -45.73 30.37 -46.27
C LEU F 83 -46.41 31.72 -46.10
N ALA F 84 -45.65 32.71 -45.67
CA ALA F 84 -46.11 34.07 -45.50
C ALA F 84 -45.24 35.00 -46.33
N ARG F 85 -45.77 36.22 -46.56
CA ARG F 85 -45.11 37.29 -47.33
C ARG F 85 -44.76 36.85 -48.76
N LEU F 86 -45.78 36.35 -49.46
CA LEU F 86 -45.61 35.92 -50.84
C LEU F 86 -45.39 37.11 -51.77
N THR F 87 -44.37 37.04 -52.60
CA THR F 87 -44.09 38.05 -53.62
C THR F 87 -44.16 37.41 -55.01
N SER F 88 -43.74 38.18 -56.02
CA SER F 88 -43.76 37.68 -57.38
C SER F 88 -42.66 36.66 -57.66
N ASP F 89 -41.62 36.63 -56.82
CA ASP F 89 -40.50 35.71 -57.01
C ASP F 89 -40.68 34.41 -56.24
N ASP F 90 -41.91 34.01 -55.96
CA ASP F 90 -42.21 32.78 -55.26
C ASP F 90 -43.12 31.84 -56.02
N SER F 91 -43.48 32.17 -57.26
CA SER F 91 -44.26 31.26 -58.11
C SER F 91 -43.38 30.10 -58.52
N ALA F 92 -43.59 28.94 -57.90
CA ALA F 92 -42.67 27.82 -58.03
C ALA F 92 -43.43 26.52 -57.82
N ILE F 93 -42.69 25.42 -57.77
CA ILE F 93 -43.23 24.09 -57.51
C ILE F 93 -42.66 23.62 -56.17
N TYR F 94 -43.55 23.24 -55.26
CA TYR F 94 -43.15 22.86 -53.90
C TYR F 94 -43.30 21.36 -53.70
N TYR F 95 -42.21 20.72 -53.29
CA TYR F 95 -42.15 19.28 -53.03
C TYR F 95 -41.97 19.00 -51.55
N CYS F 96 -42.68 18.00 -51.05
CA CYS F 96 -42.35 17.36 -49.77
C CYS F 96 -41.65 16.05 -50.09
N ALA F 97 -40.61 15.74 -49.33
CA ALA F 97 -39.82 14.55 -49.59
C ALA F 97 -39.40 13.89 -48.29
N SER F 98 -39.73 12.60 -48.15
CA SER F 98 -39.45 11.86 -46.92
C SER F 98 -38.22 10.98 -47.10
N GLY F 99 -37.24 11.15 -46.21
CA GLY F 99 -36.04 10.34 -46.23
C GLY F 99 -35.76 9.80 -44.84
N TYR F 100 -34.95 8.75 -44.80
CA TYR F 100 -34.53 8.22 -43.51
C TYR F 100 -33.57 9.20 -42.86
N ASP F 101 -33.62 9.29 -41.52
CA ASP F 101 -32.81 10.24 -40.78
C ASP F 101 -31.44 9.70 -40.40
N GLY F 102 -30.92 8.76 -41.18
CA GLY F 102 -29.58 8.23 -41.00
C GLY F 102 -28.67 8.66 -42.13
N TYR F 103 -27.40 8.26 -41.99
CA TYR F 103 -26.27 8.81 -42.73
C TYR F 103 -26.27 8.83 -44.26
N PRO F 104 -27.13 8.09 -44.97
CA PRO F 104 -27.45 8.55 -46.33
C PRO F 104 -27.89 10.01 -46.37
N TYR F 105 -28.83 10.41 -45.49
CA TYR F 105 -29.37 11.78 -45.40
C TYR F 105 -29.87 12.28 -46.75
N THR F 106 -30.67 11.47 -47.40
CA THR F 106 -31.16 11.77 -48.75
C THR F 106 -32.67 11.86 -48.75
N MET F 107 -33.21 12.11 -49.94
CA MET F 107 -34.65 12.12 -50.16
C MET F 107 -35.01 10.79 -50.81
N ASP F 108 -35.44 9.83 -49.99
CA ASP F 108 -35.75 8.51 -50.52
C ASP F 108 -37.02 8.48 -51.35
N TYR F 109 -38.01 9.29 -50.99
CA TYR F 109 -39.27 9.30 -51.72
C TYR F 109 -39.71 10.75 -51.96
N TRP F 110 -40.39 10.97 -53.08
CA TRP F 110 -40.78 12.30 -53.51
C TRP F 110 -42.27 12.33 -53.80
N GLY F 111 -42.87 13.49 -53.64
CA GLY F 111 -44.28 13.65 -53.90
C GLY F 111 -44.52 14.08 -55.33
N PRO F 112 -45.80 14.26 -55.70
CA PRO F 112 -46.08 14.75 -57.06
C PRO F 112 -45.70 16.20 -57.26
N GLY F 113 -45.97 17.05 -56.28
CA GLY F 113 -45.64 18.44 -56.39
C GLY F 113 -46.82 19.35 -56.62
N ALA F 114 -47.00 20.33 -55.75
CA ALA F 114 -48.07 21.31 -55.86
C ALA F 114 -47.52 22.56 -56.54
N SER F 115 -48.41 23.27 -57.23
CA SER F 115 -48.01 24.44 -58.01
C SER F 115 -48.62 25.69 -57.37
N VAL F 116 -47.76 26.57 -56.89
CA VAL F 116 -48.17 27.83 -56.29
C VAL F 116 -47.84 28.94 -57.29
N THR F 117 -48.87 29.63 -57.77
CA THR F 117 -48.72 30.71 -58.74
C THR F 117 -49.20 32.01 -58.10
N VAL F 118 -48.26 32.94 -57.89
CA VAL F 118 -48.56 34.21 -57.25
C VAL F 118 -48.31 35.35 -58.23
N GLN G 1 -22.63 28.85 -47.46
CA GLN G 1 -21.26 28.51 -47.09
C GLN G 1 -20.56 27.77 -48.22
N ILE G 2 -21.25 26.81 -48.82
CA ILE G 2 -20.77 26.09 -49.99
C ILE G 2 -21.81 26.21 -51.08
N VAL G 3 -21.41 26.74 -52.23
CA VAL G 3 -22.27 26.89 -53.40
C VAL G 3 -21.71 25.99 -54.49
N LEU G 4 -22.53 25.07 -54.98
CA LEU G 4 -22.13 24.14 -56.02
C LEU G 4 -22.36 24.73 -57.40
N THR G 5 -21.53 24.28 -58.35
CA THR G 5 -21.60 24.73 -59.73
C THR G 5 -21.31 23.55 -60.64
N GLN G 6 -22.20 23.27 -61.58
CA GLN G 6 -22.02 22.15 -62.48
C GLN G 6 -21.45 22.60 -63.81
N SER G 7 -20.79 21.66 -64.50
CA SER G 7 -20.22 21.90 -65.79
C SER G 7 -20.32 20.60 -66.58
N PRO G 8 -20.83 20.63 -67.82
CA PRO G 8 -21.38 21.82 -68.49
C PRO G 8 -22.86 22.01 -68.20
N ALA G 9 -23.43 23.10 -68.69
CA ALA G 9 -24.85 23.36 -68.48
C ALA G 9 -25.72 22.48 -69.37
N ILE G 10 -25.49 22.55 -70.68
CA ILE G 10 -26.21 21.76 -71.67
C ILE G 10 -25.21 20.95 -72.47
N MET G 11 -25.44 19.64 -72.57
CA MET G 11 -24.60 18.77 -73.38
C MET G 11 -25.47 17.67 -73.97
N SER G 12 -24.88 16.89 -74.88
CA SER G 12 -25.62 15.86 -75.60
C SER G 12 -24.66 14.79 -76.07
N ALA G 13 -25.20 13.60 -76.31
CA ALA G 13 -24.39 12.48 -76.77
C ALA G 13 -25.26 11.48 -77.53
N SER G 14 -24.58 10.63 -78.35
CA SER G 14 -25.14 9.55 -79.15
C SER G 14 -25.20 8.27 -78.33
N PRO G 15 -26.14 7.37 -78.64
CA PRO G 15 -26.21 6.08 -77.92
C PRO G 15 -24.97 5.22 -78.17
N GLY G 16 -24.21 4.98 -77.11
CA GLY G 16 -22.95 4.27 -77.23
C GLY G 16 -21.77 5.20 -77.17
N GLU G 17 -21.80 6.13 -76.22
CA GLU G 17 -20.76 7.14 -76.09
C GLU G 17 -20.48 7.42 -74.63
N LYS G 18 -19.22 7.67 -74.30
CA LYS G 18 -18.82 7.97 -72.94
C LYS G 18 -19.23 9.39 -72.57
N VAL G 19 -19.90 9.54 -71.43
CA VAL G 19 -20.44 10.83 -71.00
C VAL G 19 -19.85 11.17 -69.64
N THR G 20 -19.32 12.38 -69.51
CA THR G 20 -18.71 12.85 -68.27
C THR G 20 -19.33 14.18 -67.87
N MET G 21 -19.82 14.27 -66.64
CA MET G 21 -20.37 15.48 -66.06
C MET G 21 -19.57 15.83 -64.81
N THR G 22 -19.39 17.11 -64.55
CA THR G 22 -18.62 17.55 -63.39
C THR G 22 -19.46 18.43 -62.48
N CYS G 23 -19.25 18.30 -61.18
CA CYS G 23 -19.87 19.14 -60.16
C CYS G 23 -18.74 19.67 -59.29
N SER G 24 -18.65 21.00 -59.17
CA SER G 24 -17.56 21.62 -58.44
C SER G 24 -18.09 22.37 -57.23
N ALA G 25 -17.20 22.54 -56.24
CA ALA G 25 -17.57 23.16 -54.97
C ALA G 25 -16.63 24.32 -54.67
N SER G 26 -17.03 25.13 -53.69
CA SER G 26 -16.17 26.23 -53.27
C SER G 26 -15.06 25.76 -52.35
N SER G 27 -15.38 24.93 -51.37
CA SER G 27 -14.39 24.35 -50.46
C SER G 27 -14.47 22.83 -50.54
N SER G 28 -13.73 22.17 -49.66
CA SER G 28 -13.56 20.73 -49.74
C SER G 28 -14.68 20.01 -49.01
N MET G 29 -15.00 18.82 -49.49
CA MET G 29 -15.95 17.93 -48.84
C MET G 29 -15.56 16.50 -49.21
N THR G 30 -16.32 15.53 -48.70
CA THR G 30 -15.97 14.14 -48.96
C THR G 30 -17.13 13.32 -49.51
N TYR G 31 -18.37 13.65 -49.16
CA TYR G 31 -19.51 12.84 -49.56
C TYR G 31 -20.57 13.72 -50.21
N MET G 32 -21.08 13.30 -51.36
CA MET G 32 -21.99 14.11 -52.16
C MET G 32 -22.90 13.19 -52.97
N HIS G 33 -24.16 13.59 -53.11
CA HIS G 33 -25.20 12.75 -53.68
C HIS G 33 -25.66 13.27 -55.03
N TRP G 34 -26.31 12.40 -55.81
CA TRP G 34 -26.74 12.69 -57.16
C TRP G 34 -28.18 12.25 -57.36
N TYR G 35 -29.02 13.15 -57.87
CA TYR G 35 -30.43 12.88 -58.13
C TYR G 35 -30.75 13.02 -59.60
N GLN G 36 -31.69 12.21 -60.06
CA GLN G 36 -32.16 12.23 -61.45
C GLN G 36 -33.62 12.62 -61.51
N GLN G 37 -33.93 13.65 -62.29
CA GLN G 37 -35.31 14.02 -62.57
C GLN G 37 -35.56 13.91 -64.07
N LYS G 38 -36.61 13.20 -64.45
CA LYS G 38 -37.01 13.14 -65.84
C LYS G 38 -37.97 14.30 -66.14
N SER G 39 -38.60 14.27 -67.32
CA SER G 39 -39.53 15.31 -67.71
C SER G 39 -40.92 14.98 -67.17
N GLY G 40 -41.52 15.95 -66.48
CA GLY G 40 -42.88 15.83 -65.97
C GLY G 40 -43.04 15.20 -64.61
N THR G 41 -42.25 14.18 -64.31
CA THR G 41 -42.41 13.43 -63.07
C THR G 41 -41.50 14.00 -61.99
N SER G 42 -41.41 13.30 -60.88
CA SER G 42 -40.71 13.55 -59.64
C SER G 42 -39.29 12.99 -59.70
N PRO G 43 -38.34 13.59 -58.98
CA PRO G 43 -36.98 13.05 -58.96
C PRO G 43 -36.91 11.72 -58.22
N LYS G 44 -35.75 11.08 -58.35
CA LYS G 44 -35.47 9.83 -57.66
C LYS G 44 -34.07 9.86 -57.07
N ARG G 45 -33.88 9.13 -55.98
CA ARG G 45 -32.54 8.97 -55.43
C ARG G 45 -31.74 8.05 -56.34
N TRP G 46 -30.57 8.52 -56.77
CA TRP G 46 -29.85 7.83 -57.83
C TRP G 46 -28.46 7.37 -57.41
N ILE G 47 -27.67 8.24 -56.81
CA ILE G 47 -26.34 7.88 -56.31
C ILE G 47 -26.14 8.52 -54.94
N TYR G 48 -25.69 7.74 -53.97
CA TYR G 48 -25.40 8.24 -52.63
C TYR G 48 -23.99 7.83 -52.24
N ASP G 49 -23.40 8.62 -51.32
CA ASP G 49 -22.03 8.46 -50.81
C ASP G 49 -20.98 8.45 -51.91
N THR G 50 -21.23 9.22 -53.00
CA THR G 50 -20.31 9.62 -54.07
C THR G 50 -19.95 8.46 -55.01
N SER G 51 -20.24 7.21 -54.62
CA SER G 51 -19.88 6.07 -55.46
C SER G 51 -20.95 5.00 -55.56
N GLN G 52 -21.91 4.95 -54.67
CA GLN G 52 -22.85 3.83 -54.62
C GLN G 52 -24.07 4.10 -55.50
N LEU G 53 -24.78 3.02 -55.80
CA LEU G 53 -25.95 3.06 -56.66
C LEU G 53 -27.20 2.71 -55.87
N ALA G 54 -28.34 3.21 -56.34
CA ALA G 54 -29.61 2.94 -55.69
C ALA G 54 -30.15 1.56 -56.11
N SER G 55 -31.42 1.29 -55.81
CA SER G 55 -31.98 -0.03 -56.06
C SER G 55 -32.23 -0.26 -57.54
N GLY G 56 -33.11 0.55 -58.13
CA GLY G 56 -33.48 0.34 -59.52
C GLY G 56 -32.62 1.09 -60.50
N VAL G 57 -31.30 0.94 -60.38
CA VAL G 57 -30.33 1.65 -61.22
C VAL G 57 -29.48 0.60 -61.92
N PRO G 58 -29.31 0.67 -63.23
CA PRO G 58 -28.39 -0.26 -63.89
C PRO G 58 -26.95 0.05 -63.53
N ALA G 59 -26.12 -0.99 -63.55
CA ALA G 59 -24.76 -0.95 -63.01
C ALA G 59 -23.75 -0.43 -64.02
N ARG G 60 -24.19 0.35 -65.00
CA ARG G 60 -23.27 0.92 -65.98
C ARG G 60 -22.62 2.20 -65.48
N PHE G 61 -23.28 2.90 -64.56
CA PHE G 61 -22.80 4.22 -64.17
C PHE G 61 -21.68 4.09 -63.14
N ARG G 62 -20.94 5.19 -62.98
CA ARG G 62 -19.85 5.23 -62.02
C ARG G 62 -19.62 6.66 -61.57
N GLY G 63 -19.71 6.90 -60.26
CA GLY G 63 -19.43 8.20 -59.67
C GLY G 63 -18.11 8.13 -58.93
N SER G 64 -17.32 9.19 -59.04
CA SER G 64 -16.02 9.22 -58.39
C SER G 64 -15.57 10.66 -58.21
N GLY G 65 -14.75 10.88 -57.19
CA GLY G 65 -14.18 12.19 -56.96
C GLY G 65 -13.77 12.34 -55.52
N SER G 66 -13.10 13.46 -55.26
CA SER G 66 -12.58 13.78 -53.93
C SER G 66 -12.24 15.26 -53.89
N GLY G 67 -11.93 15.74 -52.69
CA GLY G 67 -11.50 17.11 -52.48
C GLY G 67 -12.55 18.15 -52.79
N THR G 68 -12.38 18.86 -53.91
CA THR G 68 -13.36 19.83 -54.37
C THR G 68 -13.84 19.56 -55.79
N SER G 69 -13.58 18.37 -56.33
CA SER G 69 -13.96 18.03 -57.68
C SER G 69 -14.61 16.64 -57.69
N PHE G 70 -15.80 16.55 -58.26
CA PHE G 70 -16.50 15.28 -58.34
C PHE G 70 -17.05 15.12 -59.75
N SER G 71 -17.40 13.88 -60.09
CA SER G 71 -17.77 13.58 -61.46
C SER G 71 -18.68 12.37 -61.51
N LEU G 72 -19.59 12.39 -62.48
CA LEU G 72 -20.43 11.25 -62.81
C LEU G 72 -20.07 10.81 -64.22
N THR G 73 -20.06 9.51 -64.46
CA THR G 73 -19.56 8.96 -65.71
C THR G 73 -20.52 7.90 -66.22
N ILE G 74 -20.91 8.02 -67.47
CA ILE G 74 -21.74 7.04 -68.15
C ILE G 74 -20.88 6.33 -69.18
N SER G 75 -20.75 5.01 -69.05
CA SER G 75 -19.97 4.24 -70.01
C SER G 75 -20.77 3.95 -71.27
N SER G 76 -21.90 3.27 -71.14
CA SER G 76 -22.77 2.95 -72.27
C SER G 76 -24.01 3.82 -72.22
N MET G 77 -24.19 4.68 -73.22
CA MET G 77 -25.35 5.56 -73.26
C MET G 77 -26.62 4.76 -73.56
N GLU G 78 -27.69 5.12 -72.85
CA GLU G 78 -28.97 4.41 -72.94
C GLU G 78 -29.94 5.27 -73.74
N ALA G 79 -30.93 4.60 -74.36
CA ALA G 79 -31.93 5.34 -75.14
C ALA G 79 -32.85 6.15 -74.24
N GLU G 80 -33.27 5.60 -73.10
CA GLU G 80 -34.18 6.27 -72.19
C GLU G 80 -33.46 7.03 -71.08
N ASP G 81 -32.22 7.43 -71.32
CA ASP G 81 -31.39 8.13 -70.33
C ASP G 81 -31.44 9.65 -70.51
N ALA G 82 -32.52 10.17 -71.08
CA ALA G 82 -32.69 11.61 -71.23
C ALA G 82 -33.38 12.18 -70.00
N ALA G 83 -32.63 12.92 -69.18
CA ALA G 83 -33.12 13.41 -67.91
C ALA G 83 -32.28 14.63 -67.51
N THR G 84 -32.42 15.03 -66.24
CA THR G 84 -31.70 16.15 -65.67
C THR G 84 -31.07 15.69 -64.36
N TYR G 85 -29.77 15.92 -64.20
CA TYR G 85 -29.02 15.40 -63.06
C TYR G 85 -28.59 16.54 -62.15
N TYR G 86 -28.85 16.38 -60.85
CA TYR G 86 -28.52 17.38 -59.84
C TYR G 86 -27.54 16.78 -58.85
N CYS G 87 -26.60 17.60 -58.38
CA CYS G 87 -25.62 17.20 -57.37
C CYS G 87 -25.87 18.03 -56.13
N GLN G 88 -25.75 17.41 -54.95
CA GLN G 88 -26.09 18.13 -53.74
C GLN G 88 -25.27 17.65 -52.56
N GLN G 89 -24.98 18.59 -51.66
CA GLN G 89 -24.19 18.33 -50.47
C GLN G 89 -24.93 18.75 -49.21
N TRP G 90 -24.79 17.93 -48.17
CA TRP G 90 -25.35 18.22 -46.86
C TRP G 90 -24.26 18.50 -45.83
N SER G 91 -22.98 18.39 -46.22
CA SER G 91 -21.87 18.52 -45.28
C SER G 91 -21.68 19.93 -44.74
N SER G 92 -22.31 20.93 -45.33
CA SER G 92 -22.25 22.28 -44.79
C SER G 92 -23.65 22.86 -44.72
N ASN G 93 -23.97 23.45 -43.58
CA ASN G 93 -25.26 24.10 -43.36
C ASN G 93 -25.29 25.40 -44.17
N PRO G 94 -26.27 25.61 -45.07
CA PRO G 94 -27.45 24.82 -45.44
C PRO G 94 -27.33 23.95 -46.68
N LEU G 95 -28.38 23.17 -46.90
CA LEU G 95 -28.50 22.23 -48.01
C LEU G 95 -28.63 22.96 -49.33
N THR G 96 -27.56 23.02 -50.10
CA THR G 96 -27.55 23.67 -51.41
C THR G 96 -27.53 22.61 -52.49
N PHE G 97 -28.37 22.78 -53.51
CA PHE G 97 -28.37 21.82 -54.61
C PHE G 97 -27.45 22.34 -55.73
N GLY G 98 -27.54 21.72 -56.89
CA GLY G 98 -26.78 22.15 -58.05
C GLY G 98 -27.62 22.91 -59.06
N GLY G 99 -26.92 23.41 -60.09
CA GLY G 99 -27.59 24.10 -61.18
C GLY G 99 -28.37 23.19 -62.12
N GLY G 100 -27.87 21.98 -62.35
CA GLY G 100 -28.57 21.03 -63.19
C GLY G 100 -27.92 20.86 -64.55
N THR G 101 -27.71 19.61 -64.94
CA THR G 101 -27.18 19.26 -66.25
C THR G 101 -28.23 18.51 -67.04
N LYS G 102 -28.59 19.04 -68.21
CA LYS G 102 -29.61 18.45 -69.07
C LYS G 102 -28.92 17.58 -70.13
N LEU G 103 -29.15 16.27 -70.05
CA LEU G 103 -28.58 15.29 -70.95
C LEU G 103 -29.62 14.82 -71.96
N GLU G 104 -29.38 15.11 -73.24
CA GLU G 104 -30.28 14.73 -74.32
C GLU G 104 -29.51 13.95 -75.38
N LEU G 105 -30.25 13.36 -76.30
CA LEU G 105 -29.65 12.52 -77.35
C LEU G 105 -29.03 13.36 -78.46
N VAL H 2 18.99 58.35 -29.55
CA VAL H 2 19.29 57.16 -30.35
C VAL H 2 19.82 57.59 -31.71
N GLN H 3 21.11 57.33 -31.94
CA GLN H 3 21.77 57.70 -33.19
C GLN H 3 22.70 56.58 -33.63
N LEU H 4 22.91 56.50 -34.94
CA LEU H 4 23.87 55.57 -35.54
C LEU H 4 24.75 56.35 -36.50
N GLN H 5 26.06 56.19 -36.38
CA GLN H 5 27.00 56.89 -37.25
C GLN H 5 27.82 55.88 -38.04
N GLN H 6 28.07 56.20 -39.30
CA GLN H 6 28.89 55.38 -40.18
C GLN H 6 30.07 56.18 -40.71
N SER H 7 30.80 55.56 -41.64
CA SER H 7 31.86 56.24 -42.38
C SER H 7 31.27 57.01 -43.55
N GLY H 8 32.13 57.67 -44.31
CA GLY H 8 31.71 58.42 -45.47
C GLY H 8 31.75 57.60 -46.74
N PRO H 9 31.45 58.22 -47.87
CA PRO H 9 31.55 57.51 -49.16
C PRO H 9 32.99 57.29 -49.56
N GLU H 10 33.26 56.11 -50.11
CA GLU H 10 34.62 55.69 -50.43
C GLU H 10 34.67 55.12 -51.85
N LEU H 11 35.77 55.39 -52.55
CA LEU H 11 36.01 54.86 -53.88
C LEU H 11 37.04 53.75 -53.77
N VAL H 12 36.68 52.54 -54.21
CA VAL H 12 37.56 51.38 -54.10
C VAL H 12 37.69 50.72 -55.48
N ARG H 13 38.93 50.61 -55.97
CA ARG H 13 39.19 49.86 -57.19
C ARG H 13 38.98 48.36 -56.94
N PRO H 14 38.50 47.62 -57.94
CA PRO H 14 38.14 46.21 -57.71
C PRO H 14 39.35 45.33 -57.45
N GLY H 15 39.15 44.33 -56.60
CA GLY H 15 40.22 43.50 -56.09
C GLY H 15 40.80 43.94 -54.76
N VAL H 16 40.28 45.02 -54.18
CA VAL H 16 40.80 45.58 -52.93
C VAL H 16 39.69 45.48 -51.89
N SER H 17 40.04 45.03 -50.69
CA SER H 17 39.06 44.93 -49.62
C SER H 17 38.72 46.32 -49.07
N VAL H 18 37.58 46.40 -48.39
CA VAL H 18 37.08 47.64 -47.83
C VAL H 18 36.52 47.35 -46.43
N LYS H 19 36.67 48.31 -45.53
CA LYS H 19 36.14 48.17 -44.17
C LYS H 19 35.31 49.40 -43.82
N ILE H 20 34.06 49.17 -43.40
CA ILE H 20 33.14 50.22 -42.99
C ILE H 20 32.72 49.97 -41.54
N SER H 21 32.30 51.04 -40.88
CA SER H 21 32.05 51.02 -39.45
C SER H 21 30.64 51.48 -39.13
N CYS H 22 30.20 51.18 -37.92
CA CYS H 22 28.90 51.62 -37.43
C CYS H 22 28.98 51.77 -35.91
N LYS H 23 28.79 52.99 -35.42
CA LYS H 23 28.84 53.30 -34.00
C LYS H 23 27.50 53.79 -33.52
N GLY H 24 27.01 53.20 -32.42
CA GLY H 24 25.69 53.52 -31.88
C GLY H 24 25.80 54.23 -30.55
N SER H 25 24.86 55.13 -30.31
CA SER H 25 24.78 55.85 -29.05
C SER H 25 23.31 56.13 -28.74
N GLY H 26 23.06 56.54 -27.50
CA GLY H 26 21.72 56.86 -27.06
C GLY H 26 20.93 55.71 -26.49
N TYR H 27 21.52 54.52 -26.44
CA TYR H 27 20.87 53.34 -25.88
C TYR H 27 21.96 52.36 -25.46
N THR H 28 21.54 51.32 -24.73
CA THR H 28 22.48 50.29 -24.31
C THR H 28 22.90 49.46 -25.53
N PHE H 29 24.21 49.38 -25.76
CA PHE H 29 24.66 48.80 -27.02
C PHE H 29 24.63 47.27 -26.99
N THR H 30 24.73 46.68 -25.81
CA THR H 30 24.38 45.28 -25.67
C THR H 30 22.86 45.10 -25.70
N ASP H 31 22.44 43.84 -25.85
CA ASP H 31 21.08 43.32 -25.90
C ASP H 31 20.33 43.73 -27.17
N TYR H 32 20.94 44.51 -28.06
CA TYR H 32 20.41 44.77 -29.39
C TYR H 32 21.36 44.16 -30.41
N ALA H 33 20.82 43.40 -31.35
CA ALA H 33 21.63 42.85 -32.42
C ALA H 33 21.73 43.85 -33.55
N LEU H 34 22.77 43.67 -34.37
CA LEU H 34 23.06 44.55 -35.51
C LEU H 34 22.87 43.79 -36.81
N TYR H 35 22.20 44.43 -37.76
CA TYR H 35 21.92 43.84 -39.05
C TYR H 35 22.62 44.69 -40.11
N TRP H 36 23.17 44.03 -41.12
CA TRP H 36 23.78 44.72 -42.25
C TRP H 36 22.95 44.47 -43.49
N VAL H 37 22.42 45.55 -44.07
CA VAL H 37 21.47 45.50 -45.16
C VAL H 37 22.03 46.36 -46.28
N ARG H 38 22.16 45.78 -47.47
CA ARG H 38 22.70 46.50 -48.61
C ARG H 38 21.59 46.86 -49.59
N GLN H 39 21.68 48.06 -50.17
CA GLN H 39 20.71 48.55 -51.14
C GLN H 39 21.44 48.93 -52.40
N SER H 40 21.05 48.32 -53.52
CA SER H 40 21.71 48.55 -54.80
C SER H 40 21.09 49.78 -55.46
N HIS H 41 21.40 50.00 -56.73
CA HIS H 41 20.83 51.14 -57.43
C HIS H 41 19.46 50.84 -58.02
N ALA H 42 18.99 49.59 -57.92
CA ALA H 42 17.66 49.25 -58.38
C ALA H 42 16.63 49.29 -57.25
N LYS H 43 17.00 49.84 -56.09
CA LYS H 43 16.15 49.94 -54.89
C LYS H 43 15.63 48.59 -54.40
N SER H 44 16.36 47.51 -54.68
CA SER H 44 15.96 46.15 -54.32
C SER H 44 16.98 45.65 -53.30
N LEU H 45 16.68 45.89 -52.02
CA LEU H 45 17.65 45.74 -50.95
C LEU H 45 17.69 44.33 -50.38
N GLU H 46 18.90 43.88 -50.06
CA GLU H 46 19.22 42.51 -49.65
C GLU H 46 19.85 42.49 -48.26
N TRP H 47 20.00 41.28 -47.72
CA TRP H 47 20.48 41.08 -46.35
C TRP H 47 21.82 40.37 -46.38
N ILE H 48 22.73 40.76 -45.47
CA ILE H 48 24.09 40.23 -45.44
C ILE H 48 24.35 39.38 -44.20
N GLY H 49 24.15 39.94 -43.02
CA GLY H 49 24.50 39.20 -41.81
C GLY H 49 24.02 39.87 -40.55
N VAL H 50 24.04 39.09 -39.47
CA VAL H 50 23.65 39.52 -38.14
C VAL H 50 24.78 39.23 -37.16
N ILE H 51 25.17 40.23 -36.37
CA ILE H 51 26.14 40.02 -35.30
C ILE H 51 25.49 40.42 -33.98
N ASN H 52 25.85 39.69 -32.92
CA ASN H 52 25.37 39.96 -31.58
C ASN H 52 26.51 40.52 -30.75
N PRO H 53 26.48 41.80 -30.37
CA PRO H 53 27.68 42.42 -29.76
C PRO H 53 27.94 41.98 -28.32
N TYR H 54 27.04 41.23 -27.71
CA TYR H 54 27.31 40.70 -26.38
C TYR H 54 28.20 39.47 -26.42
N SER H 55 28.15 38.70 -27.52
CA SER H 55 28.90 37.46 -27.61
C SER H 55 29.70 37.29 -28.90
N GLY H 56 29.34 37.97 -29.97
CA GLY H 56 30.03 37.80 -31.25
C GLY H 56 29.53 36.66 -32.09
N ASN H 57 28.34 36.13 -31.82
CA ASN H 57 27.75 35.03 -32.58
C ASN H 57 27.25 35.53 -33.92
N THR H 58 28.01 35.27 -34.99
CA THR H 58 27.65 35.74 -36.32
C THR H 58 26.85 34.67 -37.06
N ASN H 59 25.97 35.12 -37.94
CA ASN H 59 25.20 34.25 -38.82
C ASN H 59 25.11 34.91 -40.17
N TYR H 60 25.85 34.38 -41.14
CA TYR H 60 25.92 34.98 -42.47
C TYR H 60 24.82 34.47 -43.37
N ASN H 61 24.59 35.21 -44.45
CA ASN H 61 23.76 34.76 -45.55
C ASN H 61 24.55 33.78 -46.40
N GLN H 62 23.87 32.75 -46.91
CA GLN H 62 24.52 31.71 -47.69
C GLN H 62 25.08 32.21 -49.00
N LYS H 63 24.56 33.33 -49.53
CA LYS H 63 25.13 33.93 -50.72
C LYS H 63 26.47 34.61 -50.40
N PHE H 64 26.63 35.14 -49.19
CA PHE H 64 27.77 35.98 -48.84
C PHE H 64 28.59 35.36 -47.71
N LYS H 65 28.75 34.04 -47.72
CA LYS H 65 29.42 33.39 -46.60
C LYS H 65 30.94 33.57 -46.65
N GLY H 66 31.53 33.42 -47.83
CA GLY H 66 32.97 33.48 -47.96
C GLY H 66 33.47 34.84 -48.42
N LYS H 67 32.70 35.90 -48.15
CA LYS H 67 33.08 37.23 -48.59
C LYS H 67 33.07 38.27 -47.47
N ALA H 68 32.27 38.04 -46.44
CA ALA H 68 32.06 39.04 -45.39
C ALA H 68 32.71 38.60 -44.09
N THR H 69 33.23 39.58 -43.35
CA THR H 69 33.80 39.36 -42.02
C THR H 69 33.25 40.42 -41.07
N MET H 70 32.61 39.98 -39.99
CA MET H 70 31.87 40.85 -39.09
C MET H 70 32.47 40.77 -37.69
N THR H 71 32.95 41.91 -37.19
CA THR H 71 33.55 41.99 -35.86
C THR H 71 32.91 43.13 -35.08
N VAL H 72 33.11 43.13 -33.77
CA VAL H 72 32.63 44.18 -32.89
C VAL H 72 33.79 44.82 -32.13
N ASP H 73 33.49 45.81 -31.31
CA ASP H 73 34.47 46.45 -30.43
C ASP H 73 33.68 46.94 -29.21
N LYS H 74 33.70 46.14 -28.14
CA LYS H 74 32.84 46.41 -26.99
C LYS H 74 33.29 47.60 -26.16
N SER H 75 34.54 48.04 -26.33
CA SER H 75 35.03 49.18 -25.56
C SER H 75 34.41 50.49 -26.07
N SER H 76 34.35 50.65 -27.39
CA SER H 76 33.87 51.89 -27.99
C SER H 76 32.49 51.76 -28.60
N SER H 77 31.86 50.58 -28.50
CA SER H 77 30.52 50.27 -29.04
C SER H 77 30.48 50.55 -30.55
N THR H 78 31.28 49.78 -31.29
CA THR H 78 31.46 49.98 -32.71
C THR H 78 31.64 48.63 -33.39
N ALA H 79 30.90 48.40 -34.46
CA ALA H 79 31.03 47.18 -35.24
C ALA H 79 31.73 47.47 -36.56
N TYR H 80 32.48 46.48 -37.03
CA TYR H 80 33.25 46.59 -38.27
C TYR H 80 32.77 45.51 -39.23
N MET H 81 32.75 45.86 -40.52
CA MET H 81 32.40 44.92 -41.58
C MET H 81 33.41 45.02 -42.71
N GLU H 82 34.01 43.89 -43.06
CA GLU H 82 34.98 43.82 -44.15
C GLU H 82 34.42 42.97 -45.28
N LEU H 83 34.49 43.49 -46.50
CA LEU H 83 34.16 42.75 -47.70
C LEU H 83 35.40 42.50 -48.53
N ALA H 84 35.54 41.28 -49.04
CA ALA H 84 36.69 40.90 -49.85
C ALA H 84 36.21 40.39 -51.20
N ARG H 85 37.13 40.44 -52.18
CA ARG H 85 36.91 40.06 -53.57
C ARG H 85 35.72 40.82 -54.18
N LEU H 86 35.84 42.14 -54.18
CA LEU H 86 34.77 43.00 -54.67
C LEU H 86 34.71 42.96 -56.19
N THR H 87 33.50 42.80 -56.73
CA THR H 87 33.29 42.80 -58.16
C THR H 87 32.47 44.04 -58.54
N SER H 88 32.06 44.10 -59.82
CA SER H 88 31.30 45.25 -60.31
C SER H 88 29.86 45.26 -59.80
N ASP H 89 29.37 44.15 -59.25
CA ASP H 89 28.00 44.05 -58.75
C ASP H 89 27.90 44.38 -57.27
N ASP H 90 28.83 45.18 -56.75
CA ASP H 90 28.86 45.54 -55.34
C ASP H 90 28.79 47.04 -55.11
N SER H 91 28.61 47.84 -56.17
CA SER H 91 28.43 49.28 -56.03
C SER H 91 27.04 49.56 -55.50
N ALA H 92 26.94 49.74 -54.18
CA ALA H 92 25.64 49.80 -53.54
C ALA H 92 25.69 50.74 -52.34
N ILE H 93 24.60 50.79 -51.59
CA ILE H 93 24.49 51.56 -50.35
C ILE H 93 24.40 50.56 -49.21
N TYR H 94 25.24 50.74 -48.19
CA TYR H 94 25.32 49.80 -47.08
C TYR H 94 24.75 50.43 -45.82
N TYR H 95 23.79 49.75 -45.21
CA TYR H 95 23.13 50.20 -43.99
C TYR H 95 23.45 49.26 -42.84
N CYS H 96 23.71 49.84 -41.68
CA CYS H 96 23.72 49.10 -40.42
C CYS H 96 22.43 49.43 -39.68
N ALA H 97 21.79 48.40 -39.13
CA ALA H 97 20.48 48.57 -38.52
C ALA H 97 20.42 47.77 -37.22
N SER H 98 20.18 48.46 -36.12
CA SER H 98 20.08 47.84 -34.81
C SER H 98 18.62 47.59 -34.45
N GLY H 99 18.35 46.42 -33.90
CA GLY H 99 17.01 46.06 -33.49
C GLY H 99 17.06 45.09 -32.33
N TYR H 100 16.00 45.10 -31.51
CA TYR H 100 15.93 44.19 -30.38
C TYR H 100 15.78 42.76 -30.88
N ASP H 101 16.44 41.83 -30.20
CA ASP H 101 16.51 40.45 -30.69
C ASP H 101 15.36 39.57 -30.20
N GLY H 102 14.21 40.16 -29.88
CA GLY H 102 13.03 39.41 -29.54
C GLY H 102 12.17 39.15 -30.75
N TYR H 103 11.01 38.56 -30.49
CA TYR H 103 10.13 38.04 -31.53
C TYR H 103 9.53 39.00 -32.57
N PRO H 104 9.49 40.33 -32.40
CA PRO H 104 9.33 41.14 -33.61
C PRO H 104 10.42 40.88 -34.64
N TYR H 105 11.69 40.78 -34.21
CA TYR H 105 12.85 40.58 -35.08
C TYR H 105 12.91 41.58 -36.21
N THR H 106 12.71 42.85 -35.86
CA THR H 106 12.63 43.91 -36.84
C THR H 106 13.69 44.95 -36.59
N MET H 107 14.07 45.64 -37.66
CA MET H 107 15.04 46.71 -37.58
C MET H 107 14.39 47.92 -36.93
N ASP H 108 14.64 48.11 -35.63
CA ASP H 108 14.01 49.23 -34.93
C ASP H 108 14.62 50.56 -35.34
N TYR H 109 15.93 50.60 -35.58
CA TYR H 109 16.61 51.85 -35.89
C TYR H 109 17.56 51.63 -37.05
N TRP H 110 17.75 52.67 -37.86
CA TRP H 110 18.52 52.59 -39.09
C TRP H 110 19.57 53.69 -39.14
N GLY H 111 20.67 53.40 -39.83
CA GLY H 111 21.75 54.35 -39.97
C GLY H 111 21.57 55.24 -41.19
N PRO H 112 22.50 56.17 -41.40
CA PRO H 112 22.39 57.05 -42.58
C PRO H 112 22.68 56.35 -43.89
N GLY H 113 23.69 55.48 -43.92
CA GLY H 113 23.99 54.73 -45.13
C GLY H 113 25.26 55.15 -45.84
N ALA H 114 26.31 54.33 -45.75
CA ALA H 114 27.52 54.61 -46.49
C ALA H 114 27.34 54.24 -47.96
N SER H 115 28.19 54.81 -48.81
CA SER H 115 28.13 54.58 -50.24
C SER H 115 29.47 54.01 -50.73
N VAL H 116 29.41 52.86 -51.38
CA VAL H 116 30.59 52.17 -51.88
C VAL H 116 30.45 52.08 -53.39
N THR H 117 31.43 52.61 -54.12
CA THR H 117 31.42 52.61 -55.58
C THR H 117 32.63 51.84 -56.08
N VAL H 118 32.38 50.77 -56.85
CA VAL H 118 33.45 49.95 -57.40
C VAL H 118 33.84 50.46 -58.78
N GLN I 1 14.55 31.57 -48.46
CA GLN I 1 14.08 30.52 -49.35
C GLN I 1 12.81 31.00 -50.03
N ILE I 2 11.99 31.71 -49.27
CA ILE I 2 10.74 32.26 -49.77
C ILE I 2 11.06 33.53 -50.56
N VAL I 3 10.56 33.62 -51.78
CA VAL I 3 10.76 34.80 -52.62
C VAL I 3 9.47 35.61 -52.60
N LEU I 4 9.59 36.89 -52.23
CA LEU I 4 8.46 37.79 -52.15
C LEU I 4 8.34 38.62 -53.42
N THR I 5 7.10 38.87 -53.85
CA THR I 5 6.82 39.64 -55.04
C THR I 5 5.64 40.54 -54.77
N GLN I 6 5.81 41.84 -55.00
CA GLN I 6 4.75 42.80 -54.76
C GLN I 6 4.01 43.13 -56.04
N SER I 7 2.83 43.73 -55.89
CA SER I 7 2.04 44.18 -57.03
C SER I 7 1.14 45.32 -56.56
N PRO I 8 1.12 46.46 -57.27
CA PRO I 8 1.95 46.77 -58.44
C PRO I 8 3.32 47.33 -58.06
N ALA I 9 4.08 47.79 -59.05
CA ALA I 9 5.42 48.31 -58.80
C ALA I 9 5.44 49.83 -58.64
N ILE I 10 4.86 50.55 -59.59
CA ILE I 10 4.68 51.99 -59.50
C ILE I 10 3.19 52.29 -59.56
N MET I 11 2.69 53.04 -58.58
CA MET I 11 1.29 53.41 -58.54
C MET I 11 1.15 54.80 -57.95
N SER I 12 -0.05 55.35 -58.09
CA SER I 12 -0.36 56.69 -57.60
C SER I 12 -1.86 56.78 -57.37
N ALA I 13 -2.25 57.69 -56.49
CA ALA I 13 -3.66 57.90 -56.18
C ALA I 13 -3.86 59.32 -55.67
N SER I 14 -5.05 59.85 -55.92
CA SER I 14 -5.41 61.16 -55.44
C SER I 14 -5.61 61.15 -53.93
N PRO I 15 -5.45 62.30 -53.26
CA PRO I 15 -5.74 62.36 -51.82
C PRO I 15 -7.23 62.19 -51.55
N GLY I 16 -7.55 61.24 -50.67
CA GLY I 16 -8.92 60.88 -50.40
C GLY I 16 -9.38 59.74 -51.29
N GLU I 17 -8.62 58.65 -51.31
CA GLU I 17 -8.89 57.54 -52.19
C GLU I 17 -8.30 56.28 -51.56
N LYS I 18 -9.01 55.16 -51.70
CA LYS I 18 -8.54 53.89 -51.17
C LYS I 18 -7.30 53.41 -51.92
N VAL I 19 -6.29 52.97 -51.19
CA VAL I 19 -5.03 52.48 -51.75
C VAL I 19 -4.78 51.09 -51.21
N THR I 20 -4.59 50.11 -52.11
CA THR I 20 -4.42 48.72 -51.73
C THR I 20 -3.13 48.19 -52.34
N MET I 21 -2.23 47.68 -51.51
CA MET I 21 -0.97 47.10 -51.95
C MET I 21 -0.91 45.64 -51.49
N THR I 22 -0.46 44.76 -52.37
CA THR I 22 -0.39 43.33 -52.07
C THR I 22 1.05 42.85 -52.05
N CYS I 23 1.36 41.98 -51.09
CA CYS I 23 2.64 41.29 -51.02
C CYS I 23 2.36 39.79 -51.01
N SER I 24 2.99 39.06 -51.94
CA SER I 24 2.73 37.65 -52.15
C SER I 24 3.99 36.82 -51.95
N ALA I 25 3.82 35.61 -51.43
CA ALA I 25 4.93 34.74 -51.09
C ALA I 25 4.90 33.48 -51.95
N SER I 26 6.02 32.78 -51.97
CA SER I 26 6.10 31.52 -52.71
C SER I 26 5.41 30.39 -51.95
N SER I 27 5.92 30.04 -50.77
CA SER I 27 5.28 29.09 -49.89
C SER I 27 4.51 29.84 -48.81
N SER I 28 3.97 29.11 -47.83
CA SER I 28 3.07 29.71 -46.86
C SER I 28 3.84 30.18 -45.64
N MET I 29 3.38 31.29 -45.07
CA MET I 29 3.88 31.83 -43.82
C MET I 29 2.72 32.43 -43.05
N THR I 30 3.02 32.99 -41.88
CA THR I 30 1.97 33.61 -41.07
C THR I 30 2.28 35.04 -40.67
N TYR I 31 3.53 35.36 -40.36
CA TYR I 31 3.90 36.67 -39.84
C TYR I 31 4.86 37.38 -40.78
N MET I 32 4.57 38.65 -41.08
CA MET I 32 5.34 39.40 -42.05
C MET I 32 5.28 40.87 -41.68
N HIS I 33 6.38 41.58 -41.94
CA HIS I 33 6.59 42.94 -41.45
C HIS I 33 6.66 43.92 -42.61
N TRP I 34 6.42 45.20 -42.31
CA TRP I 34 6.32 46.27 -43.30
C TRP I 34 7.15 47.47 -42.90
N TYR I 35 7.92 48.01 -43.85
CA TYR I 35 8.81 49.14 -43.61
C TYR I 35 8.50 50.27 -44.59
N GLN I 36 8.60 51.50 -44.10
CA GLN I 36 8.44 52.69 -44.91
C GLN I 36 9.77 53.38 -45.09
N GLN I 37 10.14 53.66 -46.34
CA GLN I 37 11.30 54.48 -46.67
C GLN I 37 10.85 55.67 -47.49
N LYS I 38 11.14 56.88 -47.01
CA LYS I 38 10.86 58.05 -47.82
C LYS I 38 12.05 58.33 -48.73
N SER I 39 11.97 59.41 -49.50
CA SER I 39 12.99 59.74 -50.48
C SER I 39 14.20 60.38 -49.79
N GLY I 40 15.37 59.77 -49.96
CA GLY I 40 16.60 60.34 -49.46
C GLY I 40 16.83 60.22 -47.98
N THR I 41 16.03 59.44 -47.26
CA THR I 41 16.21 59.22 -45.83
C THR I 41 16.34 57.73 -45.53
N SER I 42 16.42 57.40 -44.23
CA SER I 42 16.52 56.04 -43.74
C SER I 42 15.14 55.45 -43.48
N PRO I 43 14.96 54.14 -43.67
CA PRO I 43 13.64 53.53 -43.41
C PRO I 43 13.28 53.52 -41.94
N LYS I 44 11.98 53.34 -41.68
CA LYS I 44 11.45 53.19 -40.34
C LYS I 44 10.64 51.92 -40.22
N ARG I 45 10.60 51.35 -39.02
CA ARG I 45 9.70 50.23 -38.75
C ARG I 45 8.26 50.73 -38.75
N TRP I 46 7.40 50.06 -39.49
CA TRP I 46 6.08 50.63 -39.72
C TRP I 46 4.95 49.73 -39.25
N ILE I 47 4.95 48.45 -39.63
CA ILE I 47 3.97 47.47 -39.14
C ILE I 47 4.70 46.18 -38.82
N TYR I 48 4.46 45.63 -37.64
CA TYR I 48 5.01 44.33 -37.28
C TYR I 48 3.88 43.36 -36.95
N ASP I 49 4.18 42.06 -37.10
CA ASP I 49 3.26 40.94 -36.85
C ASP I 49 1.96 41.05 -37.64
N THR I 50 2.07 41.59 -38.87
CA THR I 50 1.10 41.57 -39.96
C THR I 50 -0.12 42.49 -39.72
N SER I 51 -0.33 42.94 -38.47
CA SER I 51 -1.46 43.83 -38.24
C SER I 51 -1.20 44.96 -37.26
N GLN I 52 -0.11 44.94 -36.51
CA GLN I 52 0.08 45.89 -35.43
C GLN I 52 0.85 47.11 -35.91
N LEU I 53 0.33 48.29 -35.58
CA LEU I 53 0.97 49.54 -35.94
C LEU I 53 2.16 49.80 -35.03
N ALA I 54 3.09 50.61 -35.52
CA ALA I 54 4.26 51.00 -34.74
C ALA I 54 3.91 52.19 -33.85
N SER I 55 4.94 52.82 -33.27
CA SER I 55 4.71 53.89 -32.31
C SER I 55 4.19 55.15 -32.97
N GLY I 56 4.94 55.71 -33.91
CA GLY I 56 4.55 56.93 -34.59
C GLY I 56 3.87 56.72 -35.92
N VAL I 57 2.76 55.99 -35.93
CA VAL I 57 2.02 55.68 -37.15
C VAL I 57 0.59 56.17 -36.95
N PRO I 58 0.04 56.96 -37.87
CA PRO I 58 -1.36 57.36 -37.77
C PRO I 58 -2.29 56.18 -38.03
N ALA I 59 -3.51 56.30 -37.50
CA ALA I 59 -4.44 55.18 -37.45
C ALA I 59 -5.26 55.03 -38.73
N ARG I 60 -4.76 55.54 -39.85
CA ARG I 60 -5.45 55.42 -41.12
C ARG I 60 -5.23 54.06 -41.78
N PHE I 61 -4.25 53.30 -41.32
CA PHE I 61 -3.73 52.16 -42.06
C PHE I 61 -4.26 50.87 -41.44
N ARG I 62 -4.18 49.80 -42.22
CA ARG I 62 -4.64 48.49 -41.78
C ARG I 62 -3.93 47.40 -42.55
N GLY I 63 -3.32 46.46 -41.84
CA GLY I 63 -2.70 45.29 -42.45
C GLY I 63 -3.53 44.06 -42.18
N SER I 64 -3.61 43.18 -43.18
CA SER I 64 -4.39 41.95 -43.06
C SER I 64 -3.90 40.93 -44.08
N GLY I 65 -3.98 39.67 -43.70
CA GLY I 65 -3.65 38.59 -44.62
C GLY I 65 -3.29 37.33 -43.88
N SER I 66 -3.09 36.27 -44.67
CA SER I 66 -2.75 34.95 -44.17
C SER I 66 -2.27 34.09 -45.34
N GLY I 67 -1.77 32.91 -45.01
CA GLY I 67 -1.34 31.94 -45.99
C GLY I 67 -0.16 32.38 -46.84
N THR I 68 -0.43 32.68 -48.12
CA THR I 68 0.60 33.20 -49.01
C THR I 68 0.22 34.54 -49.62
N SER I 69 -0.81 35.20 -49.10
CA SER I 69 -1.28 36.48 -49.62
C SER I 69 -1.43 37.46 -48.47
N PHE I 70 -0.80 38.62 -48.58
CA PHE I 70 -0.92 39.66 -47.55
C PHE I 70 -1.16 41.00 -48.23
N SER I 71 -1.75 41.92 -47.48
CA SER I 71 -2.15 43.20 -48.07
C SER I 71 -2.15 44.31 -47.05
N LEU I 72 -1.53 45.43 -47.41
CA LEU I 72 -1.65 46.69 -46.70
C LEU I 72 -2.72 47.53 -47.38
N THR I 73 -3.46 48.30 -46.58
CA THR I 73 -4.64 49.00 -47.06
C THR I 73 -4.68 50.39 -46.44
N ILE I 74 -4.85 51.42 -47.27
CA ILE I 74 -4.95 52.80 -46.82
C ILE I 74 -6.34 53.30 -47.17
N SER I 75 -7.07 53.77 -46.16
CA SER I 75 -8.39 54.32 -46.41
C SER I 75 -8.32 55.76 -46.92
N SER I 76 -7.72 56.65 -46.14
CA SER I 76 -7.64 58.08 -46.45
C SER I 76 -6.21 58.42 -46.85
N MET I 77 -5.98 58.60 -48.15
CA MET I 77 -4.68 59.04 -48.65
C MET I 77 -4.39 60.47 -48.19
N GLU I 78 -3.12 60.78 -47.99
CA GLU I 78 -2.70 62.12 -47.58
C GLU I 78 -1.40 62.45 -48.31
N ALA I 79 -1.09 63.74 -48.41
CA ALA I 79 0.09 64.21 -49.12
C ALA I 79 1.40 63.88 -48.40
N GLU I 80 1.36 63.60 -47.10
CA GLU I 80 2.55 63.22 -46.35
C GLU I 80 2.80 61.71 -46.35
N ASP I 81 2.20 60.99 -47.29
CA ASP I 81 2.26 59.54 -47.34
C ASP I 81 3.06 59.05 -48.55
N ALA I 82 3.64 59.95 -49.32
CA ALA I 82 4.44 59.56 -50.49
C ALA I 82 5.77 58.99 -50.05
N ALA I 83 5.93 57.68 -50.23
CA ALA I 83 7.11 56.96 -49.76
C ALA I 83 7.25 55.68 -50.57
N THR I 84 8.07 54.76 -50.07
CA THR I 84 8.28 53.46 -50.68
C THR I 84 8.08 52.41 -49.59
N TYR I 85 7.24 51.42 -49.86
CA TYR I 85 6.87 50.44 -48.86
C TYR I 85 7.45 49.07 -49.21
N TYR I 86 8.10 48.43 -48.23
CA TYR I 86 8.72 47.13 -48.40
C TYR I 86 8.09 46.12 -47.46
N CYS I 87 7.92 44.90 -47.95
CA CYS I 87 7.44 43.79 -47.13
C CYS I 87 8.57 42.80 -46.97
N GLN I 88 8.79 42.33 -45.74
CA GLN I 88 9.88 41.40 -45.49
C GLN I 88 9.47 40.33 -44.49
N GLN I 89 10.07 39.16 -44.67
CA GLN I 89 9.75 37.99 -43.87
C GLN I 89 11.03 37.40 -43.29
N TRP I 90 10.87 36.64 -42.22
CA TRP I 90 11.98 36.03 -41.52
C TRP I 90 11.67 34.60 -41.12
N SER I 91 10.50 34.08 -41.52
CA SER I 91 10.07 32.74 -41.14
C SER I 91 10.87 31.64 -41.82
N SER I 92 11.55 31.93 -42.92
CA SER I 92 12.39 30.94 -43.58
C SER I 92 13.76 31.54 -43.87
N ASN I 93 14.79 30.73 -43.66
CA ASN I 93 16.17 31.17 -43.82
C ASN I 93 16.47 31.33 -45.31
N PRO I 94 16.96 32.50 -45.77
CA PRO I 94 17.35 33.75 -45.12
C PRO I 94 16.34 34.90 -45.16
N LEU I 95 16.77 36.01 -44.57
CA LEU I 95 15.97 37.23 -44.51
C LEU I 95 15.81 37.84 -45.90
N THR I 96 14.58 37.91 -46.39
CA THR I 96 14.29 38.41 -47.74
C THR I 96 13.40 39.64 -47.66
N PHE I 97 13.69 40.63 -48.50
CA PHE I 97 12.87 41.82 -48.65
C PHE I 97 12.03 41.74 -49.91
N GLY I 98 11.00 42.59 -49.98
CA GLY I 98 10.16 42.70 -51.15
C GLY I 98 10.77 43.58 -52.22
N GLY I 99 10.02 43.73 -53.31
CA GLY I 99 10.49 44.59 -54.40
C GLY I 99 10.38 46.07 -54.08
N GLY I 100 9.26 46.48 -53.48
CA GLY I 100 9.10 47.86 -53.08
C GLY I 100 8.11 48.65 -53.90
N THR I 101 6.90 48.85 -53.35
CA THR I 101 5.86 49.59 -54.05
C THR I 101 6.04 51.09 -53.80
N LYS I 102 6.13 51.86 -54.88
CA LYS I 102 6.35 53.30 -54.79
C LYS I 102 5.00 54.00 -54.93
N LEU I 103 4.63 54.78 -53.91
CA LEU I 103 3.37 55.49 -53.86
C LEU I 103 3.61 56.98 -53.95
N GLU I 104 3.04 57.62 -54.97
CA GLU I 104 3.22 59.05 -55.19
C GLU I 104 1.86 59.63 -55.58
N LEU I 105 1.87 60.88 -56.03
CA LEU I 105 0.62 61.57 -56.37
C LEU I 105 0.49 61.78 -57.88
#